data_6MSU
#
_entry.id   6MSU
#
_cell.length_a   129.894
_cell.length_b   129.894
_cell.length_c   305.843
_cell.angle_alpha   90
_cell.angle_beta   90
_cell.angle_gamma   120
#
_symmetry.space_group_name_H-M   'P 32 2 1'
#
loop_
_entity.id
_entity.type
_entity.pdbx_description
1 polymer 'Integrin alpha-V'
2 polymer 'Integrin beta-3'
3 polymer 'Engineered EETI-II 2.5F'
4 branched alpha-D-mannopyranose-(1-3)-beta-D-mannopyranose-(1-4)-2-acetamido-2-deoxy-beta-D-glucopyranose-(1-4)-2-acetamido-2-deoxy-beta-D-glucopyranose
5 branched 2-acetamido-2-deoxy-beta-D-glucopyranose-(1-4)-2-acetamido-2-deoxy-beta-D-glucopyranose
6 branched alpha-D-mannopyranose-(1-4)-beta-D-mannopyranose-(1-6)-[alpha-D-mannopyranose-(1-3)]beta-D-mannopyranose-(1-4)-2-acetamido-2-deoxy-beta-D-glucopyranose-(1-4)-2-acetamido-2-deoxy-beta-D-glucopyranose
7 branched beta-D-mannopyranose-(1-4)-2-acetamido-2-deoxy-beta-D-glucopyranose-(1-4)-2-acetamido-2-deoxy-beta-D-glucopyranose
8 non-polymer 2-acetamido-2-deoxy-beta-D-glucopyranose
9 non-polymer 'MANGANESE (II) ION'
10 non-polymer 'CHLORIDE ION'
11 water water
#
loop_
_entity_poly.entity_id
_entity_poly.type
_entity_poly.pdbx_seq_one_letter_code
_entity_poly.pdbx_strand_id
1 'polypeptide(L)'
;FNLDVDSPAEYSGPEGSYFGFAVDFFVPSASSRMFLLVGAPKANTTQPGIVEGGQVLKCDWSSTRRCQPIEFDATGNRDY
AKDDPLEFKSHQWFGASVRSKQDKILACAPLYHWRTEMKQEREPVGTCFLQDGTKTVEYAPCRSQDIDADGQGFCQGGFS
IDFTKADRVLLGGPGSFYWQGQLISDQVAEIVSKYDPNVYSIKYNNQLATRTAQAIFDDSYLGYSVAVGDFNGDGIDDFV
SGVPRAARTLGMVYIYDGKNMSSLYNFTGEQMAAYFGFSVAATDINGDDYADVFIGAPLFMDRGSDGKLQEVGQVSVSLQ
RASGDFQTTKLNGFEVFARFGSAIAPLGDLDQDGFNDIAIAAPYGGEDKKGIVYIFNGRSTGLNAVPSQILEGQWAARSM
PPSFGYSMKGATDIDKNGYPDLIVGAFGVDRAILYRARPVITVNAGLEVYPSILNQDNKTCSLPGTALKVSCFNVRFCLK
ADGKGVLPRKLNFQVELLLDKLKQKGAIRRALFLYSRSPSHSKNMTISRGGLMQCEELIAYLRDESEFRDKLTPITIFME
YRLDYRTAADTTGLQPILNQFTPANISRQAHILLDCGEDNVCKPKLEVSVDSDQKKIYIGDDNPLTLIVKAQNQGEGAYE
AELIVSIPLQADFIGVVRNNEALARLSCAFKTENQTRQVVCDLGNPMKAGTQLLAGLRFSVHQQSEMDTSVKFDLQIQSS
NLFDKVSPVVSHKVDLAVLAAVEIRGVSSPDHVFLPIPNWEHKENPETEEDVGPVVQHIYELRNNGPSSFSKAMLHLQWP
YKYNNNTLLYILHYDIDGPMNCTSDMEINPLRIKISSLQTTEKNDTVAGQGERDHLITKRDLALSEGDIHTLGCGVAQCL
KIVCQVGRLDRGKSAILYVKSLLWTETFMNKENQNHSYSLKSSASFNVIEFPYKNLPIEDITNSTLVTTNVTWGIQPAPM
PVPVWVI
;
A
2 'polypeptide(L)'
;GPNICTTRGVSSCQQCLAVSPMCAWCSDEALPLGSPRCDLKENLLKDNCAPESIEFPVSEARVLEDRPLSDKGSGDSSQV
TQVSPQRIALRLRPDDSKNFSIQVRQVEDYPVDIYYLMDLSYSMKDDLWSIQNLGTKLATQMRKLTSNLRIGFGAFVDKP
VSPYMYISPPEALENPCYDMKTTCLPMFGYKHVLTLTDQVTRFNEEVKKQSVSRNRDAPEGGFDAIMQATVCDEKIGWRN
DASHLLVFTTDAKTHIALDGRLAGIVQPNDGQCHVGSDNHYSASTTMDYPSLGLMTEKLSQKNINLIFAVTENVVNLYQN
YSELIPGTTVGVLSMDSSNVLQLIVDAYGKIRSKVELEVRDLPEELSLSFNATCLNNEVIPGLKSCMGLKIGDTVSFSIE
AKVRGCPQEKEKSFTIKPVGFKDSLIVQVTFDCDCACQAQAEPNSHRCNNGNGTFECGVCRCGPGWLGSQCECSEEDYRP
SQQDECSPREGQPVCSQRGECLCGQCVCHSSDFGKITGKYCECDDFSCVRYKGEMCSGHGQCSCGDCLCDSDWTGYYCNC
TTRTDTCMSSNGLLCSGRGKCECGSCVCIQPGSYGDTCEKCPTCPDACTFKKECVECKKFDRGALHDENTCNRYCRDEIE
SVKELKDTGKDAVNCTYKNEDDCVVRFQYYEDSSGKSILYVVEEPECPKGPDILV
;
B
3 'polypeptide(L)' CPRPRGDNPPLTCKQDSDCLAGCVCGPNGFCG C
#
# COMPACT_ATOMS: atom_id res chain seq x y z
N PHE A 1 -7.82 23.65 -4.85
CA PHE A 1 -9.00 23.45 -5.68
C PHE A 1 -9.35 24.68 -6.51
N ASN A 2 -8.50 25.70 -6.44
CA ASN A 2 -8.79 27.01 -7.01
C ASN A 2 -7.85 27.43 -8.13
N LEU A 3 -7.08 26.52 -8.69
CA LEU A 3 -6.24 26.88 -9.81
C LEU A 3 -7.07 26.95 -11.09
N ASP A 4 -6.81 27.98 -11.89
CA ASP A 4 -7.56 28.18 -13.13
C ASP A 4 -6.99 27.28 -14.21
N VAL A 5 -7.70 26.20 -14.53
CA VAL A 5 -7.30 25.31 -15.61
C VAL A 5 -7.88 25.72 -16.95
N ASP A 6 -8.80 26.69 -16.97
CA ASP A 6 -9.49 27.04 -18.20
C ASP A 6 -8.55 27.63 -19.23
N SER A 7 -7.89 28.74 -18.90
CA SER A 7 -6.98 29.42 -19.81
C SER A 7 -5.70 29.79 -19.07
N PRO A 8 -4.74 28.89 -19.00
CA PRO A 8 -3.47 29.19 -18.35
C PRO A 8 -2.47 29.72 -19.39
N ALA A 9 -1.33 30.20 -18.89
CA ALA A 9 -0.30 30.80 -19.72
C ALA A 9 0.64 29.70 -20.22
N GLU A 10 0.71 29.54 -21.54
CA GLU A 10 1.57 28.54 -22.18
C GLU A 10 2.87 29.19 -22.61
N TYR A 11 3.99 28.58 -22.25
CA TYR A 11 5.32 29.01 -22.68
C TYR A 11 6.01 27.85 -23.39
N SER A 12 6.70 28.18 -24.48
CA SER A 12 7.31 27.17 -25.36
C SER A 12 8.74 27.55 -25.69
N GLY A 13 9.62 26.56 -25.65
CA GLY A 13 11.01 26.75 -26.00
C GLY A 13 11.41 25.98 -27.23
N PRO A 14 12.67 26.07 -27.62
CA PRO A 14 13.12 25.38 -28.83
C PRO A 14 12.98 23.87 -28.72
N GLU A 15 12.85 23.23 -29.88
CA GLU A 15 12.64 21.79 -29.92
C GLU A 15 13.89 21.05 -29.43
N GLY A 16 13.67 20.07 -28.55
CA GLY A 16 14.75 19.23 -28.06
C GLY A 16 15.67 19.87 -27.06
N SER A 17 15.26 20.99 -26.47
CA SER A 17 16.11 21.72 -25.53
C SER A 17 15.79 21.41 -24.08
N TYR A 18 14.85 20.49 -23.82
CA TYR A 18 14.36 20.18 -22.47
C TYR A 18 13.91 21.44 -21.75
N PHE A 19 13.45 22.41 -22.52
CA PHE A 19 12.79 23.58 -21.96
C PHE A 19 11.76 23.13 -20.92
N GLY A 20 11.92 23.59 -19.70
CA GLY A 20 11.01 23.22 -18.64
C GLY A 20 11.57 22.20 -17.69
N PHE A 21 12.81 21.77 -17.86
CA PHE A 21 13.44 20.86 -16.91
C PHE A 21 13.52 21.47 -15.52
N ALA A 22 13.58 22.79 -15.42
CA ALA A 22 13.61 23.46 -14.14
C ALA A 22 12.88 24.79 -14.27
N VAL A 23 12.08 25.11 -13.26
CA VAL A 23 11.29 26.33 -13.26
C VAL A 23 11.45 27.04 -11.94
N ASP A 24 11.31 28.36 -11.98
CA ASP A 24 11.26 29.15 -10.74
C ASP A 24 10.70 30.52 -11.09
N PHE A 25 10.37 31.29 -10.05
CA PHE A 25 9.92 32.66 -10.19
C PHE A 25 11.08 33.62 -10.00
N PHE A 26 11.02 34.74 -10.72
CA PHE A 26 11.97 35.84 -10.58
C PHE A 26 11.23 37.06 -10.08
N VAL A 27 11.48 37.45 -8.83
CA VAL A 27 10.74 38.58 -8.26
C VAL A 27 11.74 39.61 -7.74
N PRO A 28 12.30 40.45 -8.62
CA PRO A 28 13.37 41.37 -8.20
C PRO A 28 12.84 42.52 -7.37
N SER A 29 13.78 43.21 -6.74
CA SER A 29 13.48 44.38 -5.90
C SER A 29 13.41 45.68 -6.68
N ALA A 30 14.07 45.75 -7.83
CA ALA A 30 14.15 46.96 -8.65
C ALA A 30 12.99 47.11 -9.64
N SER A 31 11.96 46.28 -9.54
CA SER A 31 10.87 46.29 -10.51
C SER A 31 9.63 45.67 -9.88
N SER A 32 8.48 46.28 -10.14
CA SER A 32 7.22 45.75 -9.67
C SER A 32 6.70 44.64 -10.57
N ARG A 33 7.39 44.37 -11.68
CA ARG A 33 7.10 43.21 -12.50
C ARG A 33 7.64 41.93 -11.85
N MET A 34 7.16 40.79 -12.35
CA MET A 34 7.65 39.49 -11.94
C MET A 34 7.79 38.64 -13.21
N PHE A 35 8.67 37.64 -13.16
CA PHE A 35 9.04 36.90 -14.36
C PHE A 35 9.06 35.41 -14.07
N LEU A 36 9.16 34.62 -15.14
CA LEU A 36 9.38 33.19 -15.02
C LEU A 36 10.80 32.86 -15.46
N LEU A 37 11.44 31.96 -14.72
CA LEU A 37 12.72 31.39 -15.11
C LEU A 37 12.47 29.94 -15.53
N VAL A 38 12.89 29.59 -16.73
CA VAL A 38 12.72 28.23 -17.26
C VAL A 38 14.04 27.76 -17.85
N GLY A 39 14.64 26.73 -17.26
CA GLY A 39 15.90 26.21 -17.76
C GLY A 39 15.71 25.30 -18.97
N ALA A 40 16.64 25.42 -19.93
CA ALA A 40 16.65 24.60 -21.14
C ALA A 40 18.01 23.94 -21.27
N PRO A 41 18.29 22.93 -20.43
CA PRO A 41 19.66 22.42 -20.33
C PRO A 41 20.19 21.77 -21.60
N LYS A 42 19.36 21.60 -22.62
CA LYS A 42 19.80 21.02 -23.87
C LYS A 42 19.85 22.05 -24.99
N ALA A 43 19.47 23.29 -24.73
CA ALA A 43 19.38 24.31 -25.77
C ALA A 43 20.76 24.64 -26.33
N ASN A 44 20.78 25.05 -27.59
CA ASN A 44 22.00 25.52 -28.23
C ASN A 44 22.24 26.99 -27.91
N THR A 45 23.51 27.40 -28.01
CA THR A 45 23.92 28.75 -27.66
C THR A 45 24.86 29.29 -28.71
N THR A 46 25.15 30.59 -28.59
CA THR A 46 26.14 31.27 -29.42
C THR A 46 27.56 31.10 -28.91
N GLN A 47 27.75 30.30 -27.87
CA GLN A 47 29.07 30.07 -27.33
C GLN A 47 29.92 29.31 -28.35
N PRO A 48 31.06 29.85 -28.77
CA PRO A 48 31.81 29.23 -29.87
C PRO A 48 32.35 27.86 -29.50
N GLY A 49 32.19 26.91 -30.41
CA GLY A 49 32.62 25.54 -30.18
C GLY A 49 31.79 24.74 -29.20
N ILE A 50 30.65 25.26 -28.76
CA ILE A 50 29.85 24.65 -27.71
C ILE A 50 28.53 24.18 -28.30
N VAL A 51 28.38 22.87 -28.51
CA VAL A 51 27.11 22.29 -28.92
C VAL A 51 26.27 21.99 -27.69
N GLU A 52 25.01 22.41 -27.71
CA GLU A 52 24.06 22.19 -26.63
C GLU A 52 24.63 22.62 -25.28
N GLY A 53 24.90 23.92 -25.18
CA GLY A 53 25.36 24.45 -23.92
C GLY A 53 24.27 24.60 -22.89
N GLY A 54 23.06 24.90 -23.33
CA GLY A 54 21.98 25.10 -22.37
C GLY A 54 21.78 26.57 -22.03
N GLN A 55 20.52 26.92 -21.77
CA GLN A 55 20.14 28.29 -21.51
C GLN A 55 19.27 28.36 -20.26
N VAL A 56 19.13 29.56 -19.72
CA VAL A 56 18.10 29.91 -18.75
C VAL A 56 17.33 31.07 -19.34
N LEU A 57 16.02 30.94 -19.46
CA LEU A 57 15.22 31.92 -20.16
C LEU A 57 14.41 32.78 -19.18
N LYS A 58 14.28 34.06 -19.52
CA LYS A 58 13.48 35.01 -18.77
C LYS A 58 12.17 35.19 -19.55
N CYS A 59 11.06 34.75 -18.96
CA CYS A 59 9.77 34.75 -19.64
C CYS A 59 8.90 35.90 -19.12
N ASP A 60 8.47 36.76 -20.05
CA ASP A 60 7.65 37.91 -19.69
C ASP A 60 6.23 37.45 -19.45
N TRP A 61 5.59 38.05 -18.46
CA TRP A 61 4.18 37.81 -18.21
C TRP A 61 3.37 39.02 -18.68
N SER A 62 2.07 38.99 -18.41
CA SER A 62 1.12 40.09 -18.62
C SER A 62 0.81 40.30 -20.09
N SER A 63 1.58 39.68 -20.98
CA SER A 63 1.36 39.73 -22.42
C SER A 63 2.48 38.96 -23.11
N THR A 64 2.19 38.52 -24.34
CA THR A 64 3.16 38.16 -25.36
C THR A 64 3.91 36.86 -25.04
N ARG A 65 3.80 36.38 -23.81
CA ARG A 65 4.41 35.12 -23.36
C ARG A 65 5.80 34.88 -23.97
N ARG A 66 6.66 35.91 -23.91
CA ARG A 66 7.95 35.89 -24.60
C ARG A 66 9.09 35.58 -23.63
N CYS A 67 9.98 34.67 -24.05
CA CYS A 67 11.06 34.16 -23.23
C CYS A 67 12.35 34.54 -23.93
N GLN A 68 13.27 35.23 -23.23
CA GLN A 68 14.48 35.67 -23.87
C GLN A 68 15.56 34.95 -23.07
N PRO A 69 16.65 34.41 -23.63
CA PRO A 69 17.66 33.86 -22.73
C PRO A 69 18.32 34.92 -21.85
N ILE A 70 18.70 34.49 -20.64
CA ILE A 70 19.64 35.24 -19.78
C ILE A 70 21.05 34.75 -20.07
N GLU A 71 21.89 35.62 -20.64
CA GLU A 71 23.26 35.21 -20.99
C GLU A 71 24.14 35.36 -19.76
N PHE A 72 24.59 34.22 -19.23
CA PHE A 72 25.48 34.20 -18.08
C PHE A 72 26.94 34.16 -18.50
N ASP A 73 27.28 33.40 -19.57
CA ASP A 73 28.67 33.17 -19.92
C ASP A 73 29.06 33.76 -21.27
N ALA A 74 28.43 33.34 -22.36
CA ALA A 74 28.76 33.80 -23.71
C ALA A 74 30.16 33.41 -24.14
N THR A 75 30.93 32.79 -23.24
CA THR A 75 32.33 32.45 -23.47
C THR A 75 32.46 30.98 -23.83
N GLY A 76 33.33 30.68 -24.78
CA GLY A 76 33.64 29.31 -25.12
C GLY A 76 34.55 28.65 -24.10
N ASN A 77 35.23 27.60 -24.54
CA ASN A 77 36.09 26.81 -23.67
C ASN A 77 37.42 27.51 -23.47
N ARG A 78 37.73 27.85 -22.21
CA ARG A 78 39.05 28.37 -21.88
C ARG A 78 40.15 27.35 -22.19
N ASP A 79 41.40 27.80 -22.14
CA ASP A 79 42.52 26.98 -22.54
C ASP A 79 43.52 26.81 -21.41
N TYR A 80 44.09 25.62 -21.35
CA TYR A 80 45.21 25.30 -20.46
C TYR A 80 46.54 25.46 -21.20
N ALA A 81 46.54 25.23 -22.50
CA ALA A 81 47.70 25.40 -23.36
C ALA A 81 47.18 25.74 -24.74
N LYS A 82 48.04 25.59 -25.76
CA LYS A 82 47.69 26.03 -27.11
C LYS A 82 46.51 25.22 -27.65
N ASP A 83 46.63 23.90 -27.69
CA ASP A 83 45.56 23.03 -28.15
C ASP A 83 45.00 22.16 -27.03
N ASP A 84 45.29 22.51 -25.77
CA ASP A 84 44.87 21.74 -24.60
C ASP A 84 43.84 22.55 -23.83
N PRO A 85 42.55 22.42 -24.16
CA PRO A 85 41.52 23.16 -23.42
C PRO A 85 41.42 22.70 -21.98
N LEU A 86 41.02 23.63 -21.12
CA LEU A 86 40.90 23.38 -19.69
C LEU A 86 39.50 22.91 -19.30
N GLU A 87 38.48 23.31 -20.06
CA GLU A 87 37.10 23.02 -19.74
C GLU A 87 36.36 22.61 -21.01
N PHE A 88 35.23 21.93 -20.81
CA PHE A 88 34.40 21.43 -21.91
C PHE A 88 32.94 21.75 -21.59
N LYS A 89 32.37 22.74 -22.27
CA LYS A 89 31.03 23.20 -21.96
C LYS A 89 29.96 22.56 -22.84
N SER A 90 30.35 21.88 -23.94
CA SER A 90 29.37 21.17 -24.73
C SER A 90 28.69 20.07 -23.90
N HIS A 91 27.36 20.04 -23.96
CA HIS A 91 26.56 19.03 -23.25
C HIS A 91 26.74 19.14 -21.74
N GLN A 92 26.89 20.37 -21.25
CA GLN A 92 27.10 20.61 -19.83
C GLN A 92 25.80 20.78 -19.06
N TRP A 93 24.65 20.77 -19.73
CA TRP A 93 23.35 20.89 -19.09
C TRP A 93 23.27 22.11 -18.21
N PHE A 94 23.68 23.25 -18.75
CA PHE A 94 23.49 24.50 -18.02
C PHE A 94 22.01 24.86 -17.99
N GLY A 95 21.44 24.96 -16.79
CA GLY A 95 20.03 25.16 -16.63
C GLY A 95 19.29 23.98 -16.04
N ALA A 96 19.98 22.88 -15.72
CA ALA A 96 19.34 21.75 -15.06
C ALA A 96 18.84 22.12 -13.68
N SER A 97 19.32 23.22 -13.10
CA SER A 97 18.78 23.75 -11.88
C SER A 97 18.83 25.27 -11.97
N VAL A 98 17.74 25.91 -11.55
CA VAL A 98 17.63 27.35 -11.50
C VAL A 98 16.99 27.73 -10.18
N ARG A 99 17.57 28.70 -9.49
CA ARG A 99 17.00 29.19 -8.25
C ARG A 99 17.14 30.71 -8.23
N SER A 100 16.25 31.35 -7.48
CA SER A 100 16.27 32.80 -7.38
C SER A 100 15.93 33.22 -5.96
N LYS A 101 16.80 34.05 -5.40
CA LYS A 101 16.45 34.96 -4.31
C LYS A 101 16.51 36.37 -4.88
N GLN A 102 15.92 37.33 -4.16
CA GLN A 102 15.22 38.44 -4.79
C GLN A 102 15.85 38.92 -6.09
N ASP A 103 17.08 39.39 -6.05
CA ASP A 103 17.73 39.82 -7.28
C ASP A 103 18.74 38.81 -7.80
N LYS A 104 19.08 37.81 -7.00
CA LYS A 104 20.08 36.81 -7.37
C LYS A 104 19.46 35.72 -8.22
N ILE A 105 20.16 35.32 -9.26
CA ILE A 105 19.77 34.17 -10.08
C ILE A 105 20.93 33.19 -10.12
N LEU A 106 20.74 32.03 -9.50
CA LEU A 106 21.73 30.96 -9.50
C LEU A 106 21.31 29.88 -10.50
N ALA A 107 22.17 29.61 -11.48
CA ALA A 107 21.96 28.51 -12.40
C ALA A 107 23.23 27.67 -12.47
N CYS A 108 23.07 26.38 -12.74
CA CYS A 108 24.19 25.45 -12.67
C CYS A 108 24.21 24.55 -13.90
N ALA A 109 25.37 23.91 -14.10
CA ALA A 109 25.62 23.04 -15.25
C ALA A 109 26.27 21.76 -14.71
N PRO A 110 25.46 20.79 -14.25
CA PRO A 110 26.04 19.65 -13.53
C PRO A 110 26.86 18.73 -14.40
N LEU A 111 26.74 18.79 -15.71
CA LEU A 111 27.56 17.94 -16.58
C LEU A 111 28.78 18.67 -17.11
N TYR A 112 29.06 19.88 -16.63
CA TYR A 112 30.25 20.65 -17.01
C TYR A 112 31.51 19.85 -16.72
N HIS A 113 32.23 19.46 -17.76
CA HIS A 113 33.44 18.69 -17.61
C HIS A 113 34.67 19.60 -17.55
N TRP A 114 35.71 19.12 -16.87
CA TRP A 114 36.88 19.93 -16.58
C TRP A 114 38.13 19.08 -16.72
N ARG A 115 39.07 19.52 -17.55
CA ARG A 115 40.42 18.97 -17.49
C ARG A 115 41.05 19.42 -16.18
N THR A 116 41.74 18.51 -15.51
CA THR A 116 42.43 18.98 -14.33
C THR A 116 43.63 19.83 -14.74
N GLU A 117 44.21 20.54 -13.78
CA GLU A 117 45.50 21.17 -14.01
C GLU A 117 46.68 20.25 -13.69
N MET A 118 46.44 18.96 -13.53
CA MET A 118 47.49 18.01 -13.20
C MET A 118 47.76 17.01 -14.32
N LYS A 119 46.72 16.39 -14.86
CA LYS A 119 46.84 15.48 -15.99
C LYS A 119 45.65 15.68 -16.91
N GLN A 120 45.83 15.32 -18.17
CA GLN A 120 44.75 15.48 -19.15
C GLN A 120 43.59 14.56 -18.81
N GLU A 121 42.44 15.14 -18.45
CA GLU A 121 41.26 14.39 -18.06
C GLU A 121 40.02 15.12 -18.55
N ARG A 122 38.85 14.55 -18.25
CA ARG A 122 37.55 15.21 -18.48
C ARG A 122 36.68 14.86 -17.29
N GLU A 123 36.69 15.71 -16.28
CA GLU A 123 35.99 15.40 -15.06
C GLU A 123 34.77 16.30 -14.87
N PRO A 124 33.61 15.72 -14.61
CA PRO A 124 32.39 16.54 -14.48
C PRO A 124 32.25 17.08 -13.06
N VAL A 125 33.09 18.06 -12.74
CA VAL A 125 32.94 18.74 -11.46
C VAL A 125 31.67 19.57 -11.45
N GLY A 126 31.24 20.04 -12.61
CA GLY A 126 30.10 20.92 -12.72
C GLY A 126 30.41 22.32 -12.22
N THR A 127 29.61 23.27 -12.68
CA THR A 127 29.80 24.66 -12.32
C THR A 127 28.45 25.31 -12.04
N CYS A 128 28.50 26.53 -11.52
CA CYS A 128 27.31 27.36 -11.37
C CYS A 128 27.68 28.78 -11.75
N PHE A 129 26.65 29.56 -12.07
CA PHE A 129 26.80 30.99 -12.32
C PHE A 129 25.78 31.73 -11.48
N LEU A 130 26.21 32.80 -10.82
CA LEU A 130 25.34 33.60 -9.96
C LEU A 130 25.26 35.01 -10.53
N GLN A 131 24.10 35.38 -11.07
CA GLN A 131 23.90 36.69 -11.67
C GLN A 131 23.11 37.59 -10.73
N ASP A 132 23.56 38.84 -10.59
CA ASP A 132 22.92 39.83 -9.73
C ASP A 132 22.84 41.14 -10.52
N GLY A 133 21.79 41.28 -11.31
CA GLY A 133 21.65 42.42 -12.20
C GLY A 133 22.55 42.29 -13.41
N THR A 134 23.63 43.07 -13.44
CA THR A 134 24.64 42.98 -14.48
C THR A 134 25.87 42.19 -14.06
N LYS A 135 26.17 42.15 -12.75
CA LYS A 135 27.36 41.44 -12.26
C LYS A 135 27.14 39.94 -12.33
N THR A 136 28.12 39.22 -12.84
CA THR A 136 28.02 37.78 -13.04
C THR A 136 29.33 37.11 -12.60
N VAL A 137 29.23 36.21 -11.63
CA VAL A 137 30.37 35.46 -11.11
C VAL A 137 30.19 33.98 -11.41
N GLU A 138 31.28 33.23 -11.28
CA GLU A 138 31.28 31.78 -11.48
C GLU A 138 31.48 31.09 -10.14
N TYR A 139 30.59 30.16 -9.82
CA TYR A 139 30.62 29.39 -8.57
C TYR A 139 30.80 27.92 -8.92
N ALA A 140 31.94 27.35 -8.55
CA ALA A 140 32.27 25.95 -8.88
C ALA A 140 33.02 25.35 -7.70
N PRO A 141 32.35 25.23 -6.55
CA PRO A 141 33.06 24.76 -5.34
C PRO A 141 33.60 23.35 -5.48
N CYS A 142 33.13 22.56 -6.44
CA CYS A 142 33.70 21.24 -6.63
C CYS A 142 34.92 21.25 -7.53
N ARG A 143 35.12 22.30 -8.31
CA ARG A 143 36.28 22.42 -9.17
C ARG A 143 37.45 22.92 -8.33
N SER A 144 38.17 21.98 -7.72
CA SER A 144 39.25 22.31 -6.80
C SER A 144 40.43 21.42 -7.16
N GLN A 145 41.41 21.34 -6.25
CA GLN A 145 42.55 20.48 -6.45
C GLN A 145 42.40 19.13 -5.74
N ASP A 146 41.19 18.80 -5.27
CA ASP A 146 40.85 17.48 -4.77
C ASP A 146 40.11 16.75 -5.89
N ILE A 147 40.83 15.93 -6.65
CA ILE A 147 40.29 15.44 -7.92
C ILE A 147 40.12 13.92 -7.95
N ASP A 148 39.63 13.39 -9.08
CA ASP A 148 39.74 11.99 -9.48
C ASP A 148 38.83 11.01 -8.77
N ALA A 149 37.69 11.48 -8.26
CA ALA A 149 36.64 10.59 -7.71
C ALA A 149 37.06 9.90 -6.43
N ASP A 150 38.34 10.02 -6.05
CA ASP A 150 38.71 9.86 -4.66
C ASP A 150 38.27 11.11 -3.90
N GLY A 151 38.23 12.24 -4.59
CA GLY A 151 37.69 13.49 -4.12
C GLY A 151 36.61 13.99 -5.07
N GLN A 152 36.64 15.30 -5.33
CA GLN A 152 35.55 16.00 -5.98
C GLN A 152 35.64 15.95 -7.50
N GLY A 153 36.36 14.99 -8.06
CA GLY A 153 36.52 14.96 -9.50
C GLY A 153 35.21 14.82 -10.26
N PHE A 154 34.28 14.06 -9.69
CA PHE A 154 33.03 13.76 -10.39
C PHE A 154 31.82 14.34 -9.65
N CYS A 155 32.09 15.36 -8.83
CA CYS A 155 31.09 16.06 -8.03
C CYS A 155 29.75 16.27 -8.71
N GLN A 156 29.78 16.71 -9.95
CA GLN A 156 28.60 17.23 -10.63
C GLN A 156 27.87 18.20 -9.70
N GLY A 157 28.61 19.20 -9.24
CA GLY A 157 28.05 20.14 -8.29
C GLY A 157 27.07 21.09 -8.96
N GLY A 158 25.97 21.37 -8.27
CA GLY A 158 24.85 22.06 -8.85
C GLY A 158 23.74 21.16 -9.36
N PHE A 159 23.93 19.85 -9.29
CA PHE A 159 22.82 18.92 -9.54
C PHE A 159 21.56 19.33 -8.77
N SER A 160 21.72 19.95 -7.61
CA SER A 160 20.61 20.49 -6.84
C SER A 160 21.09 21.70 -6.05
N ILE A 161 20.28 22.76 -6.00
CA ILE A 161 20.67 24.02 -5.35
C ILE A 161 19.47 24.63 -4.66
N ASP A 162 19.75 25.59 -3.78
CA ASP A 162 18.72 26.26 -3.00
C ASP A 162 19.35 27.42 -2.23
N PHE A 163 18.50 28.37 -1.81
CA PHE A 163 18.91 29.52 -1.01
C PHE A 163 18.28 29.43 0.38
N THR A 164 18.94 30.04 1.37
CA THR A 164 18.38 30.16 2.71
C THR A 164 17.93 31.60 2.95
N LYS A 165 17.35 31.83 4.13
CA LYS A 165 16.87 33.18 4.48
C LYS A 165 18.00 34.20 4.44
N ALA A 166 19.18 33.84 4.95
CA ALA A 166 20.28 34.77 5.17
C ALA A 166 21.21 34.89 3.97
N ASP A 167 20.70 34.68 2.75
CA ASP A 167 21.49 34.72 1.52
C ASP A 167 22.69 33.79 1.61
N ARG A 168 22.39 32.52 1.85
CA ARG A 168 23.40 31.47 1.83
C ARG A 168 22.97 30.41 0.82
N VAL A 169 23.88 30.07 -0.09
CA VAL A 169 23.61 29.08 -1.12
C VAL A 169 23.85 27.70 -0.55
N LEU A 170 22.92 26.77 -0.84
CA LEU A 170 23.13 25.35 -0.58
C LEU A 170 23.27 24.61 -1.90
N LEU A 171 24.32 23.81 -2.03
CA LEU A 171 24.64 23.14 -3.28
C LEU A 171 24.89 21.67 -3.01
N GLY A 172 24.36 20.81 -3.87
CA GLY A 172 24.55 19.37 -3.74
C GLY A 172 25.26 18.78 -4.93
N GLY A 173 26.28 17.96 -4.69
CA GLY A 173 27.00 17.27 -5.74
C GLY A 173 27.11 15.79 -5.41
N PRO A 174 26.47 14.94 -6.22
CA PRO A 174 26.35 13.53 -5.84
C PRO A 174 27.56 12.67 -6.19
N GLY A 175 28.52 13.17 -6.95
CA GLY A 175 29.63 12.33 -7.35
C GLY A 175 30.87 12.39 -6.49
N SER A 176 30.87 13.18 -5.43
CA SER A 176 32.09 13.36 -4.64
C SER A 176 32.44 12.10 -3.85
N PHE A 177 33.74 11.80 -3.81
CA PHE A 177 34.28 10.68 -3.03
C PHE A 177 33.63 9.37 -3.46
N TYR A 178 33.88 8.99 -4.71
CA TYR A 178 33.35 7.76 -5.30
C TYR A 178 31.83 7.71 -5.17
N TRP A 179 31.20 8.83 -5.54
CA TRP A 179 29.74 8.97 -5.55
C TRP A 179 29.13 8.81 -4.17
N GLN A 180 29.90 9.06 -3.12
CA GLN A 180 29.30 9.20 -1.80
C GLN A 180 28.32 10.36 -1.76
N GLY A 181 28.57 11.41 -2.53
CA GLY A 181 27.78 12.61 -2.49
C GLY A 181 28.34 13.64 -1.50
N GLN A 182 28.03 14.90 -1.77
CA GLN A 182 28.58 15.98 -0.96
C GLN A 182 27.60 17.13 -0.93
N LEU A 183 27.60 17.87 0.18
CA LEU A 183 26.90 19.14 0.29
C LEU A 183 27.92 20.25 0.51
N ILE A 184 27.66 21.41 -0.09
CA ILE A 184 28.53 22.58 0.01
C ILE A 184 27.66 23.81 0.17
N SER A 185 28.01 24.68 1.10
CA SER A 185 27.24 25.88 1.38
C SER A 185 28.16 27.09 1.49
N ASP A 186 27.75 28.21 0.92
CA ASP A 186 28.57 29.42 0.92
C ASP A 186 27.69 30.65 1.10
N GLN A 187 28.27 31.68 1.69
CA GLN A 187 27.62 32.98 1.75
C GLN A 187 27.63 33.60 0.35
N VAL A 188 26.49 34.19 -0.03
CA VAL A 188 26.40 34.77 -1.37
C VAL A 188 27.42 35.88 -1.53
N ALA A 189 27.63 36.66 -0.46
CA ALA A 189 28.61 37.73 -0.50
C ALA A 189 30.01 37.18 -0.72
N GLU A 190 30.36 36.13 0.02
CA GLU A 190 31.66 35.49 -0.18
C GLU A 190 31.82 34.96 -1.60
N ILE A 191 30.70 34.62 -2.26
CA ILE A 191 30.80 34.11 -3.63
C ILE A 191 31.15 35.23 -4.59
N VAL A 192 30.55 36.40 -4.42
CA VAL A 192 30.78 37.51 -5.33
C VAL A 192 32.01 38.33 -4.97
N SER A 193 32.32 38.47 -3.68
CA SER A 193 33.49 39.25 -3.28
C SER A 193 34.78 38.54 -3.65
N LYS A 194 34.79 37.21 -3.55
CA LYS A 194 35.99 36.41 -3.74
C LYS A 194 36.17 35.94 -5.18
N TYR A 195 35.33 36.38 -6.12
CA TYR A 195 35.46 35.91 -7.49
C TYR A 195 36.68 36.52 -8.17
N ASP A 196 37.39 35.70 -8.93
CA ASP A 196 38.61 36.07 -9.64
C ASP A 196 38.71 35.27 -10.94
N PRO A 197 38.48 35.88 -12.11
CA PRO A 197 38.45 35.10 -13.36
C PRO A 197 39.78 34.42 -13.70
N ASN A 198 40.88 34.80 -13.06
CA ASN A 198 42.18 34.17 -13.30
C ASN A 198 42.47 33.07 -12.29
N VAL A 199 41.52 32.76 -11.40
CA VAL A 199 41.67 31.71 -10.41
C VAL A 199 40.56 30.69 -10.62
N TYR A 200 40.95 29.42 -10.81
CA TYR A 200 39.97 28.40 -11.11
C TYR A 200 39.43 27.70 -9.87
N SER A 201 40.24 27.55 -8.82
CA SER A 201 39.81 26.92 -7.58
C SER A 201 39.88 27.97 -6.48
N ILE A 202 38.73 28.46 -6.04
CA ILE A 202 38.63 29.64 -5.19
C ILE A 202 38.31 29.22 -3.76
N LYS A 203 39.15 29.65 -2.82
CA LYS A 203 38.88 29.46 -1.40
C LYS A 203 37.82 30.45 -0.95
N TYR A 204 36.72 29.94 -0.41
CA TYR A 204 35.67 30.79 0.16
C TYR A 204 35.72 30.65 1.68
N ASN A 205 35.92 31.77 2.37
CA ASN A 205 35.85 31.74 3.83
C ASN A 205 34.42 31.49 4.28
N ASN A 206 34.29 31.02 5.52
CA ASN A 206 32.98 30.71 6.13
C ASN A 206 32.21 29.68 5.30
N GLN A 207 32.92 28.74 4.68
CA GLN A 207 32.25 27.69 3.92
C GLN A 207 31.88 26.53 4.84
N LEU A 208 30.74 25.93 4.54
CA LEU A 208 30.34 24.66 5.14
C LEU A 208 30.39 23.57 4.08
N ALA A 209 30.75 22.36 4.48
CA ALA A 209 30.83 21.25 3.52
C ALA A 209 30.95 19.94 4.28
N THR A 210 30.36 18.89 3.71
CA THR A 210 30.59 17.56 4.22
C THR A 210 31.95 17.05 3.73
N ARG A 211 32.47 16.03 4.41
CA ARG A 211 33.75 15.45 4.12
C ARG A 211 33.57 14.04 3.55
N THR A 212 34.66 13.49 3.01
CA THR A 212 34.66 12.09 2.61
C THR A 212 34.48 11.20 3.83
N ALA A 213 33.84 10.06 3.63
CA ALA A 213 33.63 9.09 4.70
C ALA A 213 34.22 7.75 4.28
N GLN A 214 33.97 6.73 5.10
CA GLN A 214 34.47 5.38 4.81
C GLN A 214 33.87 4.88 3.50
N ALA A 215 34.62 4.00 2.82
CA ALA A 215 34.22 3.53 1.48
C ALA A 215 32.91 2.76 1.49
N ILE A 216 32.38 2.43 2.68
CA ILE A 216 31.10 1.75 2.76
C ILE A 216 29.98 2.64 2.24
N PHE A 217 30.11 3.96 2.42
CA PHE A 217 29.12 4.91 1.98
C PHE A 217 29.22 5.25 0.49
N ASP A 218 30.12 4.60 -0.25
CA ASP A 218 30.24 4.86 -1.68
C ASP A 218 28.91 4.68 -2.40
N ASP A 219 28.74 5.41 -3.50
CA ASP A 219 27.61 5.25 -4.41
C ASP A 219 26.28 5.48 -3.68
N SER A 220 26.23 6.54 -2.90
CA SER A 220 25.01 6.90 -2.17
C SER A 220 24.27 8.07 -2.81
N TYR A 221 24.99 8.93 -3.53
CA TYR A 221 24.40 10.03 -4.29
C TYR A 221 23.79 11.08 -3.36
N LEU A 222 24.49 11.44 -2.30
CA LEU A 222 24.09 12.59 -1.49
C LEU A 222 24.10 13.86 -2.33
N GLY A 223 23.08 14.70 -2.17
CA GLY A 223 22.93 15.90 -2.98
C GLY A 223 22.09 15.74 -4.24
N TYR A 224 21.45 14.59 -4.42
CA TYR A 224 20.48 14.43 -5.51
C TYR A 224 19.38 15.49 -5.40
N SER A 225 18.97 15.80 -4.18
CA SER A 225 17.92 16.78 -3.93
C SER A 225 18.26 17.54 -2.67
N VAL A 226 17.83 18.80 -2.61
CA VAL A 226 18.05 19.65 -1.44
C VAL A 226 16.82 20.50 -1.19
N ALA A 227 16.53 20.73 0.09
CA ALA A 227 15.57 21.72 0.54
C ALA A 227 16.07 22.27 1.87
N VAL A 228 15.53 23.42 2.27
CA VAL A 228 16.04 24.11 3.46
C VAL A 228 14.87 24.46 4.37
N GLY A 229 15.18 24.54 5.66
CA GLY A 229 14.21 24.88 6.69
C GLY A 229 14.92 24.75 8.02
N ASP A 230 14.31 25.30 9.07
CA ASP A 230 14.92 25.19 10.38
C ASP A 230 14.22 24.10 11.18
N PHE A 231 15.01 23.21 11.79
CA PHE A 231 14.49 22.08 12.51
C PHE A 231 14.91 21.98 13.96
N ASN A 232 15.82 22.82 14.46
CA ASN A 232 16.30 22.65 15.83
C ASN A 232 15.84 23.77 16.76
N GLY A 233 16.42 24.97 16.67
CA GLY A 233 16.00 26.00 17.60
C GLY A 233 15.93 27.43 17.10
N ASP A 234 16.74 27.76 16.10
CA ASP A 234 17.00 29.14 15.72
C ASP A 234 16.19 29.52 14.50
N GLY A 235 16.50 30.68 13.94
CA GLY A 235 15.96 31.06 12.65
C GLY A 235 16.83 30.66 11.49
N ILE A 236 18.03 30.15 11.79
CA ILE A 236 19.05 29.88 10.78
C ILE A 236 18.70 28.57 10.08
N ASP A 237 18.27 28.66 8.82
CA ASP A 237 17.80 27.49 8.07
C ASP A 237 18.85 26.38 8.06
N ASP A 238 18.40 25.17 8.36
CA ASP A 238 19.23 23.97 8.34
C ASP A 238 19.06 23.23 7.02
N PHE A 239 19.97 22.31 6.73
CA PHE A 239 20.13 21.72 5.40
C PHE A 239 19.52 20.33 5.31
N VAL A 240 18.72 20.10 4.27
CA VAL A 240 18.07 18.82 4.02
C VAL A 240 18.50 18.31 2.64
N SER A 241 18.78 17.01 2.55
CA SER A 241 19.20 16.45 1.27
C SER A 241 18.76 15.01 1.13
N GLY A 242 18.46 14.63 -0.11
CA GLY A 242 18.05 13.28 -0.43
C GLY A 242 19.24 12.47 -0.90
N VAL A 243 19.39 11.28 -0.33
CA VAL A 243 20.47 10.39 -0.72
C VAL A 243 19.85 9.03 -1.02
N PRO A 244 19.44 8.79 -2.27
CA PRO A 244 18.51 7.69 -2.56
C PRO A 244 19.14 6.33 -2.84
N ARG A 245 20.46 6.23 -2.95
CA ARG A 245 21.14 4.96 -3.03
C ARG A 245 21.78 4.57 -1.70
N ALA A 246 21.61 5.38 -0.67
CA ALA A 246 22.19 5.05 0.62
C ALA A 246 21.53 3.82 1.20
N ALA A 247 22.11 3.33 2.30
CA ALA A 247 21.54 2.26 3.09
C ALA A 247 21.13 1.08 2.22
N ARG A 248 22.04 0.70 1.32
CA ARG A 248 21.84 -0.45 0.43
C ARG A 248 20.63 -0.24 -0.47
N THR A 249 20.61 0.92 -1.15
CA THR A 249 19.52 1.40 -2.00
C THR A 249 18.17 1.39 -1.30
N LEU A 250 18.15 1.34 0.05
CA LEU A 250 16.93 1.71 0.76
C LEU A 250 16.59 3.17 0.52
N GLY A 251 17.60 4.00 0.42
CA GLY A 251 17.47 5.44 0.41
C GLY A 251 17.49 6.02 1.81
N MET A 252 17.92 7.27 1.90
CA MET A 252 18.00 7.96 3.17
C MET A 252 17.84 9.45 2.89
N VAL A 253 17.66 10.22 3.96
CA VAL A 253 17.55 11.67 3.88
C VAL A 253 18.36 12.26 5.03
N TYR A 254 19.40 13.02 4.71
CA TYR A 254 20.25 13.64 5.72
C TYR A 254 19.76 15.05 6.00
N ILE A 255 19.74 15.42 7.29
CA ILE A 255 19.52 16.81 7.71
C ILE A 255 20.76 17.28 8.47
N TYR A 256 21.36 18.36 8.01
CA TYR A 256 22.51 18.97 8.65
C TYR A 256 22.13 20.34 9.22
N ASP A 257 22.81 20.72 10.29
CA ASP A 257 22.64 22.04 10.86
C ASP A 257 23.10 23.12 9.89
N GLY A 258 22.40 24.26 9.92
CA GLY A 258 22.75 25.39 9.06
C GLY A 258 23.94 26.21 9.52
N LYS A 259 24.37 26.05 10.77
CA LYS A 259 25.45 26.86 11.33
C LYS A 259 26.82 26.20 11.18
N ASN A 260 26.92 24.87 11.34
CA ASN A 260 28.22 24.22 11.24
C ASN A 260 28.21 22.88 10.54
N MET A 261 27.14 22.52 9.81
CA MET A 261 27.11 21.34 8.93
C MET A 261 27.35 20.03 9.71
N SER A 262 26.59 19.86 10.79
CA SER A 262 26.66 18.65 11.60
C SER A 262 25.37 17.86 11.48
N SER A 263 25.49 16.53 11.58
CA SER A 263 24.32 15.66 11.41
C SER A 263 23.25 16.00 12.46
N LEU A 264 22.00 16.10 12.01
CA LEU A 264 20.90 16.51 12.88
C LEU A 264 19.89 15.38 13.00
N TYR A 265 19.30 14.95 11.90
CA TYR A 265 18.28 13.92 11.85
C TYR A 265 18.50 13.07 10.60
N ASN A 266 17.90 11.88 10.60
CA ASN A 266 18.01 10.92 9.51
C ASN A 266 16.66 10.29 9.24
N PHE A 267 16.36 10.09 7.96
CA PHE A 267 15.21 9.32 7.52
C PHE A 267 15.70 8.20 6.61
N THR A 268 15.16 6.99 6.79
CA THR A 268 15.59 5.84 6.01
C THR A 268 14.40 5.25 5.26
N GLY A 269 14.65 4.82 4.01
CA GLY A 269 13.58 4.24 3.22
C GLY A 269 13.11 2.91 3.78
N GLU A 270 11.92 2.51 3.33
CA GLU A 270 11.33 1.24 3.75
C GLU A 270 11.53 0.11 2.75
N GLN A 271 11.82 0.42 1.50
CA GLN A 271 11.89 -0.60 0.46
C GLN A 271 13.02 -0.27 -0.50
N MET A 272 13.84 -1.27 -0.81
CA MET A 272 15.00 -1.06 -1.65
C MET A 272 14.60 -0.67 -3.07
N ALA A 273 15.52 0.05 -3.72
CA ALA A 273 15.43 0.47 -5.12
C ALA A 273 14.31 1.48 -5.34
N ALA A 274 13.56 1.81 -4.29
CA ALA A 274 12.42 2.72 -4.44
C ALA A 274 12.83 4.16 -4.75
N TYR A 275 14.12 4.51 -4.62
CA TYR A 275 14.58 5.90 -4.69
C TYR A 275 13.90 6.81 -3.68
N PHE A 276 13.96 6.41 -2.43
CA PHE A 276 13.60 7.30 -1.33
C PHE A 276 14.58 8.45 -1.28
N GLY A 277 14.09 9.68 -1.43
CA GLY A 277 14.94 10.85 -1.50
C GLY A 277 15.25 11.34 -2.90
N PHE A 278 14.51 10.88 -3.91
CA PHE A 278 14.63 11.48 -5.23
C PHE A 278 14.27 12.95 -5.18
N SER A 279 13.38 13.35 -4.28
CA SER A 279 13.04 14.76 -4.11
C SER A 279 12.65 15.01 -2.67
N VAL A 280 12.90 16.23 -2.20
CA VAL A 280 12.54 16.65 -0.86
C VAL A 280 11.95 18.05 -0.89
N ALA A 281 11.23 18.38 0.17
CA ALA A 281 10.58 19.67 0.28
C ALA A 281 10.42 20.03 1.74
N ALA A 282 10.61 21.31 2.07
CA ALA A 282 10.43 21.79 3.43
C ALA A 282 9.37 22.87 3.43
N THR A 283 8.34 22.69 4.24
CA THR A 283 7.28 23.68 4.39
C THR A 283 6.48 23.31 5.63
N ASP A 284 5.81 24.31 6.21
CA ASP A 284 4.96 24.10 7.37
C ASP A 284 3.53 23.90 6.91
N ILE A 285 3.01 22.70 7.08
CA ILE A 285 1.72 22.33 6.51
C ILE A 285 0.61 22.42 7.55
N ASN A 286 0.95 22.28 8.84
CA ASN A 286 -0.04 22.32 9.90
C ASN A 286 -0.12 23.68 10.60
N GLY A 287 0.46 24.72 9.99
CA GLY A 287 0.42 26.07 10.56
C GLY A 287 0.98 26.22 11.96
N ASP A 288 1.89 25.34 12.38
CA ASP A 288 2.46 25.37 13.72
C ASP A 288 3.81 26.09 13.77
N ASP A 289 4.15 26.85 12.72
CA ASP A 289 5.40 27.61 12.65
C ASP A 289 6.64 26.73 12.67
N TYR A 290 6.45 25.41 12.67
CA TYR A 290 7.53 24.43 12.59
C TYR A 290 7.54 23.81 11.19
N ALA A 291 8.70 23.86 10.53
CA ALA A 291 8.79 23.34 9.18
C ALA A 291 8.75 21.82 9.18
N ASP A 292 8.08 21.25 8.17
CA ASP A 292 7.84 19.82 8.06
C ASP A 292 8.48 19.26 6.78
N VAL A 293 8.88 17.99 6.83
CA VAL A 293 9.70 17.37 5.79
C VAL A 293 8.81 16.52 4.89
N PHE A 294 9.04 16.63 3.58
CA PHE A 294 8.36 15.83 2.57
C PHE A 294 9.40 15.10 1.74
N ILE A 295 9.27 13.78 1.63
CA ILE A 295 10.25 12.94 0.94
C ILE A 295 9.52 12.07 -0.07
N GLY A 296 9.97 12.09 -1.32
CA GLY A 296 9.33 11.36 -2.40
C GLY A 296 10.13 10.13 -2.77
N ALA A 297 9.42 9.00 -2.93
CA ALA A 297 10.01 7.73 -3.37
C ALA A 297 9.27 7.30 -4.63
N PRO A 298 9.63 7.86 -5.78
CA PRO A 298 8.78 7.71 -6.97
C PRO A 298 8.62 6.28 -7.45
N LEU A 299 9.54 5.39 -7.11
CA LEU A 299 9.49 4.02 -7.59
C LEU A 299 9.01 3.04 -6.53
N PHE A 300 8.35 3.54 -5.48
CA PHE A 300 7.92 2.68 -4.39
C PHE A 300 6.90 1.68 -4.88
N MET A 301 6.99 0.46 -4.36
CA MET A 301 6.11 -0.65 -4.71
C MET A 301 5.28 -0.96 -3.48
N ASP A 302 3.97 -0.75 -3.57
CA ASP A 302 3.06 -1.11 -2.49
C ASP A 302 2.26 -2.34 -2.90
N ARG A 303 1.28 -2.70 -2.08
CA ARG A 303 0.46 -3.89 -2.29
C ARG A 303 -0.86 -3.47 -2.92
N GLY A 304 -1.17 -4.03 -4.09
CA GLY A 304 -2.47 -3.83 -4.69
C GLY A 304 -3.55 -4.57 -3.94
N SER A 305 -4.79 -4.39 -4.43
CA SER A 305 -5.94 -5.08 -3.82
C SER A 305 -5.72 -6.58 -3.75
N ASP A 306 -5.09 -7.16 -4.78
CA ASP A 306 -4.80 -8.59 -4.77
C ASP A 306 -3.64 -8.94 -3.84
N GLY A 307 -2.74 -7.99 -3.61
CA GLY A 307 -1.57 -8.22 -2.78
C GLY A 307 -0.27 -8.25 -3.55
N LYS A 308 -0.30 -8.05 -4.86
CA LYS A 308 0.92 -8.03 -5.64
C LYS A 308 1.59 -6.67 -5.55
N LEU A 309 2.92 -6.68 -5.58
CA LEU A 309 3.67 -5.45 -5.67
C LEU A 309 3.30 -4.70 -6.95
N GLN A 310 3.13 -3.39 -6.84
CA GLN A 310 2.92 -2.53 -7.99
C GLN A 310 3.65 -1.22 -7.76
N GLU A 311 4.31 -0.73 -8.81
CA GLU A 311 5.08 0.52 -8.72
C GLU A 311 4.11 1.69 -8.77
N VAL A 312 3.83 2.30 -7.62
CA VAL A 312 2.96 3.47 -7.57
C VAL A 312 3.63 4.70 -7.00
N GLY A 313 4.78 4.56 -6.35
CA GLY A 313 5.46 5.70 -5.76
C GLY A 313 4.79 6.11 -4.47
N GLN A 314 5.59 6.62 -3.53
CA GLN A 314 5.10 6.97 -2.20
C GLN A 314 5.82 8.22 -1.71
N VAL A 315 5.06 9.16 -1.15
CA VAL A 315 5.59 10.38 -0.56
C VAL A 315 5.49 10.28 0.96
N SER A 316 6.60 10.51 1.64
CA SER A 316 6.65 10.51 3.09
C SER A 316 6.36 11.91 3.60
N VAL A 317 5.49 12.02 4.61
CA VAL A 317 5.10 13.31 5.18
C VAL A 317 5.43 13.29 6.67
N SER A 318 6.45 14.06 7.06
CA SER A 318 6.94 14.05 8.43
C SER A 318 6.72 15.43 9.04
N LEU A 319 5.93 15.48 10.11
CA LEU A 319 5.60 16.74 10.79
C LEU A 319 6.55 16.96 11.95
N GLN A 320 7.15 18.16 12.00
CA GLN A 320 8.06 18.48 13.10
C GLN A 320 7.29 18.87 14.35
N ARG A 321 7.69 18.30 15.48
CA ARG A 321 7.17 18.69 16.78
C ARG A 321 8.28 19.36 17.58
N ALA A 322 7.86 20.14 18.59
CA ALA A 322 8.83 20.89 19.37
C ALA A 322 9.79 19.96 20.10
N SER A 323 9.34 18.74 20.43
CA SER A 323 10.19 17.78 21.12
C SER A 323 11.42 17.39 20.31
N GLY A 324 11.41 17.63 19.00
CA GLY A 324 12.46 17.20 18.11
C GLY A 324 12.11 15.99 17.27
N ASP A 325 11.17 15.17 17.73
CA ASP A 325 10.80 13.94 17.02
C ASP A 325 9.98 14.27 15.79
N PHE A 326 9.44 13.24 15.15
CA PHE A 326 8.65 13.44 13.95
C PHE A 326 7.46 12.50 13.95
N GLN A 327 6.30 13.04 13.57
CA GLN A 327 5.12 12.25 13.25
C GLN A 327 5.08 12.08 11.73
N THR A 328 5.38 10.87 11.26
CA THR A 328 5.51 10.58 9.84
C THR A 328 4.35 9.69 9.40
N THR A 329 3.59 10.18 8.43
CA THR A 329 2.60 9.37 7.73
C THR A 329 3.08 9.13 6.30
N LYS A 330 2.34 8.32 5.55
CA LYS A 330 2.74 8.00 4.20
C LYS A 330 1.56 8.16 3.26
N LEU A 331 1.86 8.30 1.97
CA LEU A 331 0.86 8.72 1.00
C LEU A 331 1.21 8.09 -0.35
N ASN A 332 0.51 7.03 -0.72
CA ASN A 332 0.85 6.28 -1.93
C ASN A 332 0.20 6.90 -3.15
N GLY A 333 0.81 6.61 -4.30
CA GLY A 333 0.30 7.06 -5.59
C GLY A 333 -1.00 6.36 -5.96
N PHE A 334 -1.49 6.70 -7.16
CA PHE A 334 -2.79 6.24 -7.61
C PHE A 334 -2.78 5.48 -8.93
N GLU A 335 -1.76 5.66 -9.78
CA GLU A 335 -1.67 4.98 -11.05
C GLU A 335 -0.32 4.27 -11.17
N VAL A 336 -0.33 3.10 -11.80
CA VAL A 336 0.89 2.31 -11.90
C VAL A 336 1.85 2.98 -12.87
N PHE A 337 3.15 2.95 -12.53
CA PHE A 337 4.22 3.49 -13.35
C PHE A 337 4.11 5.00 -13.56
N ALA A 338 3.32 5.67 -12.73
CA ALA A 338 3.15 7.11 -12.85
C ALA A 338 4.27 7.89 -12.18
N ARG A 339 5.05 7.25 -11.30
CA ARG A 339 6.17 7.89 -10.59
C ARG A 339 5.65 9.08 -9.77
N PHE A 340 4.85 8.73 -8.78
CA PHE A 340 4.04 9.72 -8.08
C PHE A 340 4.87 10.66 -7.21
N GLY A 341 6.00 10.22 -6.69
CA GLY A 341 6.75 11.14 -5.83
C GLY A 341 7.87 11.92 -6.50
N SER A 342 7.74 12.20 -7.81
CA SER A 342 8.86 12.73 -8.56
C SER A 342 9.20 14.15 -8.15
N ALA A 343 8.24 15.06 -8.20
CA ALA A 343 8.46 16.44 -7.80
C ALA A 343 7.51 16.79 -6.66
N ILE A 344 8.03 17.51 -5.67
CA ILE A 344 7.22 18.03 -4.57
C ILE A 344 7.45 19.52 -4.49
N ALA A 345 6.38 20.31 -4.58
CA ALA A 345 6.50 21.77 -4.64
C ALA A 345 5.56 22.43 -3.65
N PRO A 346 6.07 23.09 -2.61
CA PRO A 346 5.19 23.88 -1.74
C PRO A 346 4.58 25.04 -2.51
N LEU A 347 3.30 25.31 -2.22
CA LEU A 347 2.54 26.34 -2.88
C LEU A 347 2.25 27.53 -1.98
N GLY A 348 2.73 27.52 -0.75
CA GLY A 348 2.23 28.48 0.20
C GLY A 348 0.80 28.14 0.55
N ASP A 349 -0.04 29.15 0.68
CA ASP A 349 -1.47 28.96 0.94
C ASP A 349 -2.24 29.27 -0.34
N LEU A 350 -2.50 28.23 -1.13
CA LEU A 350 -3.24 28.41 -2.38
C LEU A 350 -4.66 28.87 -2.12
N ASP A 351 -5.25 28.49 -0.98
CA ASP A 351 -6.62 28.81 -0.62
C ASP A 351 -6.72 30.01 0.34
N GLN A 352 -5.60 30.46 0.91
CA GLN A 352 -5.60 31.49 1.95
C GLN A 352 -6.49 31.08 3.13
N ASP A 353 -6.48 29.79 3.47
CA ASP A 353 -7.24 29.28 4.62
C ASP A 353 -6.49 29.40 5.94
N GLY A 354 -5.20 29.74 5.92
CA GLY A 354 -4.37 29.80 7.10
C GLY A 354 -3.39 28.65 7.28
N PHE A 355 -3.47 27.63 6.42
CA PHE A 355 -2.58 26.47 6.47
C PHE A 355 -1.98 26.25 5.10
N ASN A 356 -0.64 26.13 5.03
CA ASN A 356 0.06 26.03 3.74
C ASN A 356 -0.30 24.74 3.01
N ASP A 357 -0.14 24.79 1.69
CA ASP A 357 -0.53 23.72 0.79
C ASP A 357 0.65 23.28 -0.06
N ILE A 358 0.54 22.07 -0.62
CA ILE A 358 1.64 21.43 -1.34
C ILE A 358 1.10 20.77 -2.61
N ALA A 359 2.01 20.53 -3.56
CA ALA A 359 1.63 19.90 -4.82
C ALA A 359 2.62 18.79 -5.10
N ILE A 360 2.08 17.61 -5.44
CA ILE A 360 2.87 16.40 -5.76
C ILE A 360 2.53 15.96 -7.18
N ALA A 361 3.51 15.47 -7.91
CA ALA A 361 3.37 15.29 -9.33
C ALA A 361 3.74 13.87 -9.75
N ALA A 362 3.02 13.37 -10.76
CA ALA A 362 3.23 12.05 -11.34
C ALA A 362 3.46 12.21 -12.84
N PRO A 363 4.68 12.55 -13.25
CA PRO A 363 4.89 13.03 -14.63
C PRO A 363 4.54 12.03 -15.70
N TYR A 364 4.48 10.75 -15.37
CA TYR A 364 4.21 9.73 -16.37
C TYR A 364 2.83 9.09 -16.20
N GLY A 365 1.96 9.73 -15.43
CA GLY A 365 0.62 9.23 -15.23
C GLY A 365 -0.38 9.86 -16.17
N GLY A 366 -1.66 9.67 -15.83
CA GLY A 366 -2.76 10.23 -16.60
C GLY A 366 -3.10 9.45 -17.84
N GLU A 367 -3.91 10.09 -18.68
CA GLU A 367 -4.24 9.55 -19.98
C GLU A 367 -3.07 9.72 -20.93
N ASP A 368 -2.85 8.72 -21.78
CA ASP A 368 -1.79 8.73 -22.79
C ASP A 368 -0.42 9.02 -22.18
N LYS A 369 -0.29 8.85 -20.86
CA LYS A 369 0.99 9.07 -20.15
C LYS A 369 1.46 10.51 -20.35
N LYS A 370 0.56 11.47 -20.05
CA LYS A 370 0.84 12.88 -20.28
C LYS A 370 1.03 13.68 -19.00
N GLY A 371 1.03 13.03 -17.85
CA GLY A 371 1.42 13.71 -16.63
C GLY A 371 0.27 14.27 -15.82
N ILE A 372 0.35 14.12 -14.51
CA ILE A 372 -0.70 14.57 -13.60
C ILE A 372 -0.03 15.34 -12.47
N VAL A 373 -0.74 16.32 -11.93
CA VAL A 373 -0.28 17.02 -10.74
C VAL A 373 -1.44 17.03 -9.74
N TYR A 374 -1.22 16.48 -8.55
CA TYR A 374 -2.18 16.50 -7.48
C TYR A 374 -1.79 17.57 -6.48
N ILE A 375 -2.76 18.35 -6.02
CA ILE A 375 -2.52 19.34 -4.98
C ILE A 375 -3.23 18.89 -3.71
N PHE A 376 -2.58 19.07 -2.57
CA PHE A 376 -3.08 18.60 -1.28
C PHE A 376 -3.14 19.79 -0.32
N ASN A 377 -4.30 20.01 0.28
CA ASN A 377 -4.45 21.15 1.19
C ASN A 377 -4.06 20.75 2.61
N GLY A 378 -3.25 21.59 3.25
CA GLY A 378 -2.92 21.38 4.64
C GLY A 378 -4.01 21.88 5.57
N ARG A 379 -4.10 21.22 6.73
CA ARG A 379 -5.02 21.61 7.78
C ARG A 379 -4.29 21.48 9.10
N SER A 380 -4.98 21.78 10.20
CA SER A 380 -4.32 21.68 11.50
C SER A 380 -3.88 20.25 11.79
N THR A 381 -4.65 19.26 11.33
CA THR A 381 -4.36 17.85 11.58
C THR A 381 -3.12 17.33 10.85
N GLY A 382 -2.49 18.16 10.00
CA GLY A 382 -1.43 17.71 9.12
C GLY A 382 -1.79 17.97 7.67
N LEU A 383 -1.40 17.05 6.79
CA LEU A 383 -1.79 17.12 5.40
C LEU A 383 -3.04 16.30 5.17
N ASN A 384 -3.98 16.84 4.40
CA ASN A 384 -5.13 16.07 3.96
C ASN A 384 -4.70 15.18 2.80
N ALA A 385 -4.80 13.86 2.99
CA ALA A 385 -4.28 12.90 2.02
C ALA A 385 -5.16 12.79 0.77
N VAL A 386 -6.35 13.38 0.78
CA VAL A 386 -7.26 13.33 -0.37
C VAL A 386 -7.03 14.58 -1.21
N PRO A 387 -6.52 14.47 -2.43
CA PRO A 387 -6.36 15.65 -3.28
C PRO A 387 -7.66 16.42 -3.45
N SER A 388 -7.55 17.74 -3.56
CA SER A 388 -8.71 18.58 -3.83
C SER A 388 -8.75 19.09 -5.26
N GLN A 389 -7.65 19.00 -5.99
CA GLN A 389 -7.65 19.35 -7.39
C GLN A 389 -6.63 18.48 -8.10
N ILE A 390 -6.85 18.27 -9.41
CA ILE A 390 -5.99 17.42 -10.22
C ILE A 390 -5.72 18.14 -11.54
N LEU A 391 -4.45 18.40 -11.83
CA LEU A 391 -4.03 19.08 -13.05
C LEU A 391 -3.55 18.02 -14.04
N GLU A 392 -4.12 18.01 -15.24
CA GLU A 392 -3.84 17.00 -16.25
C GLU A 392 -3.05 17.64 -17.38
N GLY A 393 -1.92 17.01 -17.74
CA GLY A 393 -1.14 17.52 -18.85
C GLY A 393 -1.93 17.47 -20.14
N GLN A 394 -1.71 18.48 -20.99
CA GLN A 394 -2.48 18.63 -22.23
C GLN A 394 -1.69 18.31 -23.49
N TRP A 395 -0.42 17.93 -23.37
CA TRP A 395 0.47 17.83 -24.52
C TRP A 395 0.90 16.39 -24.73
N ALA A 396 0.78 15.91 -25.96
CA ALA A 396 1.09 14.52 -26.27
C ALA A 396 2.53 14.36 -26.73
N ALA A 397 3.04 13.13 -26.56
CA ALA A 397 4.45 12.85 -26.79
C ALA A 397 4.84 13.08 -28.24
N ARG A 398 6.04 13.65 -28.42
CA ARG A 398 6.69 13.69 -29.73
C ARG A 398 7.62 12.48 -29.92
N SER A 399 8.63 12.36 -29.08
CA SER A 399 9.55 11.23 -29.06
C SER A 399 9.72 10.63 -27.68
N MET A 400 9.75 11.46 -26.64
CA MET A 400 9.87 11.01 -25.26
C MET A 400 8.71 11.56 -24.45
N PRO A 401 8.36 10.90 -23.34
CA PRO A 401 7.15 11.27 -22.61
C PRO A 401 7.19 12.72 -22.16
N PRO A 402 6.16 13.50 -22.51
CA PRO A 402 6.08 14.86 -21.96
C PRO A 402 6.03 14.74 -20.46
N SER A 403 7.08 15.16 -19.77
CA SER A 403 7.19 14.85 -18.35
C SER A 403 6.57 16.00 -17.56
N PHE A 404 5.26 16.12 -17.74
CA PHE A 404 4.50 17.20 -17.14
C PHE A 404 4.46 17.01 -15.63
N GLY A 405 5.01 17.97 -14.88
CA GLY A 405 5.14 17.82 -13.45
C GLY A 405 6.52 17.38 -12.99
N TYR A 406 7.44 17.09 -13.92
CA TYR A 406 8.79 16.74 -13.52
C TYR A 406 9.48 17.88 -12.78
N SER A 407 9.05 19.12 -13.02
CA SER A 407 9.59 20.29 -12.35
C SER A 407 8.42 21.20 -12.03
N MET A 408 8.40 21.74 -10.82
CA MET A 408 7.31 22.61 -10.37
C MET A 408 7.89 23.64 -9.43
N LYS A 409 7.30 24.83 -9.46
CA LYS A 409 7.60 25.88 -8.48
C LYS A 409 6.31 26.58 -8.11
N GLY A 410 6.15 26.88 -6.83
CA GLY A 410 5.01 27.63 -6.34
C GLY A 410 5.36 28.72 -5.35
N ALA A 411 4.38 29.15 -4.54
CA ALA A 411 4.53 30.08 -3.43
C ALA A 411 4.81 31.52 -3.86
N THR A 412 4.48 31.90 -5.09
CA THR A 412 4.71 33.25 -5.59
C THR A 412 3.45 33.75 -6.27
N ASP A 413 2.95 34.92 -5.83
CA ASP A 413 1.72 35.52 -6.36
C ASP A 413 2.08 36.38 -7.56
N ILE A 414 2.08 35.79 -8.76
CA ILE A 414 2.55 36.53 -9.92
C ILE A 414 1.53 37.58 -10.40
N ASP A 415 0.24 37.34 -10.22
CA ASP A 415 -0.79 38.27 -10.67
C ASP A 415 -1.22 39.28 -9.59
N LYS A 416 -0.56 39.25 -8.42
CA LYS A 416 -0.88 40.15 -7.31
C LYS A 416 -2.36 40.09 -6.94
N ASN A 417 -2.98 38.92 -7.11
CA ASN A 417 -4.40 38.73 -6.83
C ASN A 417 -4.66 38.31 -5.38
N GLY A 418 -3.62 38.14 -4.57
CA GLY A 418 -3.77 37.71 -3.19
C GLY A 418 -3.60 36.23 -2.98
N TYR A 419 -3.54 35.44 -4.06
CA TYR A 419 -3.38 33.99 -3.97
C TYR A 419 -2.20 33.56 -4.82
N PRO A 420 -1.28 32.77 -4.27
CA PRO A 420 -0.08 32.37 -5.02
C PRO A 420 -0.42 31.45 -6.18
N ASP A 421 0.54 31.27 -7.08
CA ASP A 421 0.33 30.61 -8.35
C ASP A 421 1.37 29.50 -8.53
N LEU A 422 1.37 28.85 -9.70
CA LEU A 422 2.04 27.57 -9.83
C LEU A 422 2.57 27.39 -11.25
N ILE A 423 3.88 27.15 -11.36
CA ILE A 423 4.51 26.83 -12.63
C ILE A 423 4.70 25.32 -12.69
N VAL A 424 4.47 24.74 -13.86
CA VAL A 424 4.68 23.32 -14.09
C VAL A 424 5.37 23.18 -15.42
N GLY A 425 6.39 22.33 -15.48
CA GLY A 425 7.20 22.17 -16.67
C GLY A 425 7.07 20.76 -17.23
N ALA A 426 7.20 20.65 -18.54
CA ALA A 426 7.15 19.35 -19.23
C ALA A 426 8.27 19.36 -20.27
N PHE A 427 9.46 18.94 -19.86
CA PHE A 427 10.60 19.03 -20.76
C PHE A 427 10.51 18.07 -21.93
N GLY A 428 9.60 17.09 -21.87
CA GLY A 428 9.40 16.21 -23.01
C GLY A 428 8.83 16.92 -24.21
N VAL A 429 8.08 18.00 -23.99
CA VAL A 429 7.49 18.79 -25.06
C VAL A 429 8.08 20.20 -25.14
N ASP A 430 9.06 20.52 -24.30
CA ASP A 430 9.70 21.85 -24.28
C ASP A 430 8.69 22.95 -23.99
N ARG A 431 7.95 22.77 -22.89
CA ARG A 431 6.92 23.71 -22.52
C ARG A 431 6.91 23.90 -21.01
N ALA A 432 6.28 24.99 -20.58
CA ALA A 432 6.11 25.30 -19.18
C ALA A 432 4.79 26.03 -19.02
N ILE A 433 3.98 25.61 -18.06
CA ILE A 433 2.62 26.10 -17.90
C ILE A 433 2.51 26.81 -16.56
N LEU A 434 1.80 27.93 -16.56
CA LEU A 434 1.58 28.72 -15.36
C LEU A 434 0.10 28.72 -15.03
N TYR A 435 -0.25 28.16 -13.87
CA TYR A 435 -1.63 28.16 -13.40
C TYR A 435 -1.81 29.27 -12.38
N ARG A 436 -2.91 29.99 -12.50
CA ARG A 436 -3.21 31.11 -11.61
C ARG A 436 -4.31 30.71 -10.64
N ALA A 437 -4.12 31.07 -9.37
CA ALA A 437 -5.11 30.74 -8.35
C ALA A 437 -6.37 31.57 -8.54
N ARG A 438 -7.39 31.27 -7.74
CA ARG A 438 -8.66 31.95 -7.86
C ARG A 438 -9.08 32.53 -6.52
N PRO A 439 -9.86 33.60 -6.53
CA PRO A 439 -10.32 34.22 -5.28
C PRO A 439 -11.44 33.44 -4.59
N VAL A 440 -11.09 32.51 -3.71
CA VAL A 440 -12.09 31.72 -2.99
C VAL A 440 -13.05 32.61 -2.22
N ILE A 441 -14.36 32.39 -2.43
CA ILE A 441 -15.44 33.10 -1.77
C ILE A 441 -16.16 32.14 -0.84
N THR A 442 -16.31 32.51 0.42
CA THR A 442 -17.13 31.75 1.36
C THR A 442 -18.46 32.48 1.53
N VAL A 443 -19.56 31.76 1.26
CA VAL A 443 -20.90 32.33 1.25
C VAL A 443 -21.77 31.59 2.26
N ASN A 444 -22.44 32.35 3.12
CA ASN A 444 -23.39 31.80 4.08
C ASN A 444 -24.80 32.25 3.67
N ALA A 445 -25.72 31.30 3.60
CA ALA A 445 -27.09 31.57 3.18
C ALA A 445 -28.05 31.31 4.33
N GLY A 446 -29.23 31.91 4.23
CA GLY A 446 -30.29 31.69 5.19
C GLY A 446 -31.60 31.41 4.48
N LEU A 447 -32.58 30.93 5.26
CA LEU A 447 -33.92 30.70 4.74
C LEU A 447 -34.89 30.75 5.91
N GLU A 448 -35.76 31.74 5.91
CA GLU A 448 -36.76 31.93 6.96
C GLU A 448 -38.14 31.75 6.33
N VAL A 449 -38.90 30.78 6.81
CA VAL A 449 -40.28 30.59 6.40
C VAL A 449 -41.18 31.03 7.55
N TYR A 450 -41.95 32.10 7.31
CA TYR A 450 -42.91 32.60 8.28
C TYR A 450 -44.02 31.55 8.45
N PRO A 451 -44.95 31.74 9.41
CA PRO A 451 -45.24 30.66 10.35
C PRO A 451 -45.12 29.26 9.76
N SER A 452 -44.26 28.45 10.38
CA SER A 452 -43.92 27.15 9.83
C SER A 452 -45.07 26.15 9.96
N ILE A 453 -45.97 26.36 10.92
CA ILE A 453 -47.15 25.53 11.11
C ILE A 453 -48.33 26.25 10.47
N LEU A 454 -48.85 25.74 9.35
CA LEU A 454 -49.83 26.44 8.54
C LEU A 454 -51.25 25.93 8.85
N ASN A 455 -52.16 26.89 9.13
CA ASN A 455 -53.60 26.58 9.33
C ASN A 455 -54.28 26.66 7.96
N GLN A 456 -54.99 25.62 7.55
CA GLN A 456 -55.75 25.91 6.35
C GLN A 456 -57.04 26.71 6.62
N ASP A 457 -57.52 26.80 7.87
CA ASP A 457 -58.73 27.56 8.20
C ASP A 457 -58.52 29.07 8.16
N ASN A 458 -57.26 29.52 8.16
CA ASN A 458 -56.89 30.92 8.27
C ASN A 458 -56.50 31.42 6.89
N LYS A 459 -57.41 32.17 6.26
CA LYS A 459 -57.22 32.71 4.93
C LYS A 459 -57.19 34.24 5.02
N THR A 460 -56.06 34.85 4.67
CA THR A 460 -55.91 36.30 4.79
C THR A 460 -55.45 36.97 3.50
N CYS A 461 -54.86 36.24 2.56
CA CYS A 461 -54.39 36.83 1.31
C CYS A 461 -55.49 36.71 0.26
N SER A 462 -56.20 37.81 0.00
CA SER A 462 -57.16 37.86 -1.10
C SER A 462 -56.47 38.00 -2.45
N LEU A 463 -55.15 38.16 -2.44
CA LEU A 463 -54.31 38.47 -3.59
C LEU A 463 -54.25 37.44 -4.73
N PRO A 464 -54.61 36.11 -4.56
CA PRO A 464 -54.50 35.17 -5.69
C PRO A 464 -55.03 35.69 -7.02
N GLY A 465 -55.92 36.66 -6.97
CA GLY A 465 -56.71 37.02 -8.12
C GLY A 465 -58.15 36.57 -7.93
N THR A 466 -59.07 37.33 -8.52
CA THR A 466 -60.51 37.11 -8.37
C THR A 466 -60.98 37.24 -6.92
N ALA A 467 -60.16 37.81 -6.03
CA ALA A 467 -60.54 38.26 -4.69
C ALA A 467 -61.26 37.17 -3.87
N LEU A 468 -60.56 36.05 -3.70
CA LEU A 468 -60.95 35.02 -2.74
C LEU A 468 -59.76 34.71 -1.85
N LYS A 469 -59.98 34.74 -0.54
CA LYS A 469 -58.89 34.59 0.42
C LYS A 469 -58.31 33.17 0.39
N VAL A 470 -57.14 33.02 0.99
CA VAL A 470 -56.39 31.76 0.96
C VAL A 470 -55.40 31.81 2.11
N SER A 471 -54.91 30.65 2.54
CA SER A 471 -53.93 30.56 3.62
C SER A 471 -52.53 30.75 3.05
N CYS A 472 -51.84 31.80 3.46
CA CYS A 472 -50.55 32.18 2.91
C CYS A 472 -49.51 32.22 4.02
N PHE A 473 -48.26 32.46 3.62
CA PHE A 473 -47.11 32.57 4.52
C PHE A 473 -45.98 33.23 3.74
N ASN A 474 -44.86 33.47 4.41
CA ASN A 474 -43.75 34.20 3.82
C ASN A 474 -42.51 33.31 3.73
N VAL A 475 -41.77 33.49 2.63
CA VAL A 475 -40.52 32.78 2.39
C VAL A 475 -39.44 33.85 2.25
N ARG A 476 -38.67 34.06 3.32
CA ARG A 476 -37.62 35.08 3.38
C ARG A 476 -36.26 34.39 3.32
N PHE A 477 -35.44 34.78 2.34
CA PHE A 477 -34.14 34.14 2.11
C PHE A 477 -33.04 35.19 2.06
N CYS A 478 -32.04 35.03 2.91
CA CYS A 478 -30.92 35.95 3.05
C CYS A 478 -29.65 35.33 2.45
N LEU A 479 -28.70 36.19 2.10
CA LEU A 479 -27.53 35.75 1.34
C LEU A 479 -26.39 36.75 1.57
N LYS A 480 -25.35 36.31 2.28
CA LYS A 480 -24.16 37.13 2.51
C LYS A 480 -22.91 36.43 2.00
N ALA A 481 -21.89 37.24 1.71
CA ALA A 481 -20.67 36.71 1.10
C ALA A 481 -19.47 37.54 1.57
N ASP A 482 -18.30 36.93 1.46
CA ASP A 482 -17.02 37.57 1.81
C ASP A 482 -15.90 36.67 1.31
N GLY A 483 -14.75 37.28 1.02
CA GLY A 483 -13.62 36.52 0.51
C GLY A 483 -12.31 37.28 0.43
N LYS A 484 -11.24 36.66 0.93
CA LYS A 484 -9.91 37.26 0.92
C LYS A 484 -9.44 37.52 -0.52
N GLY A 485 -8.42 38.35 -0.64
CA GLY A 485 -7.82 38.61 -1.94
C GLY A 485 -8.51 39.73 -2.70
N VAL A 486 -8.10 39.91 -3.95
CA VAL A 486 -8.70 40.91 -4.83
C VAL A 486 -9.76 40.21 -5.67
N LEU A 487 -10.96 40.79 -5.68
CA LEU A 487 -12.13 40.24 -6.34
C LEU A 487 -13.20 41.32 -6.32
N PRO A 488 -14.07 41.37 -7.33
CA PRO A 488 -15.03 42.48 -7.44
C PRO A 488 -15.82 42.72 -6.16
N ARG A 489 -16.20 43.98 -5.95
CA ARG A 489 -16.77 44.40 -4.67
C ARG A 489 -18.25 44.09 -4.57
N LYS A 490 -18.93 43.80 -5.69
CA LYS A 490 -20.33 43.40 -5.69
C LYS A 490 -20.47 42.10 -6.47
N LEU A 491 -20.98 41.07 -5.80
CA LEU A 491 -21.17 39.75 -6.39
C LEU A 491 -22.63 39.56 -6.78
N ASN A 492 -22.85 38.90 -7.92
CA ASN A 492 -24.17 38.65 -8.45
C ASN A 492 -24.50 37.16 -8.33
N PHE A 493 -25.61 36.86 -7.66
CA PHE A 493 -26.12 35.51 -7.53
C PHE A 493 -27.48 35.33 -8.19
N GLN A 494 -27.73 34.11 -8.60
CA GLN A 494 -28.95 33.54 -9.19
C GLN A 494 -29.59 32.57 -8.25
N VAL A 495 -30.54 33.08 -7.40
CA VAL A 495 -31.27 32.28 -6.42
C VAL A 495 -32.49 31.65 -7.07
N GLU A 496 -32.75 30.38 -6.72
CA GLU A 496 -33.95 29.66 -7.17
C GLU A 496 -34.69 29.14 -5.95
N LEU A 497 -36.02 29.21 -5.98
CA LEU A 497 -36.87 28.74 -4.89
C LEU A 497 -37.80 27.65 -5.41
N LEU A 498 -37.86 26.53 -4.70
CA LEU A 498 -38.72 25.41 -5.04
C LEU A 498 -39.64 25.09 -3.85
N LEU A 499 -40.95 25.13 -4.09
CA LEU A 499 -41.93 24.85 -3.04
C LEU A 499 -42.28 23.38 -3.02
N ASP A 500 -42.25 22.79 -1.82
CA ASP A 500 -42.71 21.42 -1.58
C ASP A 500 -41.97 20.42 -2.47
N LYS A 501 -40.65 20.63 -2.65
CA LYS A 501 -39.90 19.88 -3.65
C LYS A 501 -39.97 18.38 -3.42
N LEU A 502 -40.20 17.96 -2.17
CA LEU A 502 -40.15 16.55 -1.79
C LEU A 502 -41.07 15.69 -2.64
N LYS A 503 -42.09 16.26 -3.26
CA LYS A 503 -43.02 15.52 -4.12
C LYS A 503 -43.17 16.22 -5.47
N GLN A 504 -42.07 16.65 -6.07
CA GLN A 504 -42.12 17.16 -7.44
C GLN A 504 -42.21 16.02 -8.45
N LYS A 505 -42.07 14.79 -8.01
CA LYS A 505 -41.91 13.59 -8.83
C LYS A 505 -43.19 13.19 -9.57
N GLY A 506 -44.20 14.04 -9.65
CA GLY A 506 -45.46 13.73 -10.31
C GLY A 506 -46.66 13.80 -9.40
N ALA A 507 -46.47 13.70 -8.08
CA ALA A 507 -47.54 14.01 -7.13
C ALA A 507 -47.86 15.50 -7.16
N ILE A 508 -48.95 15.86 -6.49
CA ILE A 508 -49.42 17.24 -6.54
C ILE A 508 -48.58 18.10 -5.61
N ARG A 509 -48.21 19.28 -6.08
CA ARG A 509 -47.50 20.26 -5.26
C ARG A 509 -48.52 21.18 -4.59
N ARG A 510 -48.55 21.14 -3.25
CA ARG A 510 -49.65 21.72 -2.49
C ARG A 510 -49.35 23.11 -1.92
N ALA A 511 -48.40 23.83 -2.51
CA ALA A 511 -48.14 25.21 -2.13
C ALA A 511 -47.61 25.95 -3.34
N LEU A 512 -48.10 27.16 -3.55
CA LEU A 512 -47.73 27.94 -4.71
C LEU A 512 -47.36 29.35 -4.29
N PHE A 513 -46.49 29.98 -5.06
CA PHE A 513 -46.19 31.38 -4.84
C PHE A 513 -47.37 32.25 -5.26
N LEU A 514 -47.60 33.33 -4.49
CA LEU A 514 -48.84 34.10 -4.57
C LEU A 514 -49.11 34.62 -5.98
N TYR A 515 -48.26 35.52 -6.46
CA TYR A 515 -48.52 36.15 -7.75
C TYR A 515 -48.22 35.21 -8.91
N SER A 516 -47.02 34.60 -8.93
CA SER A 516 -46.61 33.79 -10.07
C SER A 516 -47.48 32.56 -10.27
N ARG A 517 -48.17 32.09 -9.21
CA ARG A 517 -49.06 30.92 -9.29
C ARG A 517 -48.29 29.69 -9.79
N SER A 518 -47.15 29.42 -9.15
CA SER A 518 -46.29 28.32 -9.56
C SER A 518 -45.44 27.91 -8.36
N PRO A 519 -44.86 26.70 -8.39
CA PRO A 519 -43.97 26.30 -7.29
C PRO A 519 -42.60 26.94 -7.35
N SER A 520 -42.17 27.41 -8.53
CA SER A 520 -40.81 27.88 -8.78
C SER A 520 -40.77 29.40 -8.85
N HIS A 521 -39.69 29.99 -8.32
CA HIS A 521 -39.43 31.41 -8.50
C HIS A 521 -37.92 31.63 -8.53
N SER A 522 -37.48 32.53 -9.41
CA SER A 522 -36.07 32.89 -9.57
C SER A 522 -35.92 34.40 -9.57
N LYS A 523 -34.77 34.87 -9.09
CA LYS A 523 -34.52 36.30 -8.95
C LYS A 523 -33.02 36.54 -8.98
N ASN A 524 -32.54 37.31 -9.97
CA ASN A 524 -31.13 37.72 -9.95
C ASN A 524 -30.91 38.66 -8.78
N MET A 525 -29.86 38.37 -8.01
CA MET A 525 -29.60 39.05 -6.75
C MET A 525 -28.17 39.55 -6.74
N THR A 526 -27.95 40.67 -6.04
CA THR A 526 -26.64 41.33 -6.06
C THR A 526 -26.31 41.81 -4.64
N ILE A 527 -25.28 41.21 -4.04
CA ILE A 527 -24.82 41.60 -2.71
C ILE A 527 -23.42 42.18 -2.84
N SER A 528 -23.05 43.04 -1.88
CA SER A 528 -21.74 43.66 -2.02
C SER A 528 -20.63 42.76 -1.50
N ARG A 529 -20.47 42.70 -0.16
CA ARG A 529 -19.53 41.79 0.49
C ARG A 529 -19.55 42.00 2.00
N GLY A 530 -19.34 40.94 2.78
CA GLY A 530 -18.85 41.12 4.14
C GLY A 530 -19.81 41.16 5.30
N GLY A 531 -20.74 40.22 5.40
CA GLY A 531 -21.47 39.99 6.63
C GLY A 531 -22.81 40.68 6.76
N LEU A 532 -23.20 41.50 5.79
CA LEU A 532 -24.52 42.15 5.81
C LEU A 532 -25.50 41.27 5.03
N MET A 533 -26.14 40.34 5.74
CA MET A 533 -26.98 39.36 5.07
C MET A 533 -28.16 40.05 4.42
N GLN A 534 -28.09 40.23 3.11
CA GLN A 534 -29.16 40.85 2.33
C GLN A 534 -30.27 39.84 2.09
N CYS A 535 -31.52 40.23 2.40
CA CYS A 535 -32.66 39.34 2.35
C CYS A 535 -33.67 39.84 1.32
N GLU A 536 -34.49 38.91 0.82
CA GLU A 536 -35.64 39.21 -0.01
C GLU A 536 -36.80 38.34 0.47
N GLU A 537 -38.01 38.72 0.09
CA GLU A 537 -39.20 38.03 0.57
C GLU A 537 -40.18 37.75 -0.56
N LEU A 538 -40.96 36.68 -0.36
CA LEU A 538 -42.03 36.30 -1.27
C LEU A 538 -43.23 35.85 -0.45
N ILE A 539 -44.33 35.55 -1.14
CA ILE A 539 -45.56 35.08 -0.51
C ILE A 539 -45.99 33.79 -1.20
N ALA A 540 -46.05 32.70 -0.44
CA ALA A 540 -46.58 31.45 -0.93
C ALA A 540 -47.84 31.13 -0.16
N TYR A 541 -48.68 30.25 -0.73
CA TYR A 541 -49.95 29.93 -0.12
C TYR A 541 -50.29 28.48 -0.38
N LEU A 542 -51.12 27.93 0.50
CA LEU A 542 -51.63 26.56 0.37
C LEU A 542 -52.83 26.55 -0.56
N ARG A 543 -52.78 25.71 -1.59
CA ARG A 543 -53.94 25.60 -2.47
C ARG A 543 -55.15 25.12 -1.68
N ASP A 544 -56.32 25.22 -2.29
CA ASP A 544 -57.56 24.92 -1.59
C ASP A 544 -57.52 23.48 -1.07
N GLU A 545 -57.97 23.30 0.18
CA GLU A 545 -57.93 21.98 0.82
C GLU A 545 -58.56 20.91 -0.05
N SER A 546 -59.65 21.25 -0.75
CA SER A 546 -60.30 20.29 -1.63
C SER A 546 -59.40 19.81 -2.76
N GLU A 547 -58.31 20.52 -3.05
CA GLU A 547 -57.47 20.21 -4.20
C GLU A 547 -56.43 19.13 -3.91
N PHE A 548 -56.27 18.71 -2.66
CA PHE A 548 -55.22 17.74 -2.36
C PHE A 548 -55.56 16.96 -1.10
N ARG A 549 -54.77 15.91 -0.86
CA ARG A 549 -54.79 15.15 0.38
C ARG A 549 -53.33 15.16 0.87
N ASP A 550 -53.01 14.27 1.81
CA ASP A 550 -51.65 14.17 2.33
C ASP A 550 -51.24 15.45 3.05
N LYS A 551 -51.90 15.66 4.20
CA LYS A 551 -51.52 16.74 5.10
C LYS A 551 -50.29 16.43 5.96
N LEU A 552 -49.90 15.16 6.11
CA LEU A 552 -48.90 14.83 7.11
C LEU A 552 -47.47 15.04 6.62
N THR A 553 -47.22 14.94 5.29
CA THR A 553 -45.83 15.17 4.90
C THR A 553 -45.55 16.67 4.89
N PRO A 554 -44.33 17.09 5.25
CA PRO A 554 -44.06 18.51 5.38
C PRO A 554 -43.83 19.19 4.04
N ILE A 555 -44.14 20.48 4.00
CA ILE A 555 -43.80 21.30 2.85
C ILE A 555 -42.34 21.70 3.01
N THR A 556 -41.49 21.21 2.13
CA THR A 556 -40.08 21.53 2.16
C THR A 556 -39.84 22.68 1.20
N ILE A 557 -39.28 23.79 1.70
CA ILE A 557 -38.89 24.90 0.85
C ILE A 557 -37.42 24.73 0.50
N PHE A 558 -37.12 24.75 -0.80
CA PHE A 558 -35.78 24.51 -1.31
C PHE A 558 -35.24 25.79 -1.95
N MET A 559 -34.01 26.15 -1.57
CA MET A 559 -33.35 27.36 -2.05
C MET A 559 -31.92 27.03 -2.42
N GLU A 560 -31.50 27.41 -3.63
CA GLU A 560 -30.15 27.20 -4.10
C GLU A 560 -29.63 28.48 -4.74
N TYR A 561 -28.31 28.65 -4.75
CA TYR A 561 -27.69 29.84 -5.32
C TYR A 561 -26.54 29.44 -6.25
N ARG A 562 -26.29 30.29 -7.25
CA ARG A 562 -25.50 29.95 -8.43
C ARG A 562 -24.24 30.78 -8.58
N LEU A 563 -24.32 32.11 -8.48
CA LEU A 563 -23.17 33.02 -8.63
C LEU A 563 -22.53 32.87 -10.01
N ASP A 564 -23.25 33.35 -11.02
CA ASP A 564 -22.75 33.44 -12.39
C ASP A 564 -21.31 33.98 -12.41
N TYR A 565 -20.43 33.28 -13.10
CA TYR A 565 -19.00 33.57 -13.06
C TYR A 565 -18.54 34.45 -14.21
N ARG A 566 -19.47 35.04 -14.97
CA ARG A 566 -19.11 35.96 -16.04
C ARG A 566 -18.44 37.22 -15.51
N THR A 567 -18.51 37.48 -14.19
CA THR A 567 -17.85 38.62 -13.57
C THR A 567 -16.37 38.32 -13.39
N ALA A 568 -15.68 39.18 -12.61
CA ALA A 568 -14.27 39.03 -12.28
C ALA A 568 -13.39 38.98 -13.53
N ALA A 569 -13.50 40.04 -14.33
CA ALA A 569 -12.70 40.31 -15.53
C ALA A 569 -11.32 40.77 -15.08
N ASP A 570 -10.64 41.59 -15.91
CA ASP A 570 -9.34 42.12 -15.49
C ASP A 570 -8.29 41.03 -15.45
N THR A 571 -7.70 40.76 -16.62
CA THR A 571 -6.85 39.62 -16.97
C THR A 571 -7.65 38.34 -17.16
N THR A 572 -8.47 38.34 -18.22
CA THR A 572 -9.04 37.13 -18.82
C THR A 572 -9.97 36.40 -17.86
N GLY A 573 -10.74 37.18 -17.10
CA GLY A 573 -11.72 36.61 -16.22
C GLY A 573 -11.16 35.64 -15.21
N LEU A 574 -10.34 36.13 -14.28
CA LEU A 574 -9.93 35.24 -13.20
C LEU A 574 -11.14 35.05 -12.30
N GLN A 575 -11.95 34.07 -12.64
CA GLN A 575 -13.25 33.90 -12.03
C GLN A 575 -13.09 33.31 -10.64
N PRO A 576 -13.80 33.84 -9.64
CA PRO A 576 -13.68 33.30 -8.28
C PRO A 576 -14.29 31.91 -8.16
N ILE A 577 -14.27 31.32 -6.98
CA ILE A 577 -14.84 30.00 -6.78
C ILE A 577 -15.35 29.90 -5.36
N LEU A 578 -16.50 29.24 -5.18
CA LEU A 578 -17.06 29.05 -3.86
C LEU A 578 -16.17 28.11 -3.06
N ASN A 579 -16.18 28.29 -1.74
CA ASN A 579 -15.49 27.37 -0.85
C ASN A 579 -15.93 25.93 -1.15
N GLN A 580 -14.95 25.03 -1.31
CA GLN A 580 -15.26 23.68 -1.76
C GLN A 580 -16.19 22.96 -0.80
N PHE A 581 -15.96 23.13 0.51
CA PHE A 581 -16.79 22.48 1.52
C PHE A 581 -17.85 23.47 2.00
N THR A 582 -18.81 23.72 1.11
CA THR A 582 -19.92 24.59 1.44
C THR A 582 -21.13 24.11 0.64
N PRO A 583 -22.33 24.17 1.22
CA PRO A 583 -23.52 23.67 0.53
C PRO A 583 -24.07 24.72 -0.44
N ALA A 584 -24.34 24.30 -1.67
CA ALA A 584 -24.93 25.18 -2.66
C ALA A 584 -26.45 25.34 -2.50
N ASN A 585 -27.04 24.85 -1.41
CA ASN A 585 -28.47 24.99 -1.20
C ASN A 585 -28.79 24.80 0.28
N ILE A 586 -29.89 25.42 0.71
CA ILE A 586 -30.43 25.24 2.06
C ILE A 586 -31.91 24.92 1.93
N SER A 587 -32.42 24.13 2.87
CA SER A 587 -33.83 23.75 2.89
C SER A 587 -34.39 23.95 4.29
N ARG A 588 -35.70 24.19 4.33
CA ARG A 588 -36.44 24.33 5.57
C ARG A 588 -37.85 23.82 5.33
N GLN A 589 -38.47 23.31 6.38
CA GLN A 589 -39.74 22.63 6.26
C GLN A 589 -40.85 23.38 6.96
N ALA A 590 -42.04 23.29 6.36
CA ALA A 590 -43.27 23.80 6.97
C ALA A 590 -44.28 22.66 7.02
N HIS A 591 -45.13 22.71 8.04
CA HIS A 591 -46.10 21.66 8.31
C HIS A 591 -47.52 22.22 8.29
N ILE A 592 -48.44 21.43 7.76
CA ILE A 592 -49.86 21.77 7.84
C ILE A 592 -50.34 21.48 9.26
N LEU A 593 -51.08 22.42 9.82
CA LEU A 593 -51.66 22.19 11.13
C LEU A 593 -52.60 21.01 11.09
N LEU A 594 -52.40 20.05 11.99
CA LEU A 594 -53.20 18.83 12.00
C LEU A 594 -53.04 18.13 13.34
N ASP A 595 -54.15 17.85 14.02
CA ASP A 595 -54.16 17.05 15.24
C ASP A 595 -53.33 17.71 16.34
N CYS A 596 -53.45 19.03 16.47
CA CYS A 596 -52.71 19.77 17.48
C CYS A 596 -53.56 20.16 18.68
N GLY A 597 -54.85 19.82 18.68
CA GLY A 597 -55.68 20.00 19.85
C GLY A 597 -56.40 21.35 19.94
N GLU A 598 -56.88 21.62 21.15
CA GLU A 598 -57.70 22.81 21.38
C GLU A 598 -56.87 24.11 21.33
N ASP A 599 -55.65 24.08 21.92
CA ASP A 599 -54.70 25.20 21.97
C ASP A 599 -54.24 25.68 20.60
N ASN A 600 -54.66 24.96 19.62
CA ASN A 600 -54.43 24.94 18.15
C ASN A 600 -52.87 24.65 17.95
N VAL A 601 -52.23 24.00 18.91
CA VAL A 601 -50.79 23.99 18.88
C VAL A 601 -50.34 22.64 19.39
N CYS A 602 -49.35 22.06 18.71
CA CYS A 602 -48.87 20.73 19.04
C CYS A 602 -47.81 20.80 20.14
N LYS A 603 -48.13 20.20 21.29
CA LYS A 603 -47.23 20.19 22.45
C LYS A 603 -46.93 18.76 22.85
N PRO A 604 -45.74 18.25 22.54
CA PRO A 604 -45.42 16.84 22.84
C PRO A 604 -44.89 16.64 24.26
N LYS A 605 -45.06 15.41 24.75
CA LYS A 605 -44.44 14.95 26.00
C LYS A 605 -43.45 13.85 25.62
N LEU A 606 -42.16 14.21 25.54
CA LEU A 606 -41.11 13.36 25.02
C LEU A 606 -40.35 12.68 26.15
N GLU A 607 -40.15 11.37 26.04
CA GLU A 607 -39.44 10.59 27.05
C GLU A 607 -38.43 9.70 26.36
N VAL A 608 -37.27 9.52 26.99
CA VAL A 608 -36.21 8.67 26.47
C VAL A 608 -35.68 7.80 27.59
N SER A 609 -35.48 6.52 27.30
CA SER A 609 -35.06 5.53 28.29
C SER A 609 -33.95 4.68 27.69
N VAL A 610 -33.20 4.01 28.57
CA VAL A 610 -32.03 3.24 28.15
C VAL A 610 -31.75 2.19 29.21
N ASP A 611 -31.44 0.97 28.76
CA ASP A 611 -31.07 -0.12 29.64
C ASP A 611 -29.73 -0.70 29.23
N SER A 612 -29.03 -1.30 30.21
CA SER A 612 -27.64 -1.72 29.98
C SER A 612 -27.57 -3.03 29.20
N ASP A 613 -28.04 -4.12 29.82
CA ASP A 613 -28.09 -5.47 29.26
C ASP A 613 -26.69 -6.03 29.03
N GLN A 614 -25.67 -5.19 29.20
CA GLN A 614 -24.25 -5.57 29.09
C GLN A 614 -23.52 -4.68 30.09
N LYS A 615 -23.31 -5.18 31.30
CA LYS A 615 -23.15 -4.28 32.43
C LYS A 615 -21.72 -3.76 32.61
N LYS A 616 -20.71 -4.48 32.13
CA LYS A 616 -19.33 -4.05 32.30
C LYS A 616 -18.54 -4.34 31.04
N ILE A 617 -17.67 -3.39 30.66
CA ILE A 617 -16.79 -3.55 29.51
C ILE A 617 -15.33 -3.44 29.96
N TYR A 618 -14.48 -4.26 29.36
CA TYR A 618 -13.08 -4.41 29.78
C TYR A 618 -12.18 -3.43 29.05
N ILE A 619 -11.07 -3.10 29.69
CA ILE A 619 -10.33 -1.87 29.38
C ILE A 619 -9.51 -2.01 28.09
N GLY A 620 -8.66 -3.04 28.02
CA GLY A 620 -7.70 -3.10 26.92
C GLY A 620 -8.31 -3.34 25.56
N ASP A 621 -9.47 -3.97 25.50
CA ASP A 621 -10.07 -4.40 24.25
C ASP A 621 -11.15 -3.44 23.76
N ASP A 622 -11.50 -3.72 22.51
CA ASP A 622 -12.51 -3.09 21.69
C ASP A 622 -13.69 -4.01 21.52
N ASN A 623 -14.54 -3.66 22.44
CA ASN A 623 -15.83 -4.05 23.05
C ASN A 623 -17.05 -3.55 22.29
N PRO A 624 -17.85 -4.60 21.93
CA PRO A 624 -19.13 -4.40 21.26
C PRO A 624 -20.23 -4.08 22.26
N LEU A 625 -20.32 -2.80 22.62
CA LEU A 625 -21.39 -2.33 23.50
C LEU A 625 -22.60 -1.94 22.65
N THR A 626 -23.77 -2.46 23.05
CA THR A 626 -25.04 -2.15 22.37
C THR A 626 -25.99 -1.52 23.38
N LEU A 627 -26.49 -0.33 23.05
CA LEU A 627 -27.45 0.38 23.88
C LEU A 627 -28.85 0.17 23.31
N ILE A 628 -29.79 -0.20 24.18
CA ILE A 628 -31.19 -0.28 23.83
C ILE A 628 -31.86 1.01 24.28
N VAL A 629 -32.45 1.73 23.34
CA VAL A 629 -33.05 3.03 23.59
C VAL A 629 -34.56 2.93 23.37
N LYS A 630 -35.33 3.64 24.19
CA LYS A 630 -36.78 3.75 24.01
C LYS A 630 -37.15 5.22 23.95
N ALA A 631 -37.73 5.63 22.82
CA ALA A 631 -38.16 7.00 22.60
C ALA A 631 -39.68 7.02 22.46
N GLN A 632 -40.35 7.70 23.39
CA GLN A 632 -41.80 7.82 23.39
C GLN A 632 -42.22 9.27 23.21
N ASN A 633 -43.30 9.48 22.47
CA ASN A 633 -43.97 10.77 22.39
C ASN A 633 -45.39 10.58 22.90
N GLN A 634 -45.59 10.87 24.19
CA GLN A 634 -46.89 10.64 24.82
C GLN A 634 -47.85 11.83 24.71
N GLY A 635 -47.38 12.97 24.23
CA GLY A 635 -48.21 14.13 23.97
C GLY A 635 -48.63 14.23 22.51
N GLU A 636 -48.85 15.46 22.06
CA GLU A 636 -49.26 15.70 20.68
C GLU A 636 -48.03 15.63 19.76
N GLY A 637 -48.30 15.67 18.46
CA GLY A 637 -47.29 15.50 17.43
C GLY A 637 -46.01 16.31 17.60
N ALA A 638 -44.88 15.69 17.31
CA ALA A 638 -43.58 16.35 17.35
C ALA A 638 -43.05 16.52 15.93
N TYR A 639 -42.73 17.75 15.56
CA TYR A 639 -42.23 18.05 14.22
C TYR A 639 -40.73 17.85 14.19
N GLU A 640 -40.27 17.07 13.20
CA GLU A 640 -38.84 16.84 12.98
C GLU A 640 -38.18 16.32 14.27
N ALA A 641 -38.63 15.15 14.68
CA ALA A 641 -38.07 14.54 15.88
C ALA A 641 -36.77 13.84 15.52
N GLU A 642 -35.77 14.01 16.39
CA GLU A 642 -34.48 13.37 16.23
C GLU A 642 -33.96 12.96 17.59
N LEU A 643 -33.48 11.72 17.69
CA LEU A 643 -32.84 11.25 18.90
C LEU A 643 -31.37 11.67 18.87
N ILE A 644 -30.92 12.29 19.95
CA ILE A 644 -29.56 12.84 20.04
C ILE A 644 -28.83 12.12 21.16
N VAL A 645 -27.86 11.29 20.79
CA VAL A 645 -27.01 10.58 21.74
C VAL A 645 -25.63 11.19 21.66
N SER A 646 -25.23 11.91 22.72
CA SER A 646 -23.94 12.59 22.75
C SER A 646 -22.92 11.65 23.38
N ILE A 647 -21.99 11.16 22.56
CA ILE A 647 -21.01 10.17 23.00
C ILE A 647 -19.71 10.88 23.43
N PRO A 648 -18.94 10.30 24.34
CA PRO A 648 -17.65 10.87 24.71
C PRO A 648 -16.58 10.53 23.67
N LEU A 649 -15.34 10.93 23.98
CA LEU A 649 -14.25 10.80 23.00
C LEU A 649 -13.91 9.35 22.71
N GLN A 650 -14.14 8.46 23.68
CA GLN A 650 -13.77 7.06 23.55
C GLN A 650 -14.60 6.30 22.52
N ALA A 651 -15.73 6.85 22.11
CA ALA A 651 -16.78 6.10 21.44
C ALA A 651 -16.81 6.34 19.93
N ASP A 652 -17.19 5.30 19.19
CA ASP A 652 -17.46 5.37 17.76
C ASP A 652 -18.79 4.67 17.48
N PHE A 653 -19.53 5.18 16.50
CA PHE A 653 -20.82 4.61 16.16
C PHE A 653 -20.65 3.54 15.08
N ILE A 654 -21.14 2.34 15.35
CA ILE A 654 -21.07 1.23 14.40
C ILE A 654 -22.27 1.29 13.46
N GLY A 655 -23.47 1.28 14.02
CA GLY A 655 -24.67 1.14 13.23
C GLY A 655 -25.82 0.65 14.07
N VAL A 656 -26.95 0.47 13.40
CA VAL A 656 -28.19 0.08 14.05
C VAL A 656 -28.39 -1.42 13.92
N VAL A 657 -29.05 -2.01 14.92
CA VAL A 657 -29.37 -3.43 14.90
C VAL A 657 -30.53 -3.68 13.94
N ARG A 658 -30.34 -4.63 13.02
CA ARG A 658 -31.39 -5.04 12.09
C ARG A 658 -31.70 -6.53 12.17
N ASN A 659 -31.20 -7.21 13.20
CA ASN A 659 -31.35 -8.66 13.32
C ASN A 659 -32.20 -9.05 14.52
N ASN A 660 -32.89 -8.09 15.12
CA ASN A 660 -33.84 -8.35 16.22
C ASN A 660 -35.14 -7.66 15.80
N GLU A 661 -36.03 -8.42 15.14
CA GLU A 661 -37.26 -7.86 14.59
C GLU A 661 -38.08 -7.11 15.64
N ALA A 662 -37.88 -7.40 16.93
CA ALA A 662 -38.53 -6.62 17.97
C ALA A 662 -37.97 -5.20 18.05
N LEU A 663 -36.73 -4.99 17.59
CA LEU A 663 -36.11 -3.67 17.57
C LEU A 663 -36.18 -3.06 16.17
N ALA A 664 -36.61 -1.80 16.11
CA ALA A 664 -36.86 -1.14 14.85
C ALA A 664 -35.59 -0.53 14.27
N ARG A 665 -35.41 -0.71 12.96
CA ARG A 665 -34.29 -0.09 12.26
C ARG A 665 -34.52 1.40 12.16
N LEU A 666 -33.48 2.17 12.48
CA LEU A 666 -33.55 3.62 12.43
C LEU A 666 -32.52 4.16 11.44
N SER A 667 -32.82 5.31 10.85
CA SER A 667 -31.84 6.07 10.10
C SER A 667 -31.06 6.90 11.10
N CYS A 668 -29.84 6.47 11.42
CA CYS A 668 -28.97 7.21 12.30
C CYS A 668 -27.78 7.76 11.51
N ALA A 669 -27.24 8.88 11.96
CA ALA A 669 -26.11 9.49 11.28
C ALA A 669 -25.16 10.09 12.29
N PHE A 670 -23.88 9.87 12.06
CA PHE A 670 -22.83 10.40 12.91
C PHE A 670 -22.46 11.81 12.44
N LYS A 671 -22.51 12.77 13.36
CA LYS A 671 -22.24 14.17 13.04
C LYS A 671 -21.21 14.74 14.01
N THR A 672 -20.27 15.53 13.47
CA THR A 672 -19.22 16.18 14.25
C THR A 672 -19.15 17.66 13.83
N GLU A 673 -19.83 18.51 14.59
CA GLU A 673 -19.85 19.94 14.32
C GLU A 673 -20.06 20.68 15.64
N ASN A 674 -19.86 22.01 15.59
CA ASN A 674 -20.13 22.89 16.72
C ASN A 674 -19.33 22.49 17.97
N GLN A 675 -18.16 21.89 17.76
CA GLN A 675 -17.22 21.45 18.79
C GLN A 675 -17.68 20.18 19.51
N THR A 676 -18.71 19.49 19.01
CA THR A 676 -19.25 18.30 19.66
C THR A 676 -19.34 17.13 18.69
N ARG A 677 -19.60 15.95 19.25
CA ARG A 677 -19.72 14.71 18.49
C ARG A 677 -20.85 13.88 19.08
N GLN A 678 -21.73 13.38 18.22
CA GLN A 678 -22.95 12.71 18.65
C GLN A 678 -23.54 11.96 17.45
N VAL A 679 -24.62 11.23 17.72
CA VAL A 679 -25.31 10.44 16.71
C VAL A 679 -26.75 10.93 16.61
N VAL A 680 -27.22 11.12 15.38
CA VAL A 680 -28.53 11.70 15.10
C VAL A 680 -29.40 10.65 14.44
N CYS A 681 -30.48 10.28 15.11
CA CYS A 681 -31.42 9.27 14.63
C CYS A 681 -32.79 9.90 14.40
N ASP A 682 -33.37 9.64 13.23
CA ASP A 682 -34.67 10.20 12.88
C ASP A 682 -35.78 9.41 13.55
N LEU A 683 -36.69 10.13 14.20
CA LEU A 683 -37.76 9.52 14.98
C LEU A 683 -39.15 9.79 14.40
N GLY A 684 -39.24 10.34 13.19
CA GLY A 684 -40.52 10.64 12.58
C GLY A 684 -40.77 12.12 12.39
N ASN A 685 -41.41 12.47 11.27
CA ASN A 685 -41.66 13.86 10.91
C ASN A 685 -43.04 14.00 10.29
N PRO A 686 -44.09 14.10 11.11
CA PRO A 686 -44.00 14.20 12.57
C PRO A 686 -43.88 12.85 13.29
N MET A 687 -43.42 12.90 14.53
CA MET A 687 -43.46 11.75 15.43
C MET A 687 -44.82 11.77 16.11
N LYS A 688 -45.75 10.96 15.60
CA LYS A 688 -47.14 11.00 16.03
C LYS A 688 -47.27 10.62 17.50
N ALA A 689 -48.46 10.87 18.06
CA ALA A 689 -48.69 10.69 19.48
C ALA A 689 -48.62 9.22 19.90
N GLY A 690 -48.34 9.00 21.18
CA GLY A 690 -48.27 7.67 21.77
C GLY A 690 -47.31 6.70 21.11
N THR A 691 -46.51 7.20 20.17
CA THR A 691 -45.55 6.35 19.45
C THR A 691 -44.43 5.92 20.39
N GLN A 692 -44.09 4.64 20.34
CA GLN A 692 -42.95 4.10 21.07
C GLN A 692 -42.02 3.43 20.07
N LEU A 693 -40.72 3.68 20.21
CA LEU A 693 -39.70 3.05 19.37
C LEU A 693 -38.63 2.40 20.22
N LEU A 694 -38.27 1.16 19.87
CA LEU A 694 -37.09 0.49 20.41
C LEU A 694 -36.10 0.26 19.27
N ALA A 695 -34.83 0.53 19.55
CA ALA A 695 -33.77 0.30 18.58
C ALA A 695 -32.46 0.09 19.33
N GLY A 696 -31.49 -0.50 18.63
CA GLY A 696 -30.18 -0.78 19.18
C GLY A 696 -29.10 0.03 18.48
N LEU A 697 -28.20 0.60 19.27
CA LEU A 697 -27.03 1.31 18.75
C LEU A 697 -25.77 0.65 19.27
N ARG A 698 -24.91 0.20 18.35
CA ARG A 698 -23.64 -0.45 18.67
C ARG A 698 -22.49 0.56 18.63
N PHE A 699 -21.48 0.31 19.46
CA PHE A 699 -20.38 1.26 19.63
C PHE A 699 -19.05 0.51 19.77
N SER A 700 -17.98 1.29 19.97
CA SER A 700 -16.63 0.80 20.18
C SER A 700 -15.91 1.78 21.10
N VAL A 701 -14.90 1.27 21.84
CA VAL A 701 -14.26 2.06 22.89
C VAL A 701 -12.74 1.96 22.79
N HIS A 702 -12.05 2.97 23.35
CA HIS A 702 -10.60 2.95 23.54
C HIS A 702 -10.17 3.27 24.96
N GLN A 703 -11.03 3.92 25.76
CA GLN A 703 -10.89 4.31 27.16
C GLN A 703 -10.01 5.55 27.36
N GLN A 704 -9.30 6.04 26.34
CA GLN A 704 -8.84 7.43 26.29
C GLN A 704 -8.10 7.93 27.53
N SER A 705 -6.83 7.54 27.71
CA SER A 705 -6.03 7.95 28.86
C SER A 705 -6.52 7.34 30.16
N GLU A 706 -6.14 6.07 30.39
CA GLU A 706 -6.68 5.12 31.37
C GLU A 706 -6.86 5.65 32.79
N MET A 707 -7.59 4.87 33.59
CA MET A 707 -8.08 5.16 34.95
C MET A 707 -9.23 6.17 34.95
N ASP A 708 -9.94 6.26 33.82
CA ASP A 708 -11.16 7.08 33.74
C ASP A 708 -12.28 6.51 34.60
N THR A 709 -12.38 5.18 34.69
CA THR A 709 -13.28 4.43 35.57
C THR A 709 -14.74 4.40 35.07
N SER A 710 -15.09 5.08 33.99
CA SER A 710 -16.46 5.04 33.46
C SER A 710 -16.53 5.72 32.11
N VAL A 711 -17.46 5.24 31.29
CA VAL A 711 -17.88 5.91 30.06
C VAL A 711 -19.32 6.39 30.24
N LYS A 712 -19.58 7.64 29.84
CA LYS A 712 -20.87 8.29 30.04
C LYS A 712 -21.51 8.64 28.70
N PHE A 713 -22.77 8.24 28.52
CA PHE A 713 -23.59 8.65 27.39
C PHE A 713 -24.73 9.54 27.88
N ASP A 714 -25.12 10.49 27.04
CA ASP A 714 -26.27 11.36 27.31
C ASP A 714 -27.24 11.26 26.14
N LEU A 715 -28.54 11.15 26.46
CA LEU A 715 -29.58 10.93 25.46
C LEU A 715 -30.74 11.89 25.68
N GLN A 716 -31.17 12.56 24.61
CA GLN A 716 -32.38 13.37 24.65
C GLN A 716 -32.97 13.49 23.26
N ILE A 717 -34.27 13.75 23.21
CA ILE A 717 -35.02 13.91 21.96
C ILE A 717 -35.25 15.40 21.74
N GLN A 718 -35.03 15.85 20.51
CA GLN A 718 -35.20 17.25 20.15
C GLN A 718 -36.18 17.38 19.01
N SER A 719 -37.03 18.39 19.06
CA SER A 719 -38.02 18.63 18.02
C SER A 719 -38.15 20.13 17.76
N SER A 720 -38.59 20.45 16.54
CA SER A 720 -38.70 21.84 16.08
C SER A 720 -40.04 22.48 16.46
N ASN A 721 -40.69 21.99 17.51
CA ASN A 721 -41.89 22.63 18.03
C ASN A 721 -41.54 23.91 18.81
N LEU A 722 -42.57 24.66 19.17
CA LEU A 722 -42.35 25.87 19.96
C LEU A 722 -42.48 25.63 21.45
N PHE A 723 -43.24 24.62 21.86
CA PHE A 723 -43.51 24.39 23.27
C PHE A 723 -43.29 22.92 23.58
N ASP A 724 -42.59 22.65 24.68
CA ASP A 724 -42.31 21.29 25.14
C ASP A 724 -41.60 20.47 24.06
N LYS A 725 -40.60 21.09 23.42
CA LYS A 725 -39.95 20.53 22.25
C LYS A 725 -38.91 19.46 22.57
N VAL A 726 -38.46 19.35 23.82
CA VAL A 726 -37.36 18.47 24.15
C VAL A 726 -37.73 17.56 25.31
N SER A 727 -37.03 16.43 25.39
CA SER A 727 -37.19 15.43 26.44
C SER A 727 -36.19 15.67 27.55
N PRO A 728 -36.45 15.13 28.75
CA PRO A 728 -35.44 15.18 29.80
C PRO A 728 -34.20 14.40 29.39
N VAL A 729 -33.02 14.98 29.62
CA VAL A 729 -31.77 14.30 29.33
C VAL A 729 -31.58 13.12 30.26
N VAL A 730 -31.23 11.97 29.70
CA VAL A 730 -31.02 10.74 30.45
C VAL A 730 -29.59 10.30 30.25
N SER A 731 -28.82 10.27 31.33
CA SER A 731 -27.42 9.85 31.30
C SER A 731 -27.32 8.37 31.64
N HIS A 732 -26.61 7.63 30.79
CA HIS A 732 -26.35 6.21 31.02
C HIS A 732 -24.86 5.96 30.98
N LYS A 733 -24.34 5.27 31.99
CA LYS A 733 -22.94 4.92 32.06
C LYS A 733 -22.77 3.40 32.04
N VAL A 734 -21.61 2.96 31.57
CA VAL A 734 -21.21 1.55 31.61
C VAL A 734 -19.87 1.47 32.32
N ASP A 735 -19.76 0.54 33.27
CA ASP A 735 -18.60 0.49 34.15
C ASP A 735 -17.40 -0.15 33.46
N LEU A 736 -16.24 0.48 33.58
CA LEU A 736 -14.99 -0.09 33.08
C LEU A 736 -14.49 -1.16 34.05
N ALA A 737 -14.09 -2.31 33.49
CA ALA A 737 -13.63 -3.46 34.26
C ALA A 737 -12.24 -3.87 33.82
N VAL A 738 -11.50 -4.50 34.72
CA VAL A 738 -10.15 -5.00 34.44
C VAL A 738 -10.22 -6.51 34.24
N LEU A 739 -9.68 -6.98 33.13
CA LEU A 739 -9.59 -8.41 32.86
C LEU A 739 -8.24 -8.69 32.22
N ALA A 740 -7.44 -9.54 32.87
CA ALA A 740 -6.13 -9.94 32.37
C ALA A 740 -6.05 -11.45 32.37
N ALA A 741 -6.07 -12.05 31.18
CA ALA A 741 -5.95 -13.49 31.02
C ALA A 741 -4.46 -13.81 30.95
N VAL A 742 -3.84 -14.01 32.11
CA VAL A 742 -2.41 -14.29 32.20
C VAL A 742 -2.21 -15.79 32.35
N GLU A 743 -1.19 -16.32 31.68
CA GLU A 743 -0.90 -17.74 31.73
C GLU A 743 0.61 -17.94 31.85
N ILE A 744 1.00 -19.08 32.41
CA ILE A 744 2.40 -19.46 32.50
C ILE A 744 2.59 -20.81 31.80
N ARG A 745 3.59 -20.89 30.94
CA ARG A 745 3.90 -22.10 30.19
C ARG A 745 5.38 -22.45 30.37
N GLY A 746 5.68 -23.74 30.31
CA GLY A 746 7.04 -24.20 30.49
C GLY A 746 7.31 -25.48 29.71
N VAL A 747 8.55 -25.65 29.29
CA VAL A 747 8.98 -26.84 28.56
C VAL A 747 10.44 -27.13 28.88
N SER A 748 10.77 -28.41 28.89
CA SER A 748 12.13 -28.90 29.05
C SER A 748 12.70 -29.29 27.68
N SER A 749 13.93 -28.88 27.40
CA SER A 749 14.55 -29.13 26.11
C SER A 749 15.99 -29.59 26.31
N PRO A 750 16.25 -30.91 26.30
CA PRO A 750 15.29 -32.00 26.03
C PRO A 750 14.38 -32.29 27.22
N ASP A 751 13.31 -33.06 26.98
CA ASP A 751 12.44 -33.49 28.06
C ASP A 751 12.79 -34.88 28.57
N HIS A 752 13.88 -35.46 28.06
CA HIS A 752 14.33 -36.76 28.52
C HIS A 752 15.83 -36.86 28.29
N VAL A 753 16.46 -37.75 29.05
CA VAL A 753 17.88 -38.07 28.88
C VAL A 753 18.04 -39.56 29.11
N PHE A 754 18.54 -40.27 28.10
CA PHE A 754 18.69 -41.72 28.16
C PHE A 754 20.09 -42.09 28.67
N LEU A 755 20.13 -42.89 29.74
CA LEU A 755 21.37 -43.39 30.34
C LEU A 755 21.70 -44.79 29.83
N PRO A 756 23.00 -45.09 29.62
CA PRO A 756 24.14 -44.21 29.90
C PRO A 756 24.39 -43.18 28.80
N ILE A 757 25.12 -42.14 29.14
CA ILE A 757 25.40 -41.06 28.20
C ILE A 757 26.65 -41.40 27.40
N PRO A 758 26.61 -41.29 26.08
CA PRO A 758 27.79 -41.60 25.26
C PRO A 758 29.02 -40.83 25.71
N ASN A 759 30.17 -41.53 25.71
CA ASN A 759 31.48 -40.92 25.89
C ASN A 759 31.58 -40.16 27.22
N TRP A 760 30.99 -40.72 28.26
CA TRP A 760 31.08 -40.14 29.60
C TRP A 760 32.06 -40.92 30.45
N GLU A 761 32.85 -40.20 31.24
CA GLU A 761 33.83 -40.80 32.12
C GLU A 761 33.92 -39.94 33.39
N HIS A 762 33.87 -40.59 34.55
CA HIS A 762 33.90 -39.89 35.82
C HIS A 762 35.16 -39.04 35.93
N LYS A 763 34.98 -37.74 36.11
CA LYS A 763 36.09 -36.83 36.41
C LYS A 763 36.05 -36.48 37.89
N GLU A 764 37.22 -36.55 38.55
CA GLU A 764 37.31 -36.18 39.96
C GLU A 764 36.90 -34.73 40.17
N ASN A 765 37.44 -33.84 39.32
CA ASN A 765 37.11 -32.42 39.36
C ASN A 765 36.74 -32.00 37.94
N PRO A 766 35.45 -31.88 37.62
CA PRO A 766 35.04 -31.59 36.24
C PRO A 766 35.18 -30.10 35.93
N GLU A 767 35.66 -29.82 34.73
CA GLU A 767 35.88 -28.45 34.27
C GLU A 767 34.99 -28.05 33.10
N THR A 768 34.85 -28.91 32.09
CA THR A 768 34.05 -28.60 30.91
C THR A 768 32.60 -29.01 31.15
N GLU A 769 31.71 -28.58 30.23
CA GLU A 769 30.34 -29.10 30.22
C GLU A 769 30.31 -30.58 29.91
N GLU A 770 31.14 -31.02 28.94
CA GLU A 770 31.14 -32.42 28.52
C GLU A 770 31.51 -33.36 29.66
N ASP A 771 32.23 -32.87 30.68
CA ASP A 771 32.59 -33.70 31.82
C ASP A 771 31.40 -33.93 32.76
N VAL A 772 30.53 -32.93 32.92
CA VAL A 772 29.45 -33.04 33.90
C VAL A 772 28.30 -33.87 33.37
N GLY A 773 27.80 -33.54 32.18
CA GLY A 773 26.70 -34.27 31.60
C GLY A 773 26.09 -33.54 30.41
N PRO A 774 24.94 -34.03 29.96
CA PRO A 774 24.25 -33.38 28.84
C PRO A 774 23.65 -32.04 29.25
N VAL A 775 23.09 -31.32 28.29
CA VAL A 775 22.55 -29.99 28.53
C VAL A 775 21.03 -30.09 28.57
N VAL A 776 20.45 -29.86 29.75
CA VAL A 776 19.00 -29.77 29.90
C VAL A 776 18.63 -28.30 30.04
N GLN A 777 17.57 -27.89 29.33
CA GLN A 777 17.16 -26.49 29.27
C GLN A 777 15.69 -26.41 29.63
N HIS A 778 15.38 -25.69 30.70
CA HIS A 778 14.01 -25.34 31.02
C HIS A 778 13.73 -23.93 30.55
N ILE A 779 12.56 -23.73 29.94
CA ILE A 779 12.12 -22.41 29.51
C ILE A 779 10.75 -22.16 30.07
N TYR A 780 10.61 -21.11 30.88
CA TYR A 780 9.33 -20.69 31.44
C TYR A 780 8.91 -19.36 30.80
N GLU A 781 7.65 -19.27 30.43
CA GLU A 781 7.11 -18.08 29.79
C GLU A 781 5.93 -17.56 30.59
N LEU A 782 5.94 -16.28 30.91
CA LEU A 782 4.80 -15.61 31.53
C LEU A 782 4.20 -14.70 30.47
N ARG A 783 3.03 -15.09 29.96
CA ARG A 783 2.39 -14.45 28.82
C ARG A 783 1.10 -13.79 29.29
N ASN A 784 0.95 -12.50 28.99
CA ASN A 784 -0.26 -11.76 29.29
C ASN A 784 -1.11 -11.65 28.03
N ASN A 785 -2.29 -12.24 28.06
CA ASN A 785 -3.16 -12.32 26.90
C ASN A 785 -4.41 -11.45 27.00
N GLY A 786 -5.03 -11.38 28.18
CA GLY A 786 -6.24 -10.62 28.38
C GLY A 786 -6.08 -9.17 27.98
N PRO A 787 -7.20 -8.44 27.87
CA PRO A 787 -7.14 -7.07 27.35
C PRO A 787 -6.39 -6.11 28.27
N SER A 788 -6.75 -6.10 29.56
CA SER A 788 -6.12 -5.19 30.50
C SER A 788 -4.68 -5.62 30.79
N SER A 789 -3.81 -4.65 31.00
CA SER A 789 -2.40 -4.92 31.29
C SER A 789 -2.21 -5.15 32.80
N PHE A 790 -0.94 -5.21 33.23
CA PHE A 790 -0.60 -5.08 34.64
C PHE A 790 0.76 -4.40 34.76
N SER A 791 0.99 -3.80 35.93
CA SER A 791 2.20 -3.03 36.21
C SER A 791 3.31 -3.87 36.83
N LYS A 792 2.96 -4.69 37.81
CA LYS A 792 3.95 -5.50 38.54
C LYS A 792 3.37 -6.88 38.82
N ALA A 793 4.24 -7.89 38.77
CA ALA A 793 3.88 -9.23 39.21
C ALA A 793 5.15 -9.95 39.62
N MET A 794 4.97 -10.97 40.45
CA MET A 794 6.08 -11.80 40.90
C MET A 794 6.03 -13.15 40.22
N LEU A 795 7.19 -13.80 40.15
CA LEU A 795 7.32 -15.13 39.56
C LEU A 795 8.32 -15.93 40.38
N HIS A 796 7.89 -17.10 40.89
CA HIS A 796 8.70 -17.91 41.78
C HIS A 796 9.01 -19.25 41.12
N LEU A 797 10.30 -19.58 41.04
CA LEU A 797 10.77 -20.83 40.45
C LEU A 797 11.36 -21.72 41.54
N GLN A 798 10.83 -22.93 41.66
CA GLN A 798 11.40 -23.96 42.52
C GLN A 798 12.15 -24.96 41.67
N TRP A 799 13.40 -25.27 42.06
CA TRP A 799 14.31 -26.08 41.25
C TRP A 799 14.91 -27.22 42.07
N PRO A 800 14.85 -28.47 41.57
CA PRO A 800 15.41 -29.60 42.33
C PRO A 800 16.94 -29.63 42.26
N TYR A 801 17.58 -28.93 43.21
CA TYR A 801 19.04 -28.76 43.16
C TYR A 801 19.77 -30.03 43.58
N LYS A 802 19.35 -30.66 44.67
CA LYS A 802 20.08 -31.80 45.21
C LYS A 802 19.12 -32.82 45.79
N TYR A 803 19.61 -34.06 45.86
CA TYR A 803 18.88 -35.18 46.43
C TYR A 803 19.89 -36.07 47.14
N ASN A 804 19.68 -36.29 48.43
CA ASN A 804 20.64 -36.98 49.29
C ASN A 804 22.04 -36.39 49.12
N ASN A 805 22.09 -35.06 49.14
CA ASN A 805 23.35 -34.31 49.09
C ASN A 805 24.10 -34.57 47.77
N ASN A 806 23.34 -34.71 46.67
CA ASN A 806 23.92 -34.98 45.35
C ASN A 806 23.20 -34.18 44.27
N THR A 807 23.98 -33.48 43.45
CA THR A 807 23.44 -32.58 42.42
C THR A 807 22.61 -33.32 41.38
N LEU A 808 21.54 -32.67 40.90
CA LEU A 808 20.72 -33.25 39.83
C LEU A 808 20.76 -32.42 38.55
N LEU A 809 20.33 -31.16 38.60
CA LEU A 809 20.28 -30.29 37.43
C LEU A 809 21.09 -29.04 37.76
N TYR A 810 22.40 -29.12 37.54
CA TYR A 810 23.32 -28.06 37.96
C TYR A 810 23.10 -26.84 37.09
N ILE A 811 22.47 -25.81 37.65
CA ILE A 811 22.15 -24.60 36.88
C ILE A 811 23.46 -23.91 36.53
N LEU A 812 23.72 -23.78 35.24
CA LEU A 812 24.94 -23.18 34.70
C LEU A 812 24.80 -21.68 34.51
N HIS A 813 23.66 -21.25 33.96
CA HIS A 813 23.44 -19.85 33.61
C HIS A 813 21.96 -19.66 33.36
N TYR A 814 21.47 -18.45 33.60
CA TYR A 814 20.09 -18.14 33.25
C TYR A 814 20.00 -16.77 32.60
N ASP A 815 19.07 -16.65 31.66
CA ASP A 815 18.83 -15.44 30.89
C ASP A 815 17.37 -15.02 31.03
N ILE A 816 17.10 -13.77 30.65
CA ILE A 816 15.75 -13.21 30.72
C ILE A 816 15.46 -12.48 29.41
N ASP A 817 14.24 -12.64 28.91
CA ASP A 817 13.77 -11.98 27.70
C ASP A 817 12.50 -11.23 28.09
N GLY A 818 12.61 -9.93 28.31
CA GLY A 818 11.47 -9.14 28.69
C GLY A 818 11.69 -8.27 29.91
N PRO A 819 10.59 -7.64 30.39
CA PRO A 819 10.64 -6.75 31.57
C PRO A 819 10.68 -7.50 32.89
N MET A 820 11.88 -7.97 33.26
CA MET A 820 11.96 -8.87 34.40
C MET A 820 13.39 -8.91 34.91
N ASN A 821 13.53 -8.89 36.24
CA ASN A 821 14.80 -9.10 36.93
C ASN A 821 14.63 -10.31 37.83
N CYS A 822 15.60 -11.23 37.79
CA CYS A 822 15.51 -12.41 38.64
C CYS A 822 16.69 -12.47 39.62
N THR A 823 16.47 -13.24 40.68
CA THR A 823 17.46 -13.44 41.74
C THR A 823 17.36 -14.86 42.24
N SER A 824 18.51 -15.52 42.40
CA SER A 824 18.59 -16.89 42.88
C SER A 824 19.10 -16.87 44.31
N ASP A 825 18.44 -17.62 45.19
CA ASP A 825 18.85 -17.68 46.59
C ASP A 825 20.13 -18.47 46.80
N MET A 826 20.78 -18.95 45.74
CA MET A 826 22.05 -19.65 45.81
C MET A 826 22.96 -19.15 44.70
N GLU A 827 24.26 -19.17 44.97
CA GLU A 827 25.24 -18.80 43.96
C GLU A 827 25.08 -19.70 42.74
N ILE A 828 25.01 -19.08 41.56
CA ILE A 828 24.85 -19.81 40.30
C ILE A 828 26.22 -20.21 39.81
N ASN A 829 26.37 -21.48 39.42
CA ASN A 829 27.60 -22.04 38.87
C ASN A 829 28.78 -21.83 39.81
N PRO A 830 28.78 -22.47 40.99
CA PRO A 830 29.91 -22.27 41.92
C PRO A 830 31.25 -22.69 41.33
N LEU A 831 31.31 -23.88 40.73
CA LEU A 831 32.53 -24.44 40.19
C LEU A 831 33.00 -23.74 38.91
N ARG A 832 32.20 -22.83 38.35
CA ARG A 832 32.58 -22.04 37.18
C ARG A 832 32.94 -22.94 35.99
N ILE A 833 31.97 -23.73 35.57
CA ILE A 833 32.08 -24.44 34.30
C ILE A 833 32.13 -23.42 33.17
N LYS A 834 32.84 -23.76 32.08
CA LYS A 834 32.99 -22.77 31.02
C LYS A 834 31.91 -22.91 29.95
N ILE A 835 31.93 -24.03 29.23
CA ILE A 835 31.01 -24.33 28.12
C ILE A 835 31.48 -25.63 27.48
N ASP A 868 7.27 -48.50 37.55
CA ASP A 868 7.02 -47.15 38.01
C ASP A 868 8.23 -46.23 37.83
N ILE A 869 8.09 -44.98 38.28
CA ILE A 869 9.15 -43.98 38.20
C ILE A 869 9.01 -43.05 39.40
N HIS A 870 10.15 -42.71 40.01
CA HIS A 870 10.18 -41.91 41.24
C HIS A 870 10.44 -40.44 40.90
N THR A 871 9.51 -39.58 41.29
CA THR A 871 9.55 -38.15 40.97
C THR A 871 10.32 -37.38 42.03
N LEU A 872 11.15 -36.43 41.58
CA LEU A 872 11.97 -35.60 42.47
C LEU A 872 11.55 -34.14 42.34
N GLY A 873 10.78 -33.64 43.31
CA GLY A 873 10.42 -32.24 43.38
C GLY A 873 11.07 -31.54 44.56
N CYS A 874 10.43 -30.52 45.14
CA CYS A 874 10.92 -29.93 46.38
C CYS A 874 10.39 -30.62 47.63
N GLY A 875 9.31 -31.41 47.49
CA GLY A 875 8.79 -32.12 48.64
C GLY A 875 9.73 -33.18 49.16
N VAL A 876 10.63 -33.69 48.30
CA VAL A 876 11.53 -34.76 48.70
C VAL A 876 12.98 -34.45 48.31
N ALA A 877 13.26 -33.21 47.90
CA ALA A 877 14.61 -32.86 47.51
C ALA A 877 14.94 -31.41 47.89
N GLN A 878 16.24 -31.17 48.07
CA GLN A 878 16.73 -29.86 48.45
C GLN A 878 16.55 -28.89 47.29
N CYS A 879 15.84 -27.80 47.53
CA CYS A 879 15.46 -26.91 46.44
C CYS A 879 16.22 -25.60 46.47
N LEU A 880 16.44 -25.09 45.27
CA LEU A 880 17.06 -23.80 44.99
C LEU A 880 16.00 -22.98 44.28
N LYS A 881 15.64 -21.83 44.84
CA LYS A 881 14.56 -21.05 44.26
C LYS A 881 15.09 -19.80 43.57
N ILE A 882 14.36 -19.35 42.56
CA ILE A 882 14.67 -18.14 41.81
C ILE A 882 13.42 -17.28 41.82
N VAL A 883 13.56 -16.04 42.26
CA VAL A 883 12.45 -15.09 42.37
C VAL A 883 12.66 -13.98 41.35
N CYS A 884 11.61 -13.67 40.59
CA CYS A 884 11.66 -12.72 39.50
C CYS A 884 10.65 -11.61 39.71
N GLN A 885 11.05 -10.37 39.41
CA GLN A 885 10.17 -9.22 39.51
C GLN A 885 9.77 -8.81 38.10
N VAL A 886 8.48 -8.93 37.78
CA VAL A 886 7.99 -8.63 36.44
C VAL A 886 7.50 -7.20 36.36
N GLY A 887 7.97 -6.48 35.36
CA GLY A 887 7.49 -5.14 35.06
C GLY A 887 6.12 -5.15 34.40
N ARG A 888 5.89 -4.18 33.53
CA ARG A 888 4.59 -3.98 32.90
C ARG A 888 4.48 -4.87 31.67
N LEU A 889 3.51 -5.78 31.67
CA LEU A 889 3.19 -6.59 30.50
C LEU A 889 1.86 -6.11 29.94
N ASP A 890 1.85 -5.73 28.67
CA ASP A 890 0.64 -5.26 28.02
C ASP A 890 -0.09 -6.45 27.37
N ARG A 891 -1.07 -6.14 26.50
CA ARG A 891 -2.04 -7.13 26.02
C ARG A 891 -1.40 -8.27 25.25
N GLY A 892 -0.28 -8.03 24.58
CA GLY A 892 0.31 -9.11 23.81
C GLY A 892 1.80 -9.28 24.06
N LYS A 893 2.25 -8.96 25.26
CA LYS A 893 3.65 -9.07 25.61
C LYS A 893 3.84 -10.19 26.63
N SER A 894 5.07 -10.67 26.72
CA SER A 894 5.38 -11.74 27.66
C SER A 894 6.81 -11.60 28.14
N ALA A 895 7.11 -12.31 29.22
CA ALA A 895 8.43 -12.34 29.84
C ALA A 895 8.82 -13.80 30.00
N ILE A 896 10.07 -14.10 29.68
CA ILE A 896 10.53 -15.48 29.52
C ILE A 896 11.82 -15.66 30.31
N LEU A 897 11.96 -16.84 30.94
CA LEU A 897 13.14 -17.18 31.72
C LEU A 897 13.77 -18.45 31.14
N TYR A 898 15.03 -18.34 30.71
CA TYR A 898 15.78 -19.45 30.14
C TYR A 898 16.76 -19.98 31.18
N VAL A 899 16.59 -21.24 31.58
CA VAL A 899 17.47 -21.89 32.55
C VAL A 899 18.29 -22.94 31.80
N LYS A 900 19.62 -22.77 31.80
CA LYS A 900 20.54 -23.70 31.17
C LYS A 900 21.24 -24.50 32.27
N SER A 901 20.99 -25.81 32.30
CA SER A 901 21.55 -26.69 33.31
C SER A 901 22.33 -27.83 32.66
N LEU A 902 23.06 -28.56 33.50
CA LEU A 902 23.81 -29.75 33.11
C LEU A 902 23.38 -30.89 34.01
N LEU A 903 23.08 -32.05 33.42
CA LEU A 903 22.72 -33.22 34.20
C LEU A 903 23.94 -33.74 34.95
N TRP A 904 23.85 -33.81 36.27
CA TRP A 904 24.94 -34.33 37.09
C TRP A 904 24.93 -35.86 36.97
N THR A 905 25.74 -36.38 36.03
CA THR A 905 25.70 -37.80 35.73
C THR A 905 26.18 -38.64 36.91
N GLU A 906 27.22 -38.16 37.60
CA GLU A 906 27.79 -38.88 38.74
C GLU A 906 26.72 -39.33 39.72
N THR A 907 25.66 -38.55 39.87
CA THR A 907 24.61 -38.90 40.81
C THR A 907 23.85 -40.14 40.37
N PHE A 908 23.65 -40.32 39.06
CA PHE A 908 22.73 -41.34 38.57
C PHE A 908 23.43 -42.65 38.27
N MET A 909 24.54 -42.93 38.94
CA MET A 909 25.27 -44.19 38.78
C MET A 909 25.37 -44.99 40.06
N ASN A 910 25.76 -44.37 41.18
CA ASN A 910 26.17 -45.10 42.38
C ASN A 910 25.02 -45.80 43.09
N LYS A 911 24.07 -45.05 43.62
CA LYS A 911 22.95 -45.62 44.37
C LYS A 911 21.65 -45.55 43.58
N GLU A 912 21.70 -45.01 42.35
CA GLU A 912 20.56 -44.89 41.46
C GLU A 912 20.76 -45.81 40.25
N ASN A 913 21.24 -47.03 40.52
CA ASN A 913 22.04 -47.80 39.58
C ASN A 913 21.37 -48.03 38.23
N GLN A 914 20.37 -48.90 38.16
CA GLN A 914 19.86 -49.18 36.83
C GLN A 914 18.34 -49.15 36.73
N ASN A 915 17.64 -49.69 37.72
CA ASN A 915 16.19 -49.77 37.70
C ASN A 915 15.55 -48.57 38.34
N HIS A 916 16.35 -47.55 38.64
CA HIS A 916 15.90 -46.34 39.31
C HIS A 916 15.86 -45.23 38.26
N SER A 917 14.66 -44.97 37.73
CA SER A 917 14.41 -43.88 36.81
C SER A 917 13.72 -42.74 37.55
N TYR A 918 14.15 -41.52 37.26
CA TYR A 918 13.73 -40.34 37.99
C TYR A 918 13.04 -39.35 37.07
N SER A 919 12.12 -38.58 37.64
CA SER A 919 11.44 -37.48 36.98
C SER A 919 11.89 -36.20 37.68
N LEU A 920 12.75 -35.42 37.04
CA LEU A 920 13.29 -34.20 37.64
C LEU A 920 12.27 -33.08 37.47
N LYS A 921 11.50 -32.81 38.52
CA LYS A 921 10.35 -31.92 38.45
C LYS A 921 10.68 -30.56 39.04
N SER A 922 10.49 -29.51 38.25
CA SER A 922 10.55 -28.13 38.71
C SER A 922 9.19 -27.49 38.50
N SER A 923 8.98 -26.35 39.13
CA SER A 923 7.69 -25.68 39.05
C SER A 923 7.92 -24.18 39.08
N ALA A 924 6.99 -23.45 38.47
CA ALA A 924 7.00 -22.00 38.49
C ALA A 924 5.60 -21.48 38.72
N SER A 925 5.46 -20.54 39.65
CA SER A 925 4.20 -19.88 39.91
C SER A 925 4.40 -18.38 39.82
N PHE A 926 3.31 -17.68 39.55
CA PHE A 926 3.32 -16.23 39.44
C PHE A 926 2.12 -15.65 40.16
N ASN A 927 2.29 -14.43 40.67
CA ASN A 927 1.19 -13.69 41.28
C ASN A 927 1.23 -12.28 40.73
N VAL A 928 0.10 -11.81 40.21
CA VAL A 928 -0.02 -10.44 39.73
C VAL A 928 -0.42 -9.56 40.91
N ILE A 929 0.40 -8.55 41.21
CA ILE A 929 0.22 -7.76 42.41
C ILE A 929 -0.34 -6.37 42.12
N GLU A 930 -0.12 -5.83 40.92
CA GLU A 930 -0.38 -4.41 40.67
C GLU A 930 -0.87 -4.21 39.24
N PHE A 931 -1.76 -3.23 39.09
CA PHE A 931 -2.31 -2.84 37.80
C PHE A 931 -2.24 -1.32 37.64
N PRO A 932 -2.17 -0.82 36.40
CA PRO A 932 -2.16 0.65 36.21
C PRO A 932 -3.53 1.27 36.40
N TYR A 933 -4.59 0.46 36.43
CA TYR A 933 -5.95 0.95 36.55
C TYR A 933 -6.31 1.03 38.03
N LYS A 934 -5.91 2.14 38.64
CA LYS A 934 -6.38 2.40 39.99
C LYS A 934 -7.86 2.77 39.96
N ASN A 935 -8.49 2.81 41.13
CA ASN A 935 -9.90 3.13 41.35
C ASN A 935 -10.84 2.07 40.78
N LEU A 936 -10.32 0.96 40.24
CA LEU A 936 -11.16 -0.07 39.66
C LEU A 936 -11.10 -1.34 40.50
N PRO A 937 -12.13 -2.18 40.43
CA PRO A 937 -12.04 -3.51 41.05
C PRO A 937 -10.86 -4.30 40.49
N ILE A 938 -10.10 -4.90 41.39
CA ILE A 938 -8.84 -5.56 41.08
C ILE A 938 -8.87 -6.95 41.71
N GLU A 939 -8.74 -7.99 40.89
CA GLU A 939 -8.80 -9.36 41.36
C GLU A 939 -7.45 -10.04 41.13
N ASP A 940 -6.97 -10.77 42.15
CA ASP A 940 -5.65 -11.39 42.08
C ASP A 940 -5.61 -12.50 41.04
N ILE A 941 -4.52 -12.53 40.28
CA ILE A 941 -4.30 -13.48 39.21
C ILE A 941 -3.08 -14.30 39.59
N THR A 942 -3.28 -15.58 39.89
CA THR A 942 -2.22 -16.48 40.32
C THR A 942 -2.36 -17.79 39.57
N ASN A 943 -1.22 -18.37 39.18
CA ASN A 943 -1.24 -19.74 38.70
C ASN A 943 0.16 -20.33 38.77
N SER A 944 0.25 -21.61 38.45
CA SER A 944 1.49 -22.35 38.57
C SER A 944 1.55 -23.39 37.46
N THR A 945 2.77 -23.80 37.15
CA THR A 945 3.01 -24.84 36.15
C THR A 945 4.19 -25.67 36.63
N LEU A 946 4.42 -26.79 35.95
CA LEU A 946 5.53 -27.65 36.30
C LEU A 946 6.14 -28.23 35.02
N VAL A 947 7.44 -28.53 35.10
CA VAL A 947 8.24 -28.98 33.98
C VAL A 947 9.07 -30.16 34.42
N THR A 948 8.93 -31.30 33.75
CA THR A 948 9.65 -32.51 34.09
C THR A 948 10.75 -32.79 33.07
N THR A 949 11.88 -33.30 33.56
CA THR A 949 12.94 -33.87 32.74
C THR A 949 13.13 -35.30 33.21
N ASN A 950 12.64 -36.27 32.42
CA ASN A 950 12.62 -37.66 32.84
C ASN A 950 13.92 -38.34 32.43
N VAL A 951 14.64 -38.87 33.42
CA VAL A 951 15.87 -39.62 33.21
C VAL A 951 15.54 -41.10 33.27
N THR A 952 16.01 -41.87 32.29
CA THR A 952 15.64 -43.27 32.13
C THR A 952 16.88 -44.07 31.75
N TRP A 953 16.88 -45.34 32.13
CA TRP A 953 17.86 -46.30 31.65
C TRP A 953 17.29 -47.07 30.46
N GLY A 954 18.15 -47.38 29.49
CA GLY A 954 17.72 -48.05 28.28
C GLY A 954 18.09 -49.52 28.23
N ILE A 955 18.29 -50.13 29.40
CA ILE A 955 18.64 -51.54 29.53
C ILE A 955 17.49 -52.34 30.15
N GLN A 956 17.17 -52.04 31.41
CA GLN A 956 16.20 -52.79 32.20
C GLN A 956 15.79 -51.97 33.42
N GLY B 1 -44.77 -16.54 -2.84
CA GLY B 1 -45.53 -15.31 -3.01
C GLY B 1 -44.88 -14.08 -2.39
N PRO B 2 -44.93 -13.99 -1.04
CA PRO B 2 -44.21 -12.92 -0.32
C PRO B 2 -42.71 -13.23 -0.17
N ASN B 3 -41.98 -13.01 -1.25
CA ASN B 3 -40.55 -13.30 -1.32
C ASN B 3 -39.80 -12.13 -1.93
N ILE B 4 -38.47 -12.17 -1.77
CA ILE B 4 -37.59 -11.06 -2.17
C ILE B 4 -37.72 -10.76 -3.66
N CYS B 5 -37.97 -11.78 -4.47
CA CYS B 5 -38.09 -11.60 -5.91
C CYS B 5 -39.37 -10.86 -6.30
N THR B 6 -40.36 -10.82 -5.42
CA THR B 6 -41.65 -10.20 -5.66
C THR B 6 -41.67 -8.71 -5.30
N THR B 7 -40.51 -8.11 -5.04
CA THR B 7 -40.42 -6.71 -4.64
C THR B 7 -39.86 -5.82 -5.73
N ARG B 8 -38.76 -6.22 -6.36
CA ARG B 8 -38.14 -5.43 -7.42
C ARG B 8 -38.32 -6.02 -8.81
N GLY B 9 -38.58 -7.33 -8.91
CA GLY B 9 -38.74 -7.95 -10.21
C GLY B 9 -40.00 -7.55 -10.94
N VAL B 10 -40.99 -7.02 -10.22
CA VAL B 10 -42.29 -6.68 -10.82
C VAL B 10 -42.21 -5.52 -11.80
N SER B 11 -41.07 -4.81 -11.85
CA SER B 11 -40.98 -3.61 -12.68
C SER B 11 -40.85 -3.93 -14.17
N SER B 12 -39.96 -4.85 -14.52
CA SER B 12 -39.67 -5.16 -15.93
C SER B 12 -38.99 -6.52 -15.99
N CYS B 13 -38.61 -6.92 -17.21
CA CYS B 13 -37.89 -8.17 -17.40
C CYS B 13 -36.42 -8.02 -17.00
N GLN B 14 -35.74 -6.99 -17.51
CA GLN B 14 -34.35 -6.71 -17.16
C GLN B 14 -34.16 -6.66 -15.65
N GLN B 15 -34.92 -5.80 -14.97
CA GLN B 15 -34.82 -5.62 -13.54
C GLN B 15 -35.31 -6.83 -12.74
N CYS B 16 -35.90 -7.83 -13.41
CA CYS B 16 -36.27 -9.07 -12.73
C CYS B 16 -35.07 -10.01 -12.62
N LEU B 17 -34.41 -10.28 -13.75
CA LEU B 17 -33.21 -11.12 -13.74
C LEU B 17 -32.09 -10.48 -12.91
N ALA B 18 -32.11 -9.15 -12.76
CA ALA B 18 -31.00 -8.45 -12.14
C ALA B 18 -30.99 -8.61 -10.62
N VAL B 19 -32.14 -8.83 -9.99
CA VAL B 19 -32.20 -8.75 -8.55
C VAL B 19 -31.77 -10.05 -7.88
N SER B 20 -32.02 -11.20 -8.50
CA SER B 20 -31.61 -12.47 -7.94
C SER B 20 -31.39 -13.48 -9.04
N PRO B 21 -30.45 -14.41 -8.89
CA PRO B 21 -30.37 -15.52 -9.85
C PRO B 21 -31.53 -16.50 -9.73
N MET B 22 -32.27 -16.51 -8.61
CA MET B 22 -33.37 -17.44 -8.46
C MET B 22 -34.65 -16.97 -9.13
N CYS B 23 -34.68 -15.73 -9.62
CA CYS B 23 -35.90 -15.14 -10.16
C CYS B 23 -36.27 -15.73 -11.51
N ALA B 24 -37.58 -15.76 -11.78
CA ALA B 24 -38.10 -16.19 -13.08
C ALA B 24 -39.19 -15.23 -13.51
N TRP B 25 -39.24 -14.94 -14.81
CA TRP B 25 -40.17 -13.99 -15.39
C TRP B 25 -40.94 -14.64 -16.53
N CYS B 26 -42.25 -14.40 -16.57
CA CYS B 26 -43.11 -14.91 -17.65
C CYS B 26 -43.72 -13.73 -18.40
N SER B 27 -43.33 -13.59 -19.67
CA SER B 27 -43.98 -12.68 -20.61
C SER B 27 -44.65 -13.56 -21.66
N ASP B 28 -45.86 -14.03 -21.34
CA ASP B 28 -46.50 -15.03 -22.18
C ASP B 28 -46.93 -14.45 -23.52
N GLU B 29 -47.38 -13.19 -23.53
CA GLU B 29 -48.13 -12.52 -24.59
C GLU B 29 -49.55 -13.09 -24.73
N ALA B 30 -49.91 -14.10 -23.94
CA ALA B 30 -51.21 -14.75 -24.00
C ALA B 30 -51.97 -14.76 -22.69
N LEU B 31 -51.31 -15.00 -21.55
CA LEU B 31 -51.98 -15.22 -20.27
C LEU B 31 -51.55 -14.18 -19.24
N PRO B 32 -52.24 -13.04 -19.17
CA PRO B 32 -52.08 -12.13 -18.04
C PRO B 32 -53.10 -12.40 -16.94
N LEU B 33 -52.67 -12.18 -15.69
CA LEU B 33 -53.51 -12.44 -14.53
C LEU B 33 -53.66 -11.25 -13.59
N GLY B 34 -52.59 -10.49 -13.37
CA GLY B 34 -52.52 -9.52 -12.30
C GLY B 34 -51.59 -9.94 -11.18
N SER B 35 -51.13 -11.19 -11.17
CA SER B 35 -50.10 -11.64 -10.25
C SER B 35 -48.77 -11.01 -10.65
N PRO B 36 -47.75 -11.09 -9.80
CA PRO B 36 -46.42 -10.59 -10.19
C PRO B 36 -45.85 -11.43 -11.32
N ARG B 37 -45.43 -10.76 -12.40
CA ARG B 37 -44.84 -11.45 -13.55
C ARG B 37 -43.39 -11.88 -13.31
N CYS B 38 -42.88 -11.73 -12.09
CA CYS B 38 -41.52 -12.15 -11.74
C CYS B 38 -41.54 -12.62 -10.29
N ASP B 39 -41.77 -13.92 -10.10
CA ASP B 39 -41.86 -14.51 -8.76
C ASP B 39 -40.79 -15.56 -8.53
N LEU B 40 -40.75 -16.64 -9.32
CA LEU B 40 -39.89 -17.78 -9.04
C LEU B 40 -40.08 -18.77 -10.18
N LYS B 41 -39.19 -19.75 -10.26
CA LYS B 41 -39.31 -20.78 -11.27
C LYS B 41 -40.45 -21.75 -10.93
N GLU B 42 -40.65 -22.04 -9.64
CA GLU B 42 -41.65 -22.99 -9.21
C GLU B 42 -42.99 -22.36 -8.88
N ASN B 43 -42.99 -21.11 -8.37
CA ASN B 43 -44.22 -20.38 -8.08
C ASN B 43 -44.99 -20.05 -9.36
N LEU B 44 -44.43 -20.41 -10.51
CA LEU B 44 -45.15 -20.35 -11.78
C LEU B 44 -45.70 -21.71 -12.19
N LEU B 45 -46.08 -22.54 -11.21
CA LEU B 45 -46.81 -23.78 -11.51
C LEU B 45 -48.16 -23.46 -12.15
N LYS B 46 -49.02 -22.77 -11.40
CA LYS B 46 -50.21 -22.21 -12.02
C LYS B 46 -49.81 -20.91 -12.74
N ASP B 47 -50.62 -20.54 -13.74
CA ASP B 47 -50.26 -19.47 -14.68
C ASP B 47 -48.97 -19.87 -15.41
N ASN B 48 -49.08 -20.96 -16.16
CA ASN B 48 -47.89 -21.71 -16.58
C ASN B 48 -47.04 -20.94 -17.58
N CYS B 49 -47.63 -20.56 -18.72
CA CYS B 49 -46.90 -20.00 -19.86
C CYS B 49 -45.60 -20.77 -20.11
N ALA B 50 -45.69 -22.11 -20.05
CA ALA B 50 -44.49 -22.93 -19.86
C ALA B 50 -43.62 -23.05 -21.10
N PRO B 51 -44.13 -23.52 -22.26
CA PRO B 51 -43.21 -23.95 -23.34
C PRO B 51 -42.19 -22.90 -23.77
N GLU B 52 -42.65 -21.71 -24.12
CA GLU B 52 -41.78 -20.58 -24.35
C GLU B 52 -42.25 -19.47 -23.39
N SER B 53 -41.72 -18.28 -23.60
CA SER B 53 -42.20 -17.07 -22.91
C SER B 53 -41.91 -17.12 -21.41
N ILE B 54 -41.34 -18.22 -20.90
CA ILE B 54 -40.75 -18.25 -19.57
C ILE B 54 -39.27 -17.97 -19.72
N GLU B 55 -38.82 -16.89 -19.07
CA GLU B 55 -37.43 -16.46 -19.13
C GLU B 55 -36.76 -16.86 -17.81
N PHE B 56 -35.90 -17.87 -17.87
CA PHE B 56 -35.12 -18.32 -16.73
C PHE B 56 -33.76 -18.79 -17.20
N PRO B 57 -32.82 -17.86 -17.40
CA PRO B 57 -31.45 -18.26 -17.71
C PRO B 57 -30.74 -18.81 -16.49
N VAL B 58 -29.84 -19.77 -16.72
CA VAL B 58 -29.01 -20.34 -15.67
C VAL B 58 -27.54 -20.29 -16.09
N SER B 59 -26.67 -19.94 -15.15
CA SER B 59 -25.26 -19.80 -15.44
C SER B 59 -24.62 -21.15 -15.76
N GLU B 60 -23.51 -21.12 -16.49
CA GLU B 60 -22.87 -22.33 -16.97
C GLU B 60 -21.36 -22.19 -16.92
N ALA B 61 -20.70 -23.23 -16.44
CA ALA B 61 -19.25 -23.39 -16.54
C ALA B 61 -19.01 -24.52 -17.53
N ARG B 62 -18.69 -24.16 -18.77
CA ARG B 62 -18.69 -25.08 -19.89
C ARG B 62 -17.25 -25.28 -20.40
N VAL B 63 -16.80 -26.53 -20.45
CA VAL B 63 -15.45 -26.82 -20.89
C VAL B 63 -15.45 -27.01 -22.41
N LEU B 64 -14.49 -26.35 -23.08
CA LEU B 64 -14.37 -26.43 -24.53
C LEU B 64 -13.10 -27.13 -25.00
N GLU B 65 -12.10 -27.28 -24.13
CA GLU B 65 -10.87 -27.96 -24.49
C GLU B 65 -10.19 -28.42 -23.21
N ASP B 66 -10.15 -29.76 -22.97
CA ASP B 66 -9.39 -30.32 -21.84
C ASP B 66 -8.54 -31.48 -22.34
N ARG B 67 -7.37 -31.15 -22.87
CA ARG B 67 -6.43 -32.18 -23.27
C ARG B 67 -5.86 -32.87 -22.03
N PRO B 68 -5.57 -34.17 -22.12
CA PRO B 68 -5.00 -34.87 -20.97
C PRO B 68 -3.60 -34.35 -20.61
N LEU B 69 -3.34 -34.25 -19.30
CA LEU B 69 -2.03 -33.86 -18.82
C LEU B 69 -0.97 -34.82 -19.34
N SER B 70 0.12 -34.27 -19.87
CA SER B 70 1.22 -35.08 -20.34
C SER B 70 1.89 -35.83 -19.18
N ASP B 71 2.46 -36.98 -19.49
CA ASP B 71 3.22 -37.73 -18.51
C ASP B 71 4.69 -37.34 -18.52
N LYS B 72 5.23 -36.94 -19.67
CA LYS B 72 6.59 -36.45 -19.79
C LYS B 72 6.64 -35.46 -20.95
N GLY B 73 7.53 -34.46 -20.83
CA GLY B 73 7.62 -33.41 -21.83
C GLY B 73 8.71 -33.62 -22.86
N SER B 74 8.90 -34.85 -23.32
CA SER B 74 9.98 -35.19 -24.25
C SER B 74 9.39 -35.81 -25.52
N GLY B 75 9.06 -34.97 -26.48
CA GLY B 75 8.58 -35.43 -27.79
C GLY B 75 7.38 -36.35 -27.72
N ASP B 76 6.30 -35.89 -27.08
CA ASP B 76 5.06 -36.65 -26.95
C ASP B 76 4.20 -36.61 -28.23
N SER B 77 4.83 -36.22 -29.34
CA SER B 77 4.24 -36.15 -30.68
C SER B 77 3.27 -34.97 -30.81
N SER B 78 2.94 -34.31 -29.70
CA SER B 78 2.08 -33.12 -29.78
C SER B 78 1.99 -32.45 -28.42
N GLN B 79 2.08 -31.11 -28.43
CA GLN B 79 1.45 -30.25 -27.44
C GLN B 79 1.62 -30.74 -26.00
N VAL B 80 2.85 -30.70 -25.48
CA VAL B 80 3.05 -30.96 -24.06
C VAL B 80 2.07 -30.14 -23.25
N THR B 81 1.32 -30.81 -22.38
CA THR B 81 0.18 -30.19 -21.69
C THR B 81 0.39 -30.27 -20.19
N GLN B 82 0.66 -29.12 -19.56
CA GLN B 82 0.88 -29.08 -18.13
C GLN B 82 -0.33 -28.58 -17.35
N VAL B 83 -1.38 -28.16 -18.03
CA VAL B 83 -2.58 -27.65 -17.37
C VAL B 83 -3.81 -28.19 -18.09
N SER B 84 -4.85 -28.53 -17.33
CA SER B 84 -6.11 -28.99 -17.87
C SER B 84 -7.22 -28.57 -16.93
N PRO B 85 -8.37 -28.09 -17.44
CA PRO B 85 -8.64 -27.89 -18.88
C PRO B 85 -7.86 -26.71 -19.46
N GLN B 86 -8.02 -26.42 -20.76
CA GLN B 86 -7.35 -25.31 -21.41
C GLN B 86 -8.26 -24.17 -21.83
N ARG B 87 -9.58 -24.34 -21.76
CA ARG B 87 -10.51 -23.33 -22.27
C ARG B 87 -11.89 -23.61 -21.69
N ILE B 88 -12.47 -22.62 -21.03
CA ILE B 88 -13.79 -22.75 -20.44
C ILE B 88 -14.64 -21.59 -20.94
N ALA B 89 -15.92 -21.86 -21.14
CA ALA B 89 -16.89 -20.83 -21.46
C ALA B 89 -17.72 -20.51 -20.22
N LEU B 90 -17.89 -19.23 -19.92
CA LEU B 90 -18.63 -18.79 -18.76
C LEU B 90 -19.84 -17.98 -19.22
N ARG B 91 -21.03 -18.41 -18.83
CA ARG B 91 -22.25 -17.63 -19.02
C ARG B 91 -22.76 -17.24 -17.63
N LEU B 92 -22.85 -15.94 -17.37
CA LEU B 92 -23.15 -15.44 -16.03
C LEU B 92 -24.33 -14.49 -16.08
N ARG B 93 -25.38 -14.81 -15.34
CA ARG B 93 -26.44 -13.84 -15.10
C ARG B 93 -26.11 -13.00 -13.87
N PRO B 94 -26.78 -11.86 -13.70
CA PRO B 94 -26.32 -10.89 -12.68
C PRO B 94 -26.31 -11.45 -11.27
N ASP B 95 -25.21 -11.16 -10.56
CA ASP B 95 -25.04 -11.51 -9.15
C ASP B 95 -25.04 -13.01 -8.93
N ASP B 96 -24.59 -13.76 -9.92
CA ASP B 96 -24.54 -15.22 -9.83
C ASP B 96 -23.10 -15.68 -9.96
N SER B 97 -22.80 -16.77 -9.26
CA SER B 97 -21.47 -17.35 -9.25
C SER B 97 -21.53 -18.79 -9.71
N LYS B 98 -20.57 -19.19 -10.53
CA LYS B 98 -20.44 -20.55 -11.01
C LYS B 98 -18.98 -20.93 -10.93
N ASN B 99 -18.68 -22.07 -10.31
CA ASN B 99 -17.31 -22.45 -10.01
C ASN B 99 -16.86 -23.62 -10.87
N PHE B 100 -15.55 -23.77 -10.97
CA PHE B 100 -14.89 -24.83 -11.74
C PHE B 100 -13.58 -25.17 -11.04
N SER B 101 -12.73 -25.95 -11.72
CA SER B 101 -11.46 -26.36 -11.15
C SER B 101 -10.44 -26.53 -12.25
N ILE B 102 -9.16 -26.49 -11.86
CA ILE B 102 -8.08 -26.53 -12.82
C ILE B 102 -6.97 -27.41 -12.27
N GLN B 103 -6.34 -28.18 -13.15
CA GLN B 103 -5.34 -29.18 -12.80
C GLN B 103 -3.99 -28.76 -13.37
N VAL B 104 -2.97 -28.74 -12.53
CA VAL B 104 -1.65 -28.27 -12.94
C VAL B 104 -0.64 -29.35 -12.57
N ARG B 105 0.27 -29.64 -13.51
CA ARG B 105 1.29 -30.65 -13.32
C ARG B 105 2.61 -30.15 -13.89
N GLN B 106 3.68 -30.30 -13.11
CA GLN B 106 5.03 -30.00 -13.58
C GLN B 106 5.62 -31.29 -14.13
N VAL B 107 5.57 -31.44 -15.46
CA VAL B 107 5.97 -32.72 -16.06
C VAL B 107 7.46 -32.96 -15.87
N GLU B 108 7.84 -34.23 -15.97
CA GLU B 108 9.24 -34.61 -15.94
C GLU B 108 9.86 -34.49 -17.34
N ASP B 109 11.18 -34.33 -17.36
CA ASP B 109 11.94 -34.10 -18.59
C ASP B 109 11.32 -32.95 -19.39
N TYR B 110 11.19 -31.81 -18.73
CA TYR B 110 10.79 -30.61 -19.45
C TYR B 110 12.03 -29.95 -20.06
N PRO B 111 11.92 -29.35 -21.25
CA PRO B 111 13.09 -28.71 -21.86
C PRO B 111 13.50 -27.47 -21.09
N VAL B 112 14.81 -27.30 -20.92
CA VAL B 112 15.37 -26.17 -20.18
C VAL B 112 16.21 -25.30 -21.11
N ASP B 113 16.01 -23.98 -21.04
CA ASP B 113 16.84 -23.00 -21.69
C ASP B 113 17.60 -22.21 -20.63
N ILE B 114 18.89 -21.97 -20.87
CA ILE B 114 19.73 -21.21 -19.95
C ILE B 114 20.46 -20.14 -20.73
N TYR B 115 20.19 -18.87 -20.39
CA TYR B 115 20.93 -17.74 -20.93
C TYR B 115 21.72 -17.09 -19.79
N TYR B 116 22.99 -16.84 -20.05
CA TYR B 116 23.93 -16.35 -19.03
C TYR B 116 24.23 -14.88 -19.26
N LEU B 117 24.10 -14.08 -18.21
CA LEU B 117 24.52 -12.69 -18.24
C LEU B 117 25.76 -12.59 -17.37
N MET B 118 26.88 -12.21 -17.98
CA MET B 118 28.16 -12.17 -17.31
C MET B 118 28.61 -10.72 -17.14
N ASP B 119 28.96 -10.35 -15.91
CA ASP B 119 29.62 -9.08 -15.66
C ASP B 119 31.03 -9.14 -16.21
N LEU B 120 31.33 -8.29 -17.19
CA LEU B 120 32.67 -8.22 -17.77
C LEU B 120 33.41 -6.94 -17.37
N SER B 121 33.16 -6.44 -16.16
CA SER B 121 33.89 -5.27 -15.67
C SER B 121 35.22 -5.70 -15.07
N TYR B 122 36.06 -4.71 -14.76
CA TYR B 122 37.40 -4.99 -14.25
C TYR B 122 37.34 -5.80 -12.96
N SER B 123 36.39 -5.49 -12.08
CA SER B 123 36.32 -6.22 -10.81
C SER B 123 36.16 -7.72 -11.04
N MET B 124 35.58 -8.12 -12.16
CA MET B 124 35.32 -9.52 -12.43
C MET B 124 36.56 -10.29 -12.90
N LYS B 125 37.73 -9.66 -12.86
CA LYS B 125 38.95 -10.32 -13.31
C LYS B 125 39.25 -11.54 -12.43
N ASP B 126 38.95 -11.44 -11.13
CA ASP B 126 39.21 -12.53 -10.20
C ASP B 126 38.00 -13.46 -10.03
N ASP B 127 37.01 -13.34 -10.91
CA ASP B 127 35.79 -14.13 -10.83
C ASP B 127 35.52 -14.91 -12.11
N LEU B 128 36.40 -14.83 -13.11
CA LEU B 128 36.21 -15.54 -14.38
C LEU B 128 36.46 -17.04 -14.26
N TRP B 129 36.91 -17.53 -13.10
CA TRP B 129 37.01 -18.98 -12.89
C TRP B 129 35.67 -19.66 -13.09
N SER B 130 34.58 -19.03 -12.62
CA SER B 130 33.25 -19.62 -12.65
C SER B 130 32.71 -19.82 -14.06
N ILE B 131 33.37 -19.25 -15.07
CA ILE B 131 32.84 -19.26 -16.42
C ILE B 131 33.68 -20.08 -17.38
N GLN B 132 34.89 -20.49 -16.99
CA GLN B 132 35.66 -21.41 -17.83
C GLN B 132 35.03 -22.79 -17.81
N ASN B 133 34.95 -23.41 -18.98
CA ASN B 133 34.32 -24.73 -19.15
C ASN B 133 32.88 -24.71 -18.63
N LEU B 134 32.16 -23.64 -18.98
CA LEU B 134 30.81 -23.49 -18.47
C LEU B 134 29.86 -24.49 -19.10
N GLY B 135 30.05 -24.79 -20.40
CA GLY B 135 29.14 -25.69 -21.07
C GLY B 135 29.19 -27.10 -20.50
N THR B 136 30.39 -27.62 -20.29
CA THR B 136 30.53 -28.87 -19.56
C THR B 136 30.07 -28.71 -18.12
N LYS B 137 30.16 -27.50 -17.57
CA LYS B 137 29.66 -27.25 -16.22
C LYS B 137 28.13 -27.27 -16.19
N LEU B 138 27.48 -26.93 -17.30
CA LEU B 138 26.02 -26.82 -17.35
C LEU B 138 25.35 -28.12 -17.79
N ALA B 139 25.87 -28.76 -18.85
CA ALA B 139 25.32 -30.05 -19.27
C ALA B 139 25.41 -31.07 -18.13
N THR B 140 26.51 -31.04 -17.37
CA THR B 140 26.71 -31.99 -16.27
C THR B 140 25.64 -31.84 -15.20
N GLN B 141 25.22 -30.61 -14.91
CA GLN B 141 24.16 -30.42 -13.92
C GLN B 141 22.82 -30.87 -14.48
N MET B 142 22.35 -30.20 -15.55
CA MET B 142 20.96 -30.32 -15.97
C MET B 142 20.62 -31.66 -16.59
N ARG B 143 21.63 -32.42 -17.05
CA ARG B 143 21.33 -33.68 -17.72
C ARG B 143 20.51 -34.60 -16.83
N LYS B 144 20.75 -34.56 -15.51
CA LYS B 144 19.98 -35.39 -14.59
C LYS B 144 18.50 -34.98 -14.56
N LEU B 145 18.19 -33.72 -14.86
CA LEU B 145 16.82 -33.25 -14.78
C LEU B 145 16.16 -33.10 -16.13
N THR B 146 16.93 -33.11 -17.22
CA THR B 146 16.31 -32.97 -18.53
C THR B 146 17.29 -33.41 -19.63
N SER B 147 16.72 -33.99 -20.69
CA SER B 147 17.36 -33.99 -21.99
C SER B 147 16.92 -32.73 -22.73
N ASN B 148 17.47 -32.50 -23.92
CA ASN B 148 17.11 -31.34 -24.72
C ASN B 148 17.38 -30.03 -23.96
N LEU B 149 18.65 -29.80 -23.67
CA LEU B 149 19.09 -28.57 -23.01
C LEU B 149 19.65 -27.61 -24.05
N ARG B 150 19.49 -26.31 -23.79
CA ARG B 150 20.03 -25.27 -24.64
C ARG B 150 20.66 -24.16 -23.81
N ILE B 151 21.80 -23.64 -24.27
CA ILE B 151 22.53 -22.60 -23.54
C ILE B 151 22.96 -21.50 -24.49
N GLY B 152 23.13 -20.30 -23.92
CA GLY B 152 23.65 -19.13 -24.61
C GLY B 152 24.05 -18.11 -23.55
N PHE B 153 24.67 -17.03 -23.99
CA PHE B 153 25.15 -16.06 -23.01
C PHE B 153 25.37 -14.70 -23.66
N GLY B 154 25.37 -13.67 -22.82
CA GLY B 154 25.75 -12.33 -23.20
C GLY B 154 26.56 -11.66 -22.10
N ALA B 155 27.00 -10.43 -22.37
CA ALA B 155 27.85 -9.68 -21.45
C ALA B 155 27.36 -8.24 -21.30
N PHE B 156 27.76 -7.63 -20.19
CA PHE B 156 27.40 -6.26 -19.88
C PHE B 156 28.49 -5.62 -19.03
N VAL B 157 28.73 -4.33 -19.23
CA VAL B 157 29.62 -3.62 -18.30
C VAL B 157 28.86 -2.48 -17.65
N ASP B 158 28.50 -1.47 -18.45
CA ASP B 158 27.75 -0.30 -17.98
C ASP B 158 27.41 0.60 -19.15
N LYS B 159 26.70 1.69 -18.90
CA LYS B 159 26.38 2.62 -19.96
C LYS B 159 27.65 3.27 -20.49
N PRO B 160 27.93 3.20 -21.78
CA PRO B 160 29.19 3.76 -22.31
C PRO B 160 29.14 5.28 -22.45
N VAL B 161 28.96 5.96 -21.32
CA VAL B 161 28.88 7.42 -21.27
C VAL B 161 29.55 7.90 -19.99
N SER B 162 29.73 9.20 -19.89
CA SER B 162 30.15 9.80 -18.64
C SER B 162 28.97 9.79 -17.67
N PRO B 163 29.22 9.62 -16.36
CA PRO B 163 30.52 9.48 -15.68
C PRO B 163 31.01 8.06 -15.54
N TYR B 164 30.36 7.12 -16.21
CA TYR B 164 30.77 5.73 -16.07
C TYR B 164 31.98 5.41 -16.93
N MET B 165 32.02 5.95 -18.14
CA MET B 165 33.03 5.61 -19.13
C MET B 165 34.34 6.37 -18.90
N TYR B 166 35.45 5.74 -19.30
CA TYR B 166 36.74 6.42 -19.32
C TYR B 166 36.81 7.22 -20.62
N ILE B 167 36.66 8.54 -20.51
CA ILE B 167 36.84 9.43 -21.66
C ILE B 167 38.16 10.20 -21.58
N SER B 168 39.01 9.90 -20.57
CA SER B 168 40.34 10.44 -20.29
C SER B 168 41.24 10.10 -21.48
N PRO B 169 42.52 10.51 -21.51
CA PRO B 169 43.21 10.77 -22.82
C PRO B 169 42.88 9.74 -23.87
N PRO B 170 42.66 10.16 -25.11
CA PRO B 170 42.03 9.27 -26.11
C PRO B 170 42.69 7.89 -26.22
N GLU B 171 43.91 7.75 -25.69
CA GLU B 171 44.50 6.43 -25.52
C GLU B 171 43.69 5.54 -24.58
N ALA B 172 42.70 6.10 -23.88
CA ALA B 172 41.83 5.35 -22.98
C ALA B 172 40.48 5.02 -23.58
N LEU B 173 40.22 5.45 -24.82
CA LEU B 173 38.96 5.08 -25.47
C LEU B 173 38.96 3.61 -25.86
N GLU B 174 40.02 3.15 -26.53
CA GLU B 174 40.13 1.76 -26.94
C GLU B 174 40.83 0.86 -25.93
N ASN B 175 41.44 1.45 -24.90
CA ASN B 175 42.11 0.70 -23.85
C ASN B 175 41.92 1.42 -22.52
N PRO B 176 40.79 1.19 -21.84
CA PRO B 176 40.53 1.90 -20.59
C PRO B 176 41.44 1.47 -19.45
N CYS B 177 42.23 0.43 -19.62
CA CYS B 177 43.26 0.09 -18.64
C CYS B 177 44.58 0.78 -18.97
N TYR B 178 44.53 1.83 -19.79
CA TYR B 178 45.73 2.58 -20.15
C TYR B 178 46.49 3.01 -18.91
N ASP B 179 45.81 3.71 -18.00
CA ASP B 179 46.46 4.24 -16.81
C ASP B 179 46.99 3.12 -15.93
N MET B 180 46.32 1.97 -15.91
CA MET B 180 46.80 0.82 -15.14
C MET B 180 48.07 0.23 -15.73
N LYS B 181 48.52 0.71 -16.90
CA LYS B 181 49.66 0.17 -17.64
C LYS B 181 49.49 -1.30 -17.99
N THR B 182 48.23 -1.70 -18.20
CA THR B 182 47.91 -2.96 -18.88
C THR B 182 46.92 -2.68 -19.99
N THR B 183 46.32 -3.71 -20.56
CA THR B 183 45.38 -3.54 -21.65
C THR B 183 44.12 -4.36 -21.38
N CYS B 184 42.98 -3.80 -21.73
CA CYS B 184 41.69 -4.47 -21.64
C CYS B 184 40.81 -3.94 -22.78
N LEU B 185 39.52 -4.16 -22.69
CA LEU B 185 38.66 -3.93 -23.84
C LEU B 185 37.87 -2.64 -23.67
N PRO B 186 37.44 -2.02 -24.78
CA PRO B 186 36.47 -0.93 -24.68
C PRO B 186 35.18 -1.44 -24.04
N MET B 187 34.51 -0.56 -23.31
CA MET B 187 33.32 -0.98 -22.60
C MET B 187 32.09 -0.97 -23.52
N PHE B 188 31.04 -1.63 -23.04
CA PHE B 188 29.80 -1.78 -23.78
C PHE B 188 28.65 -1.95 -22.80
N GLY B 189 27.45 -1.56 -23.25
CA GLY B 189 26.28 -1.71 -22.41
C GLY B 189 25.88 -3.16 -22.24
N TYR B 190 25.37 -3.77 -23.29
CA TYR B 190 24.99 -5.18 -23.28
C TYR B 190 25.25 -5.76 -24.67
N LYS B 191 26.01 -6.84 -24.70
CA LYS B 191 26.50 -7.41 -25.95
C LYS B 191 26.05 -8.87 -26.01
N HIS B 192 25.10 -9.16 -26.90
CA HIS B 192 24.68 -10.54 -27.13
C HIS B 192 25.76 -11.31 -27.88
N VAL B 193 26.18 -12.45 -27.32
CA VAL B 193 27.30 -13.22 -27.83
C VAL B 193 26.83 -14.49 -28.55
N LEU B 194 26.12 -15.35 -27.85
CA LEU B 194 25.78 -16.68 -28.35
C LEU B 194 24.29 -16.93 -28.14
N THR B 195 23.55 -17.03 -29.24
CA THR B 195 22.17 -17.48 -29.17
C THR B 195 22.11 -18.89 -28.59
N LEU B 196 20.96 -19.21 -27.97
CA LEU B 196 20.75 -20.52 -27.37
C LEU B 196 20.91 -21.65 -28.38
N THR B 197 21.95 -22.47 -28.24
CA THR B 197 22.12 -23.65 -29.08
C THR B 197 22.33 -24.86 -28.19
N ASP B 198 22.29 -26.03 -28.82
CA ASP B 198 22.58 -27.30 -28.16
C ASP B 198 24.02 -27.75 -28.40
N GLN B 199 24.90 -26.85 -28.78
CA GLN B 199 26.29 -27.17 -29.13
C GLN B 199 27.19 -26.70 -27.99
N VAL B 200 27.35 -27.56 -26.98
CA VAL B 200 28.22 -27.26 -25.85
C VAL B 200 29.63 -26.94 -26.33
N THR B 201 30.08 -27.58 -27.40
CA THR B 201 31.43 -27.34 -27.92
C THR B 201 31.63 -25.87 -28.28
N ARG B 202 30.75 -25.33 -29.14
CA ARG B 202 30.84 -23.93 -29.53
C ARG B 202 30.68 -23.00 -28.34
N PHE B 203 29.97 -23.45 -27.31
CA PHE B 203 29.76 -22.63 -26.12
C PHE B 203 31.07 -22.42 -25.37
N ASN B 204 31.73 -23.51 -24.98
CA ASN B 204 33.00 -23.38 -24.26
C ASN B 204 34.01 -22.58 -25.09
N GLU B 205 34.02 -22.81 -26.40
CA GLU B 205 34.97 -22.11 -27.26
C GLU B 205 34.69 -20.62 -27.26
N GLU B 206 33.43 -20.22 -27.46
CA GLU B 206 33.08 -18.82 -27.47
C GLU B 206 33.25 -18.18 -26.09
N VAL B 207 33.12 -18.98 -25.02
CA VAL B 207 33.22 -18.43 -23.68
C VAL B 207 34.68 -18.13 -23.32
N LYS B 208 35.61 -19.02 -23.68
CA LYS B 208 36.99 -18.89 -23.24
C LYS B 208 37.63 -17.60 -23.74
N LYS B 209 37.16 -17.08 -24.88
CA LYS B 209 37.70 -15.82 -25.39
C LYS B 209 37.43 -14.65 -24.45
N GLN B 210 36.30 -14.67 -23.74
CA GLN B 210 35.83 -13.51 -23.00
C GLN B 210 36.86 -13.03 -21.98
N SER B 211 37.02 -11.71 -21.89
CA SER B 211 37.89 -11.10 -20.90
C SER B 211 37.27 -9.78 -20.44
N VAL B 212 37.83 -9.22 -19.37
CA VAL B 212 37.21 -8.10 -18.69
C VAL B 212 37.49 -6.78 -19.40
N SER B 213 36.61 -5.82 -19.16
CA SER B 213 36.71 -4.42 -19.58
C SER B 213 36.77 -3.55 -18.32
N ARG B 214 36.65 -2.24 -18.49
CA ARG B 214 36.83 -1.34 -17.35
C ARG B 214 35.93 -0.12 -17.44
N ASN B 215 35.29 0.22 -16.32
CA ASN B 215 34.58 1.48 -16.17
C ASN B 215 34.91 2.02 -14.78
N ARG B 216 34.20 3.06 -14.33
CA ARG B 216 34.60 3.80 -13.16
C ARG B 216 33.91 3.35 -11.88
N ASP B 217 32.57 3.39 -11.83
CA ASP B 217 31.86 3.22 -10.57
C ASP B 217 31.42 1.78 -10.37
N ALA B 218 31.44 1.36 -9.10
CA ALA B 218 31.17 -0.03 -8.73
C ALA B 218 29.81 -0.56 -9.19
N PRO B 219 28.71 0.19 -9.09
CA PRO B 219 27.47 -0.27 -9.73
C PRO B 219 27.67 -0.45 -11.22
N GLU B 220 27.13 -1.55 -11.78
CA GLU B 220 27.37 -1.89 -13.17
C GLU B 220 26.12 -1.99 -14.03
N GLY B 221 24.93 -1.98 -13.44
CA GLY B 221 23.73 -2.00 -14.26
C GLY B 221 23.62 -3.18 -15.21
N GLY B 222 23.55 -4.38 -14.65
CA GLY B 222 23.08 -5.47 -15.48
C GLY B 222 21.60 -5.40 -15.78
N PHE B 223 20.84 -4.57 -15.06
CA PHE B 223 19.40 -4.49 -15.30
C PHE B 223 19.10 -4.08 -16.73
N ASP B 224 20.01 -3.34 -17.38
CA ASP B 224 19.88 -3.12 -18.81
C ASP B 224 19.95 -4.45 -19.57
N ALA B 225 20.85 -5.34 -19.16
CA ALA B 225 20.94 -6.64 -19.80
C ALA B 225 19.72 -7.49 -19.50
N ILE B 226 19.31 -7.55 -18.23
CA ILE B 226 18.18 -8.39 -17.85
C ILE B 226 16.97 -8.05 -18.68
N MET B 227 16.71 -6.76 -18.89
CA MET B 227 15.54 -6.33 -19.65
C MET B 227 15.63 -6.79 -21.09
N GLN B 228 16.76 -6.51 -21.76
CA GLN B 228 16.87 -6.83 -23.18
C GLN B 228 16.91 -8.34 -23.40
N ALA B 229 17.53 -9.08 -22.48
CA ALA B 229 17.56 -10.53 -22.59
C ALA B 229 16.17 -11.11 -22.45
N THR B 230 15.30 -10.42 -21.73
CA THR B 230 13.93 -10.88 -21.55
C THR B 230 13.07 -10.59 -22.76
N VAL B 231 13.14 -9.37 -23.30
CA VAL B 231 12.16 -8.92 -24.29
C VAL B 231 12.64 -9.07 -25.73
N CYS B 232 13.90 -9.43 -25.97
CA CYS B 232 14.38 -9.70 -27.32
C CYS B 232 14.25 -11.20 -27.57
N ASP B 233 13.02 -11.61 -27.86
CA ASP B 233 12.70 -13.03 -27.87
C ASP B 233 13.33 -13.74 -29.06
N GLU B 234 13.23 -13.14 -30.24
CA GLU B 234 13.80 -13.79 -31.42
C GLU B 234 15.32 -13.76 -31.38
N LYS B 235 15.92 -12.66 -30.92
CA LYS B 235 17.37 -12.57 -30.87
C LYS B 235 17.96 -13.61 -29.92
N ILE B 236 17.44 -13.67 -28.68
CA ILE B 236 17.97 -14.59 -27.69
C ILE B 236 17.69 -16.04 -28.09
N GLY B 237 16.59 -16.28 -28.78
CA GLY B 237 16.21 -17.62 -29.18
C GLY B 237 15.43 -18.42 -28.16
N TRP B 238 14.57 -17.77 -27.38
CA TRP B 238 13.75 -18.51 -26.42
C TRP B 238 12.84 -19.48 -27.13
N ARG B 239 12.72 -20.69 -26.60
CA ARG B 239 11.84 -21.70 -27.14
C ARG B 239 10.51 -21.72 -26.41
N ASN B 240 9.45 -22.01 -27.16
CA ASN B 240 8.15 -22.24 -26.55
C ASN B 240 8.10 -23.62 -25.92
N ASP B 241 7.40 -23.70 -24.78
CA ASP B 241 7.23 -24.95 -24.05
C ASP B 241 8.59 -25.47 -23.54
N ALA B 242 9.35 -24.55 -22.94
CA ALA B 242 10.62 -24.88 -22.31
C ALA B 242 10.84 -23.86 -21.19
N SER B 243 11.21 -24.35 -20.01
CA SER B 243 11.45 -23.41 -18.91
C SER B 243 12.62 -22.52 -19.28
N HIS B 244 12.48 -21.23 -18.96
CA HIS B 244 13.43 -20.20 -19.35
C HIS B 244 14.18 -19.74 -18.11
N LEU B 245 15.47 -20.08 -18.02
CA LEU B 245 16.32 -19.67 -16.90
C LEU B 245 17.31 -18.63 -17.36
N LEU B 246 17.35 -17.50 -16.66
CA LEU B 246 18.25 -16.39 -16.95
C LEU B 246 19.16 -16.18 -15.75
N VAL B 247 20.45 -16.46 -15.93
CA VAL B 247 21.42 -16.42 -14.83
C VAL B 247 22.19 -15.11 -14.89
N PHE B 248 22.44 -14.54 -13.72
CA PHE B 248 23.02 -13.21 -13.58
C PHE B 248 24.24 -13.32 -12.66
N THR B 249 25.44 -13.09 -13.21
CA THR B 249 26.67 -13.09 -12.43
C THR B 249 27.23 -11.67 -12.32
N THR B 250 27.59 -11.25 -11.11
CA THR B 250 28.14 -9.93 -10.94
C THR B 250 29.04 -9.87 -9.72
N ASP B 251 29.98 -8.93 -9.77
CA ASP B 251 30.97 -8.72 -8.72
C ASP B 251 30.36 -8.03 -7.50
N ALA B 252 29.60 -6.96 -7.73
CA ALA B 252 29.24 -6.00 -6.67
C ALA B 252 27.87 -5.42 -6.96
N LYS B 253 27.56 -4.27 -6.34
CA LYS B 253 26.24 -3.67 -6.40
C LYS B 253 25.87 -3.25 -7.82
N THR B 254 24.63 -2.77 -8.00
CA THR B 254 24.10 -2.52 -9.33
C THR B 254 23.41 -1.17 -9.39
N HIS B 255 23.48 -0.56 -10.57
CA HIS B 255 22.67 0.61 -10.84
C HIS B 255 21.20 0.22 -10.87
N ILE B 256 20.35 1.11 -10.35
CA ILE B 256 18.90 0.92 -10.41
C ILE B 256 18.30 2.05 -11.24
N ALA B 257 16.99 2.02 -11.45
CA ALA B 257 16.37 3.08 -12.24
C ALA B 257 16.44 4.39 -11.50
N LEU B 258 16.63 5.48 -12.26
CA LEU B 258 16.84 6.87 -11.85
C LEU B 258 18.31 7.15 -11.49
N ASP B 259 19.20 6.17 -11.58
CA ASP B 259 20.62 6.45 -11.48
C ASP B 259 21.14 7.18 -12.71
N GLY B 260 20.40 7.15 -13.81
CA GLY B 260 20.87 7.71 -15.05
C GLY B 260 20.80 9.22 -15.16
N ARG B 261 20.16 9.89 -14.20
CA ARG B 261 20.09 11.35 -14.25
C ARG B 261 21.47 11.96 -14.07
N LEU B 262 22.38 11.27 -13.37
CA LEU B 262 23.75 11.75 -13.27
C LEU B 262 24.44 11.77 -14.62
N ALA B 263 24.01 10.92 -15.54
CA ALA B 263 24.56 10.87 -16.88
C ALA B 263 23.77 11.72 -17.86
N GLY B 264 22.86 12.55 -17.38
CA GLY B 264 22.00 13.28 -18.28
C GLY B 264 21.00 12.41 -19.02
N ILE B 265 20.56 11.32 -18.41
CA ILE B 265 19.64 10.37 -19.02
C ILE B 265 18.34 10.43 -18.24
N VAL B 266 17.29 11.00 -18.85
CA VAL B 266 16.03 11.22 -18.16
C VAL B 266 14.84 10.63 -18.91
N GLN B 267 15.11 9.70 -19.84
CA GLN B 267 14.03 9.01 -20.53
C GLN B 267 13.83 7.63 -19.90
N PRO B 268 12.63 7.29 -19.44
CA PRO B 268 12.43 6.00 -18.78
C PRO B 268 12.51 4.85 -19.76
N ASN B 269 12.79 3.67 -19.21
CA ASN B 269 12.83 2.46 -20.02
C ASN B 269 11.42 2.11 -20.52
N ASP B 270 11.34 1.68 -21.78
CA ASP B 270 10.06 1.31 -22.36
C ASP B 270 9.85 -0.20 -22.37
N GLY B 271 10.86 -0.98 -21.98
CA GLY B 271 10.73 -2.42 -21.98
C GLY B 271 10.50 -3.01 -23.35
N GLN B 272 10.99 -2.33 -24.38
CA GLN B 272 10.97 -2.83 -25.74
C GLN B 272 12.35 -3.34 -26.13
N CYS B 273 12.38 -4.27 -27.07
CA CYS B 273 13.66 -4.75 -27.54
C CYS B 273 14.33 -3.66 -28.38
N HIS B 274 15.61 -3.41 -28.12
CA HIS B 274 16.41 -2.48 -28.90
C HIS B 274 17.72 -3.08 -29.41
N VAL B 275 17.97 -4.37 -29.14
CA VAL B 275 19.11 -5.06 -29.74
C VAL B 275 18.80 -5.38 -31.19
N GLY B 276 19.78 -5.16 -32.07
CA GLY B 276 19.59 -5.38 -33.49
C GLY B 276 20.70 -6.22 -34.08
N SER B 277 21.10 -5.85 -35.31
CA SER B 277 22.08 -6.65 -36.05
C SER B 277 23.48 -6.52 -35.49
N ASP B 278 23.79 -5.40 -34.82
CA ASP B 278 25.10 -5.25 -34.18
C ASP B 278 25.21 -6.03 -32.87
N ASN B 279 24.13 -6.65 -32.41
CA ASN B 279 24.09 -7.37 -31.14
C ASN B 279 24.41 -6.47 -29.95
N HIS B 280 24.09 -5.18 -30.05
CA HIS B 280 24.34 -4.22 -28.98
C HIS B 280 23.05 -3.53 -28.57
N TYR B 281 22.91 -3.29 -27.27
CA TYR B 281 21.78 -2.54 -26.73
C TYR B 281 21.93 -1.10 -27.19
N SER B 282 21.24 -0.75 -28.28
CA SER B 282 21.45 0.55 -28.91
C SER B 282 21.09 1.70 -27.98
N ALA B 283 20.01 1.56 -27.21
CA ALA B 283 19.53 2.64 -26.37
C ALA B 283 20.29 2.77 -25.05
N SER B 284 21.43 2.08 -24.90
CA SER B 284 22.17 2.11 -23.64
C SER B 284 22.48 3.53 -23.17
N THR B 285 22.73 4.44 -24.11
CA THR B 285 23.12 5.80 -23.77
C THR B 285 21.96 6.79 -23.75
N THR B 286 20.81 6.42 -24.32
CA THR B 286 19.65 7.31 -24.41
C THR B 286 18.55 6.96 -23.41
N MET B 287 18.65 5.83 -22.72
CA MET B 287 17.54 5.29 -21.95
C MET B 287 18.00 4.87 -20.57
N ASP B 288 17.25 5.30 -19.56
CA ASP B 288 17.61 5.03 -18.17
C ASP B 288 17.58 3.52 -17.89
N TYR B 289 18.07 3.17 -16.71
CA TYR B 289 18.00 1.79 -16.23
C TYR B 289 16.53 1.40 -16.02
N PRO B 290 16.23 0.10 -15.99
CA PRO B 290 14.84 -0.34 -15.76
C PRO B 290 14.51 -0.42 -14.30
N SER B 291 13.24 -0.18 -13.98
CA SER B 291 12.81 -0.28 -12.60
C SER B 291 12.38 -1.70 -12.27
N LEU B 292 12.49 -2.05 -10.98
CA LEU B 292 12.10 -3.38 -10.52
C LEU B 292 10.69 -3.75 -10.96
N GLY B 293 9.78 -2.77 -11.01
CA GLY B 293 8.41 -3.06 -11.43
C GLY B 293 8.31 -3.45 -12.89
N LEU B 294 9.01 -2.73 -13.76
CA LEU B 294 8.95 -3.08 -15.18
C LEU B 294 9.69 -4.38 -15.44
N MET B 295 10.84 -4.59 -14.77
CA MET B 295 11.52 -5.86 -14.88
C MET B 295 10.62 -7.02 -14.44
N THR B 296 9.89 -6.85 -13.35
CA THR B 296 8.98 -7.90 -12.90
C THR B 296 7.91 -8.17 -13.94
N GLU B 297 7.30 -7.12 -14.49
CA GLU B 297 6.28 -7.30 -15.51
C GLU B 297 6.83 -8.08 -16.68
N LYS B 298 7.86 -7.54 -17.36
CA LYS B 298 8.39 -8.18 -18.55
C LYS B 298 8.95 -9.57 -18.25
N LEU B 299 9.35 -9.82 -17.00
CA LEU B 299 9.80 -11.16 -16.65
C LEU B 299 8.63 -12.14 -16.61
N SER B 300 7.51 -11.73 -16.01
CA SER B 300 6.33 -12.60 -15.94
C SER B 300 5.67 -12.77 -17.30
N GLN B 301 5.65 -11.73 -18.13
CA GLN B 301 5.09 -11.84 -19.47
C GLN B 301 5.83 -12.92 -20.27
N LYS B 302 7.14 -12.74 -20.44
CA LYS B 302 7.94 -13.65 -21.24
C LYS B 302 8.30 -14.94 -20.53
N ASN B 303 7.80 -15.15 -19.31
CA ASN B 303 8.00 -16.39 -18.57
C ASN B 303 9.48 -16.72 -18.47
N ILE B 304 10.22 -15.81 -17.83
CA ILE B 304 11.64 -15.98 -17.59
C ILE B 304 11.86 -16.07 -16.09
N ASN B 305 12.70 -17.01 -15.67
CA ASN B 305 13.10 -17.15 -14.28
C ASN B 305 14.49 -16.56 -14.10
N LEU B 306 14.62 -15.58 -13.21
CA LEU B 306 15.87 -14.86 -12.99
C LEU B 306 16.63 -15.52 -11.84
N ILE B 307 17.87 -15.93 -12.11
CA ILE B 307 18.73 -16.55 -11.10
C ILE B 307 19.92 -15.64 -10.87
N PHE B 308 20.11 -15.23 -9.62
CA PHE B 308 21.24 -14.38 -9.24
C PHE B 308 22.41 -15.25 -8.81
N ALA B 309 23.41 -15.37 -9.68
CA ALA B 309 24.63 -16.14 -9.40
C ALA B 309 25.72 -15.14 -9.03
N VAL B 310 25.77 -14.78 -7.76
CA VAL B 310 26.59 -13.65 -7.31
C VAL B 310 27.60 -14.12 -6.28
N THR B 311 28.65 -13.33 -6.11
CA THR B 311 29.71 -13.61 -5.13
C THR B 311 29.26 -13.26 -3.72
N GLU B 312 30.01 -13.77 -2.72
CA GLU B 312 29.48 -13.79 -1.36
C GLU B 312 29.38 -12.38 -0.77
N ASN B 313 30.34 -11.52 -1.09
CA ASN B 313 30.32 -10.13 -0.61
C ASN B 313 29.02 -9.42 -0.93
N VAL B 314 28.22 -9.95 -1.85
CA VAL B 314 27.06 -9.24 -2.37
C VAL B 314 25.83 -10.17 -2.36
N VAL B 315 25.98 -11.36 -1.75
CA VAL B 315 24.88 -12.32 -1.71
C VAL B 315 23.74 -11.79 -0.84
N ASN B 316 24.07 -11.14 0.27
CA ASN B 316 23.01 -10.54 1.08
C ASN B 316 22.23 -9.50 0.29
N LEU B 317 22.89 -8.76 -0.60
CA LEU B 317 22.22 -7.72 -1.36
C LEU B 317 21.17 -8.31 -2.29
N TYR B 318 21.60 -9.13 -3.25
CA TYR B 318 20.67 -9.69 -4.22
C TYR B 318 19.63 -10.60 -3.59
N GLN B 319 19.92 -11.14 -2.41
CA GLN B 319 18.88 -11.83 -1.64
C GLN B 319 17.76 -10.87 -1.31
N ASN B 320 18.10 -9.69 -0.78
CA ASN B 320 17.08 -8.71 -0.46
C ASN B 320 16.40 -8.15 -1.71
N TYR B 321 17.10 -8.15 -2.85
CA TYR B 321 16.48 -7.74 -4.11
C TYR B 321 15.51 -8.78 -4.62
N SER B 322 15.89 -10.06 -4.50
CA SER B 322 15.03 -11.14 -5.00
C SER B 322 13.70 -11.16 -4.28
N GLU B 323 13.65 -10.67 -3.04
CA GLU B 323 12.38 -10.62 -2.33
C GLU B 323 11.43 -9.61 -2.97
N LEU B 324 11.95 -8.65 -3.73
CA LEU B 324 11.13 -7.70 -4.47
C LEU B 324 10.81 -8.15 -5.88
N ILE B 325 11.41 -9.24 -6.35
CA ILE B 325 11.03 -9.86 -7.61
C ILE B 325 10.60 -11.30 -7.34
N PRO B 326 9.32 -11.54 -7.02
CA PRO B 326 8.91 -12.87 -6.55
C PRO B 326 9.25 -13.96 -7.56
N GLY B 327 9.72 -15.09 -7.03
CA GLY B 327 10.08 -16.22 -7.87
C GLY B 327 11.50 -16.19 -8.39
N THR B 328 12.39 -15.40 -7.78
CA THR B 328 13.79 -15.39 -8.16
C THR B 328 14.63 -15.90 -7.00
N THR B 329 15.76 -16.52 -7.35
CA THR B 329 16.61 -17.19 -6.38
C THR B 329 18.04 -16.68 -6.48
N VAL B 330 18.76 -16.78 -5.37
CA VAL B 330 20.14 -16.33 -5.26
C VAL B 330 21.00 -17.53 -4.89
N GLY B 331 22.23 -17.55 -5.41
CA GLY B 331 23.15 -18.64 -5.13
C GLY B 331 24.59 -18.19 -5.02
N VAL B 332 25.28 -18.62 -3.97
CA VAL B 332 26.67 -18.23 -3.75
C VAL B 332 27.57 -18.85 -4.81
N LEU B 333 28.62 -18.11 -5.19
CA LEU B 333 29.52 -18.48 -6.29
C LEU B 333 30.95 -18.35 -5.80
N SER B 334 31.51 -19.43 -5.23
CA SER B 334 32.85 -19.43 -4.67
C SER B 334 33.34 -20.87 -4.60
N MET B 335 34.57 -21.11 -5.05
CA MET B 335 35.04 -22.49 -5.24
C MET B 335 35.42 -23.14 -3.91
N ASP B 336 34.52 -23.06 -2.93
CA ASP B 336 34.62 -23.79 -1.68
C ASP B 336 33.27 -24.28 -1.18
N SER B 337 32.18 -24.08 -1.95
CA SER B 337 30.83 -24.17 -1.41
C SER B 337 30.31 -25.60 -1.38
N SER B 338 30.91 -26.52 -2.13
CA SER B 338 30.40 -27.88 -2.38
C SER B 338 29.09 -27.86 -3.15
N ASN B 339 28.65 -26.68 -3.59
CA ASN B 339 27.44 -26.52 -4.37
C ASN B 339 27.68 -25.75 -5.65
N VAL B 340 28.87 -25.16 -5.83
CA VAL B 340 29.08 -24.21 -6.92
C VAL B 340 28.91 -24.88 -8.27
N LEU B 341 29.37 -26.12 -8.40
CA LEU B 341 29.19 -26.78 -9.69
C LEU B 341 27.77 -27.27 -9.92
N GLN B 342 26.89 -27.17 -8.92
CA GLN B 342 25.46 -27.35 -9.21
C GLN B 342 24.75 -26.01 -9.40
N LEU B 343 24.54 -25.28 -8.31
CA LEU B 343 24.19 -23.85 -8.29
C LEU B 343 22.94 -23.51 -9.10
N ILE B 344 22.49 -24.43 -9.93
CA ILE B 344 21.47 -24.15 -10.93
C ILE B 344 20.38 -25.20 -10.83
N VAL B 345 20.79 -26.47 -10.90
CA VAL B 345 19.88 -27.56 -10.54
C VAL B 345 19.31 -27.31 -9.16
N ASP B 346 20.09 -26.66 -8.28
CA ASP B 346 19.54 -26.20 -7.00
C ASP B 346 18.59 -25.03 -7.20
N ALA B 347 18.92 -24.10 -8.10
CA ALA B 347 17.99 -23.02 -8.40
C ALA B 347 16.72 -23.55 -9.07
N TYR B 348 16.89 -24.39 -10.10
CA TYR B 348 15.73 -24.94 -10.80
C TYR B 348 14.92 -25.84 -9.88
N GLY B 349 15.58 -26.48 -8.91
CA GLY B 349 14.85 -27.18 -7.87
C GLY B 349 13.94 -26.26 -7.09
N LYS B 350 14.48 -25.11 -6.67
CA LYS B 350 13.70 -24.11 -5.97
C LYS B 350 12.51 -23.66 -6.82
N ILE B 351 12.80 -23.21 -8.05
CA ILE B 351 11.77 -22.64 -8.92
C ILE B 351 10.64 -23.63 -9.17
N ARG B 352 10.94 -24.92 -9.19
CA ARG B 352 9.91 -25.94 -9.39
C ARG B 352 9.36 -26.47 -8.06
N SER B 353 9.76 -25.89 -6.93
CA SER B 353 9.23 -26.30 -5.63
C SER B 353 7.92 -25.59 -5.29
N LYS B 354 7.35 -24.86 -6.23
CA LYS B 354 6.14 -24.09 -5.95
C LYS B 354 5.38 -23.88 -7.26
N VAL B 355 4.05 -23.90 -7.16
CA VAL B 355 3.18 -23.56 -8.26
C VAL B 355 2.21 -22.49 -7.77
N GLU B 356 2.19 -21.34 -8.45
CA GLU B 356 1.35 -20.20 -8.08
C GLU B 356 0.54 -19.76 -9.28
N LEU B 357 -0.73 -19.41 -9.04
CA LEU B 357 -1.62 -19.01 -10.11
C LEU B 357 -1.65 -17.50 -10.28
N GLU B 358 -1.58 -17.03 -11.53
CA GLU B 358 -1.69 -15.61 -11.84
C GLU B 358 -2.81 -15.38 -12.85
N VAL B 359 -3.47 -14.23 -12.73
CA VAL B 359 -4.63 -13.89 -13.56
C VAL B 359 -4.28 -12.70 -14.45
N ARG B 360 -4.58 -12.80 -15.74
CA ARG B 360 -4.35 -11.75 -16.72
C ARG B 360 -5.67 -11.31 -17.34
N ASP B 361 -5.84 -9.99 -17.48
CA ASP B 361 -6.98 -9.39 -18.19
C ASP B 361 -8.31 -9.71 -17.52
N LEU B 362 -8.32 -9.78 -16.20
CA LEU B 362 -9.57 -10.08 -15.48
C LEU B 362 -10.55 -8.92 -15.60
N PRO B 363 -11.74 -9.12 -16.17
CA PRO B 363 -12.75 -8.05 -16.20
C PRO B 363 -13.05 -7.52 -14.80
N GLU B 364 -13.28 -6.21 -14.71
CA GLU B 364 -13.27 -5.52 -13.43
C GLU B 364 -14.39 -6.00 -12.51
N GLU B 365 -15.63 -6.01 -13.02
CA GLU B 365 -16.76 -6.41 -12.17
C GLU B 365 -16.75 -7.91 -11.84
N LEU B 366 -15.74 -8.65 -12.28
CA LEU B 366 -15.59 -10.07 -11.97
C LEU B 366 -14.61 -10.24 -10.82
N SER B 367 -14.89 -11.22 -9.95
CA SER B 367 -14.02 -11.53 -8.82
C SER B 367 -13.92 -13.04 -8.64
N LEU B 368 -12.73 -13.50 -8.22
CA LEU B 368 -12.39 -14.92 -8.21
C LEU B 368 -11.98 -15.37 -6.81
N SER B 369 -12.60 -16.43 -6.32
CA SER B 369 -12.15 -17.11 -5.12
C SER B 369 -11.19 -18.25 -5.47
N PHE B 370 -10.55 -18.81 -4.44
CA PHE B 370 -9.57 -19.87 -4.66
C PHE B 370 -9.51 -20.80 -3.45
N ASN B 371 -9.63 -22.10 -3.70
CA ASN B 371 -9.17 -23.13 -2.79
C ASN B 371 -7.97 -23.84 -3.43
N ALA B 372 -7.26 -24.61 -2.62
CA ALA B 372 -6.13 -25.37 -3.14
C ALA B 372 -6.12 -26.76 -2.52
N THR B 373 -5.92 -27.76 -3.35
CA THR B 373 -5.72 -29.14 -2.92
C THR B 373 -4.28 -29.50 -3.29
N CYS B 374 -3.37 -29.30 -2.32
CA CYS B 374 -1.93 -29.48 -2.54
C CYS B 374 -1.44 -30.88 -2.23
N LEU B 375 -2.04 -31.57 -1.26
CA LEU B 375 -1.57 -32.87 -0.82
C LEU B 375 -2.77 -33.79 -0.58
N ASN B 376 -3.02 -34.71 -1.51
CA ASN B 376 -3.93 -35.86 -1.38
C ASN B 376 -5.22 -35.52 -0.61
N ASN B 377 -6.03 -34.64 -1.22
CA ASN B 377 -7.38 -34.29 -0.75
C ASN B 377 -7.37 -33.43 0.51
N GLU B 378 -6.31 -32.65 0.72
CA GLU B 378 -6.25 -31.66 1.80
C GLU B 378 -6.65 -30.32 1.18
N VAL B 379 -7.94 -30.02 1.20
CA VAL B 379 -8.43 -28.77 0.62
C VAL B 379 -8.04 -27.61 1.54
N ILE B 380 -7.31 -26.65 1.00
CA ILE B 380 -6.87 -25.45 1.71
C ILE B 380 -7.58 -24.25 1.08
N PRO B 381 -8.54 -23.63 1.78
CA PRO B 381 -9.25 -22.49 1.17
C PRO B 381 -8.36 -21.26 1.12
N GLY B 382 -8.68 -20.37 0.18
CA GLY B 382 -8.01 -19.09 0.07
C GLY B 382 -6.70 -19.10 -0.65
N LEU B 383 -6.09 -20.26 -0.86
CA LEU B 383 -4.75 -20.33 -1.45
C LEU B 383 -4.82 -20.60 -2.95
N LYS B 384 -3.98 -19.87 -3.70
CA LYS B 384 -3.77 -20.10 -5.12
C LYS B 384 -2.37 -20.64 -5.39
N SER B 385 -1.70 -21.16 -4.36
CA SER B 385 -0.31 -21.57 -4.47
C SER B 385 -0.08 -22.81 -3.61
N CYS B 386 0.79 -23.71 -4.10
CA CYS B 386 1.20 -24.91 -3.38
C CYS B 386 2.70 -24.92 -3.12
N MET B 387 3.06 -25.34 -1.92
CA MET B 387 4.40 -25.13 -1.37
C MET B 387 5.14 -26.45 -1.30
N GLY B 388 6.44 -26.41 -1.59
CA GLY B 388 7.35 -27.54 -1.42
C GLY B 388 7.03 -28.73 -2.30
N LEU B 389 7.08 -28.55 -3.61
CA LEU B 389 6.79 -29.59 -4.57
C LEU B 389 8.08 -30.12 -5.20
N LYS B 390 8.05 -31.38 -5.62
CA LYS B 390 9.11 -31.96 -6.43
C LYS B 390 8.68 -31.98 -7.90
N ILE B 391 9.65 -31.86 -8.80
CA ILE B 391 9.35 -31.93 -10.23
C ILE B 391 8.68 -33.25 -10.54
N GLY B 392 7.45 -33.20 -11.04
CA GLY B 392 6.64 -34.37 -11.30
C GLY B 392 5.30 -34.39 -10.59
N ASP B 393 5.16 -33.68 -9.48
CA ASP B 393 3.92 -33.69 -8.73
C ASP B 393 2.77 -33.05 -9.55
N THR B 394 1.56 -33.20 -9.03
CA THR B 394 0.36 -32.65 -9.65
C THR B 394 -0.53 -32.04 -8.57
N VAL B 395 -1.03 -30.83 -8.84
CA VAL B 395 -1.86 -30.11 -7.89
C VAL B 395 -3.13 -29.66 -8.59
N SER B 396 -4.14 -29.31 -7.78
CA SER B 396 -5.43 -28.88 -8.30
C SER B 396 -5.98 -27.72 -7.49
N PHE B 397 -6.63 -26.79 -8.20
CA PHE B 397 -7.21 -25.58 -7.60
C PHE B 397 -8.68 -25.49 -8.00
N SER B 398 -9.55 -25.25 -7.01
CA SER B 398 -10.96 -25.00 -7.25
C SER B 398 -11.18 -23.50 -7.28
N ILE B 399 -11.69 -23.00 -8.41
CA ILE B 399 -11.89 -21.58 -8.64
C ILE B 399 -13.38 -21.27 -8.66
N GLU B 400 -13.76 -20.18 -8.02
CA GLU B 400 -15.11 -19.64 -8.15
C GLU B 400 -15.04 -18.27 -8.81
N ALA B 401 -15.97 -18.01 -9.74
CA ALA B 401 -16.07 -16.72 -10.43
C ALA B 401 -17.39 -16.06 -10.09
N LYS B 402 -17.33 -14.79 -9.71
CA LYS B 402 -18.50 -14.03 -9.29
C LYS B 402 -18.55 -12.72 -10.05
N VAL B 403 -19.76 -12.32 -10.43
CA VAL B 403 -19.99 -11.04 -11.10
C VAL B 403 -20.97 -10.25 -10.27
N ARG B 404 -20.66 -8.98 -10.02
CA ARG B 404 -21.56 -8.07 -9.34
C ARG B 404 -22.37 -7.31 -10.39
N GLY B 405 -23.69 -7.34 -10.26
CA GLY B 405 -24.51 -6.74 -11.29
C GLY B 405 -24.31 -7.42 -12.62
N CYS B 406 -24.49 -6.66 -13.69
CA CYS B 406 -24.33 -7.22 -15.02
C CYS B 406 -23.75 -6.19 -15.98
N PRO B 407 -22.52 -6.39 -16.47
CA PRO B 407 -21.87 -5.35 -17.29
C PRO B 407 -22.61 -4.97 -18.54
N GLN B 408 -23.34 -5.89 -19.16
CA GLN B 408 -23.97 -5.67 -20.47
C GLN B 408 -22.90 -5.28 -21.50
N GLU B 409 -21.91 -6.16 -21.63
CA GLU B 409 -20.80 -5.98 -22.56
C GLU B 409 -20.67 -7.21 -23.44
N LYS B 410 -19.72 -7.15 -24.36
CA LYS B 410 -19.44 -8.27 -25.25
C LYS B 410 -18.73 -9.39 -24.49
N GLU B 411 -18.34 -10.43 -25.23
CA GLU B 411 -17.53 -11.49 -24.66
C GLU B 411 -16.14 -10.96 -24.29
N LYS B 412 -15.64 -11.37 -23.12
CA LYS B 412 -14.30 -11.03 -22.67
C LYS B 412 -13.57 -12.29 -22.27
N SER B 413 -12.28 -12.37 -22.59
CA SER B 413 -11.44 -13.54 -22.33
C SER B 413 -10.29 -13.16 -21.41
N PHE B 414 -10.29 -13.72 -20.19
CA PHE B 414 -9.17 -13.59 -19.28
C PHE B 414 -8.46 -14.92 -19.06
N THR B 415 -7.19 -14.83 -18.67
CA THR B 415 -6.30 -15.99 -18.61
C THR B 415 -6.00 -16.36 -17.16
N ILE B 416 -5.94 -17.67 -16.89
CA ILE B 416 -5.49 -18.19 -15.60
C ILE B 416 -4.42 -19.23 -15.90
N LYS B 417 -3.23 -19.05 -15.33
CA LYS B 417 -2.09 -19.89 -15.71
C LYS B 417 -1.08 -19.92 -14.57
N PRO B 418 -0.17 -20.89 -14.58
CA PRO B 418 0.92 -20.90 -13.59
C PRO B 418 1.96 -19.84 -13.89
N VAL B 419 2.69 -19.47 -12.84
CA VAL B 419 3.79 -18.52 -12.96
C VAL B 419 4.95 -19.25 -13.65
N GLY B 420 5.27 -18.82 -14.86
CA GLY B 420 6.47 -19.31 -15.51
C GLY B 420 6.26 -20.40 -16.53
N PHE B 421 5.01 -20.74 -16.85
CA PHE B 421 4.71 -21.78 -17.83
C PHE B 421 3.86 -21.21 -18.95
N LYS B 422 4.08 -21.75 -20.15
CA LYS B 422 3.29 -21.34 -21.31
C LYS B 422 1.85 -21.80 -21.18
N ASP B 423 1.62 -22.97 -20.57
CA ASP B 423 0.29 -23.56 -20.53
C ASP B 423 -0.67 -22.69 -19.72
N SER B 424 -1.92 -22.64 -20.16
CA SER B 424 -2.85 -21.66 -19.61
C SER B 424 -4.29 -22.15 -19.76
N LEU B 425 -5.14 -21.68 -18.85
CA LEU B 425 -6.58 -21.89 -18.92
C LEU B 425 -7.23 -20.57 -19.30
N ILE B 426 -7.77 -20.49 -20.51
CA ILE B 426 -8.42 -19.28 -21.01
C ILE B 426 -9.92 -19.37 -20.73
N VAL B 427 -10.48 -18.32 -20.14
CA VAL B 427 -11.89 -18.30 -19.75
C VAL B 427 -12.60 -17.24 -20.57
N GLN B 428 -13.58 -17.67 -21.36
CA GLN B 428 -14.41 -16.76 -22.14
C GLN B 428 -15.67 -16.42 -21.34
N VAL B 429 -15.90 -15.14 -21.08
CA VAL B 429 -17.01 -14.69 -20.24
C VAL B 429 -18.03 -13.97 -21.09
N THR B 430 -19.27 -14.44 -21.04
CA THR B 430 -20.43 -13.76 -21.60
C THR B 430 -21.45 -13.57 -20.48
N PHE B 431 -22.09 -12.39 -20.47
CA PHE B 431 -23.05 -12.03 -19.43
C PHE B 431 -24.44 -12.02 -20.03
N ASP B 432 -25.38 -12.68 -19.36
CA ASP B 432 -26.77 -12.76 -19.82
C ASP B 432 -27.58 -11.80 -18.95
N CYS B 433 -27.60 -10.53 -19.35
CA CYS B 433 -28.28 -9.49 -18.60
C CYS B 433 -29.70 -9.24 -19.07
N ASP B 434 -30.00 -9.53 -20.33
CA ASP B 434 -31.28 -9.23 -20.96
C ASP B 434 -32.05 -10.53 -21.21
N CYS B 435 -33.39 -10.42 -21.17
CA CYS B 435 -34.25 -11.56 -21.44
C CYS B 435 -34.22 -11.91 -22.93
N ALA B 436 -34.97 -12.95 -23.29
CA ALA B 436 -35.13 -13.29 -24.70
C ALA B 436 -35.90 -12.21 -25.45
N CYS B 437 -37.10 -11.86 -24.97
CA CYS B 437 -37.90 -10.84 -25.65
C CYS B 437 -37.40 -9.47 -25.22
N GLN B 438 -36.57 -8.85 -26.08
CA GLN B 438 -36.08 -7.50 -25.89
C GLN B 438 -36.60 -6.56 -26.97
N ALA B 439 -36.34 -6.87 -28.25
CA ALA B 439 -36.82 -6.07 -29.37
C ALA B 439 -37.83 -6.82 -30.24
N GLN B 440 -38.54 -7.80 -29.64
CA GLN B 440 -39.55 -8.58 -30.37
C GLN B 440 -40.95 -7.97 -30.26
N ALA B 441 -41.43 -7.77 -29.03
CA ALA B 441 -42.74 -7.18 -28.77
C ALA B 441 -42.61 -6.10 -27.70
N GLU B 442 -42.45 -4.85 -28.13
CA GLU B 442 -42.30 -3.70 -27.22
C GLU B 442 -43.21 -2.59 -27.73
N PRO B 443 -44.02 -2.00 -26.87
CA PRO B 443 -44.99 -0.99 -27.33
C PRO B 443 -44.35 0.38 -27.55
N ASN B 444 -45.08 1.21 -28.28
CA ASN B 444 -44.75 2.63 -28.43
C ASN B 444 -46.02 3.37 -28.84
N SER B 445 -46.53 4.22 -27.95
CA SER B 445 -47.73 5.03 -28.15
C SER B 445 -48.98 4.19 -28.41
N HIS B 446 -48.92 2.88 -28.16
CA HIS B 446 -50.08 1.99 -28.24
C HIS B 446 -49.79 0.75 -27.41
N ARG B 447 -50.63 -0.28 -27.58
CA ARG B 447 -50.57 -1.57 -26.88
C ARG B 447 -50.91 -1.47 -25.39
N CYS B 448 -51.12 -0.25 -24.90
CA CYS B 448 -51.70 0.05 -23.59
C CYS B 448 -53.00 0.81 -23.74
N ASN B 449 -53.53 1.30 -22.61
CA ASN B 449 -54.86 1.88 -22.56
C ASN B 449 -54.97 3.10 -23.47
N ASN B 450 -54.19 4.16 -23.20
CA ASN B 450 -54.32 5.42 -23.95
C ASN B 450 -52.94 5.85 -24.44
N GLY B 451 -52.52 5.29 -25.57
CA GLY B 451 -51.37 5.72 -26.35
C GLY B 451 -50.13 6.16 -25.60
N ASN B 452 -49.78 5.45 -24.53
CA ASN B 452 -48.59 5.78 -23.75
C ASN B 452 -47.71 4.57 -23.40
N GLY B 453 -48.14 3.35 -23.70
CA GLY B 453 -47.39 2.17 -23.26
C GLY B 453 -46.13 1.92 -24.08
N THR B 454 -45.06 1.57 -23.38
CA THR B 454 -43.72 1.39 -23.94
C THR B 454 -42.93 0.45 -23.04
N PHE B 455 -41.60 0.44 -23.24
CA PHE B 455 -40.55 0.15 -22.27
C PHE B 455 -40.27 -1.33 -21.99
N GLU B 456 -41.12 -2.28 -22.39
CA GLU B 456 -40.79 -3.70 -22.19
C GLU B 456 -41.80 -4.63 -22.87
N CYS B 457 -41.37 -5.89 -22.99
CA CYS B 457 -42.18 -7.03 -23.39
C CYS B 457 -42.87 -7.66 -22.18
N GLY B 458 -44.14 -8.02 -22.34
CA GLY B 458 -44.90 -8.62 -21.26
C GLY B 458 -45.82 -7.66 -20.53
N VAL B 459 -45.37 -6.42 -20.38
CA VAL B 459 -46.20 -5.32 -19.87
C VAL B 459 -45.70 -4.03 -20.53
N CYS B 460 -46.60 -3.06 -20.67
CA CYS B 460 -46.23 -1.75 -21.21
C CYS B 460 -46.25 -0.71 -20.09
N ARG B 461 -45.12 -0.04 -19.89
CA ARG B 461 -45.00 1.11 -19.00
C ARG B 461 -45.14 2.40 -19.81
N CYS B 462 -45.51 3.48 -19.11
CA CYS B 462 -45.92 4.72 -19.75
C CYS B 462 -44.85 5.79 -19.62
N GLY B 463 -45.20 7.01 -20.05
CA GLY B 463 -44.27 8.11 -20.17
C GLY B 463 -43.68 8.59 -18.85
N PRO B 464 -43.05 9.77 -18.87
CA PRO B 464 -42.38 10.29 -17.66
C PRO B 464 -43.29 10.39 -16.43
N GLY B 465 -44.59 10.57 -16.62
CA GLY B 465 -45.54 10.54 -15.52
C GLY B 465 -46.77 9.73 -15.90
N TRP B 466 -47.45 9.22 -14.87
CA TRP B 466 -48.72 8.49 -15.01
C TRP B 466 -48.51 7.16 -15.75
N LEU B 467 -47.58 6.35 -15.23
CA LEU B 467 -47.31 5.02 -15.74
C LEU B 467 -48.39 4.03 -15.32
N GLY B 468 -48.42 2.87 -15.98
CA GLY B 468 -49.36 1.82 -15.61
C GLY B 468 -49.53 0.73 -16.65
N SER B 469 -50.04 -0.43 -16.23
CA SER B 469 -50.37 -1.48 -17.20
C SER B 469 -51.52 -1.05 -18.10
N GLN B 470 -52.38 -0.18 -17.60
CA GLN B 470 -53.33 0.60 -18.40
C GLN B 470 -52.92 2.07 -18.24
N CYS B 471 -52.43 2.66 -19.32
CA CYS B 471 -51.57 3.86 -19.26
C CYS B 471 -52.36 5.10 -18.86
N GLU B 472 -52.61 5.19 -17.55
CA GLU B 472 -52.83 6.44 -16.85
C GLU B 472 -52.83 6.15 -15.36
N CYS B 473 -52.13 6.97 -14.59
CA CYS B 473 -52.00 6.77 -13.14
C CYS B 473 -52.38 8.08 -12.47
N SER B 474 -53.54 8.59 -12.88
CA SER B 474 -53.88 10.01 -12.90
C SER B 474 -53.43 10.76 -11.65
N GLU B 475 -52.90 11.98 -11.87
CA GLU B 475 -52.38 12.82 -10.80
C GLU B 475 -53.45 13.18 -9.77
N GLU B 476 -54.72 13.08 -10.13
CA GLU B 476 -55.79 13.20 -9.16
C GLU B 476 -55.55 12.25 -8.01
N ASP B 477 -55.97 12.66 -6.81
CA ASP B 477 -55.93 11.77 -5.65
C ASP B 477 -57.30 11.10 -5.54
N TYR B 478 -57.52 10.12 -6.42
CA TYR B 478 -58.73 9.31 -6.35
C TYR B 478 -58.85 8.68 -4.96
N ARG B 479 -60.01 8.84 -4.35
CA ARG B 479 -60.27 8.47 -2.95
C ARG B 479 -60.21 6.95 -2.79
N PRO B 480 -60.25 6.42 -1.51
CA PRO B 480 -60.16 4.96 -1.30
C PRO B 480 -61.08 4.11 -2.15
N SER B 481 -60.85 2.79 -2.11
CA SER B 481 -61.15 1.81 -3.16
C SER B 481 -60.06 1.75 -4.23
N GLN B 482 -58.83 2.17 -3.90
CA GLN B 482 -57.67 1.86 -4.74
C GLN B 482 -56.45 1.92 -3.81
N GLN B 483 -55.89 0.77 -3.52
CA GLN B 483 -54.64 0.73 -2.78
C GLN B 483 -53.62 -0.20 -3.42
N ASP B 484 -54.08 -1.34 -3.95
CA ASP B 484 -53.25 -2.46 -4.40
C ASP B 484 -52.33 -2.99 -3.31
N GLU B 485 -52.57 -2.59 -2.05
CA GLU B 485 -51.75 -3.03 -0.93
C GLU B 485 -50.28 -2.66 -1.15
N CYS B 486 -50.04 -1.36 -1.39
CA CYS B 486 -48.68 -0.82 -1.46
C CYS B 486 -48.14 -0.66 -0.04
N SER B 487 -48.06 -1.81 0.64
CA SER B 487 -47.69 -1.95 2.04
C SER B 487 -47.63 -3.45 2.35
N PRO B 488 -46.90 -3.87 3.37
CA PRO B 488 -46.84 -5.31 3.68
C PRO B 488 -48.17 -5.90 4.17
N ARG B 489 -48.76 -5.34 5.22
CA ARG B 489 -49.81 -6.02 5.97
C ARG B 489 -51.14 -5.27 6.09
N GLU B 490 -51.26 -4.10 5.46
CA GLU B 490 -52.52 -3.35 5.36
C GLU B 490 -52.91 -2.71 6.70
N GLY B 491 -52.20 -3.06 7.77
CA GLY B 491 -52.30 -2.34 9.03
C GLY B 491 -51.13 -1.38 9.12
N GLN B 492 -50.09 -1.66 8.35
CA GLN B 492 -48.95 -0.77 8.18
C GLN B 492 -49.34 0.40 7.27
N PRO B 493 -48.61 1.52 7.37
CA PRO B 493 -48.97 2.70 6.55
C PRO B 493 -48.69 2.48 5.07
N VAL B 494 -48.81 3.55 4.28
CA VAL B 494 -48.48 3.48 2.86
C VAL B 494 -47.01 3.12 2.73
N CYS B 495 -46.60 2.75 1.51
CA CYS B 495 -45.30 2.13 1.23
C CYS B 495 -44.16 2.70 2.08
N SER B 496 -43.32 1.78 2.58
CA SER B 496 -42.83 1.73 3.96
C SER B 496 -42.67 3.10 4.61
N GLN B 497 -41.95 3.99 3.95
CA GLN B 497 -42.01 5.42 4.23
C GLN B 497 -41.58 6.12 2.95
N ARG B 498 -41.33 7.43 3.05
CA ARG B 498 -40.78 8.20 1.94
C ARG B 498 -41.65 8.14 0.70
N GLY B 499 -42.87 7.62 0.83
CA GLY B 499 -43.75 7.44 -0.30
C GLY B 499 -45.21 7.61 0.00
N GLU B 500 -45.91 8.39 -0.82
CA GLU B 500 -47.34 8.58 -0.71
C GLU B 500 -47.96 7.82 -1.87
N CYS B 501 -48.57 6.67 -1.56
CA CYS B 501 -49.01 5.75 -2.60
C CYS B 501 -50.22 6.31 -3.33
N LEU B 502 -50.12 6.36 -4.67
CA LEU B 502 -51.19 6.82 -5.53
C LEU B 502 -51.52 5.72 -6.53
N CYS B 503 -52.76 5.76 -7.05
CA CYS B 503 -53.15 4.98 -8.23
C CYS B 503 -52.70 3.52 -8.14
N GLY B 504 -52.78 2.96 -6.94
CA GLY B 504 -52.43 1.57 -6.70
C GLY B 504 -50.97 1.22 -6.92
N GLN B 505 -50.09 2.22 -6.99
CA GLN B 505 -48.68 1.97 -7.28
C GLN B 505 -47.88 3.06 -6.60
N CYS B 506 -46.96 2.66 -5.71
CA CYS B 506 -46.28 3.62 -4.85
C CYS B 506 -45.51 4.67 -5.64
N VAL B 507 -45.61 5.92 -5.19
CA VAL B 507 -45.08 7.11 -5.86
C VAL B 507 -44.02 7.75 -4.98
N CYS B 508 -43.25 6.93 -4.27
CA CYS B 508 -42.22 7.41 -3.35
C CYS B 508 -41.15 8.26 -4.03
N HIS B 509 -40.29 7.61 -4.82
CA HIS B 509 -39.36 8.21 -5.77
C HIS B 509 -38.76 9.54 -5.29
N SER B 510 -38.54 9.68 -3.98
CA SER B 510 -38.22 10.97 -3.36
C SER B 510 -36.70 11.12 -3.27
N SER B 511 -36.11 11.57 -4.36
CA SER B 511 -34.65 11.69 -4.46
C SER B 511 -34.12 12.72 -3.46
N ASP B 512 -33.30 12.26 -2.53
CA ASP B 512 -32.68 13.12 -1.52
C ASP B 512 -31.17 13.26 -1.72
N PHE B 513 -30.41 12.17 -1.62
CA PHE B 513 -29.05 12.14 -2.13
C PHE B 513 -28.69 10.86 -2.88
N GLY B 514 -29.30 9.71 -2.55
CA GLY B 514 -29.16 8.51 -3.32
C GLY B 514 -30.53 8.08 -3.87
N LYS B 515 -30.49 7.11 -4.78
CA LYS B 515 -31.69 6.67 -5.46
C LYS B 515 -32.55 5.80 -4.55
N ILE B 516 -33.85 5.79 -4.83
CA ILE B 516 -34.80 4.93 -4.13
C ILE B 516 -35.54 4.09 -5.16
N THR B 517 -35.87 2.85 -4.79
CA THR B 517 -36.52 1.94 -5.72
C THR B 517 -37.28 0.89 -4.91
N GLY B 518 -37.98 0.01 -5.61
CA GLY B 518 -38.77 -1.06 -5.05
C GLY B 518 -40.27 -0.77 -5.16
N LYS B 519 -41.04 -1.84 -5.37
CA LYS B 519 -42.49 -1.69 -5.48
C LYS B 519 -43.09 -1.06 -4.22
N TYR B 520 -42.43 -1.24 -3.07
CA TYR B 520 -42.86 -0.63 -1.81
C TYR B 520 -41.86 0.41 -1.33
N CYS B 521 -40.80 0.67 -2.10
CA CYS B 521 -39.74 1.61 -1.74
C CYS B 521 -39.15 1.28 -0.36
N GLU B 522 -38.96 -0.01 -0.13
CA GLU B 522 -38.26 -0.49 1.05
C GLU B 522 -36.74 -0.37 0.90
N CYS B 523 -36.24 -0.34 -0.34
CA CYS B 523 -34.81 -0.23 -0.60
C CYS B 523 -34.34 1.22 -0.46
N ASP B 524 -33.12 1.36 0.05
CA ASP B 524 -32.54 2.66 0.39
C ASP B 524 -31.34 3.04 -0.46
N ASP B 525 -30.44 2.08 -0.73
CA ASP B 525 -29.24 2.30 -1.54
C ASP B 525 -28.19 3.13 -0.80
N PHE B 526 -28.51 3.66 0.38
CA PHE B 526 -27.53 4.41 1.15
C PHE B 526 -27.66 4.19 2.65
N SER B 527 -28.16 3.03 3.07
CA SER B 527 -28.31 2.74 4.50
C SER B 527 -27.53 1.49 4.89
N CYS B 528 -26.45 1.21 4.16
CA CYS B 528 -25.59 0.07 4.47
C CYS B 528 -24.68 0.41 5.64
N VAL B 529 -24.17 -0.64 6.28
CA VAL B 529 -23.35 -0.47 7.48
C VAL B 529 -22.09 0.34 7.15
N ARG B 530 -21.50 0.90 8.20
CA ARG B 530 -20.21 1.58 8.13
C ARG B 530 -19.24 0.90 9.08
N TYR B 531 -18.01 0.69 8.62
CA TYR B 531 -16.96 0.17 9.50
C TYR B 531 -16.27 1.30 10.25
N LYS B 532 -15.67 2.23 9.51
CA LYS B 532 -15.08 3.44 10.08
C LYS B 532 -15.43 4.58 9.13
N GLY B 533 -16.58 5.21 9.36
CA GLY B 533 -16.97 6.42 8.65
C GLY B 533 -17.16 6.29 7.15
N GLU B 534 -16.96 5.09 6.62
CA GLU B 534 -17.09 4.83 5.19
C GLU B 534 -18.08 3.69 4.98
N MET B 535 -19.04 3.91 4.08
CA MET B 535 -20.07 2.91 3.85
C MET B 535 -19.47 1.69 3.17
N CYS B 536 -19.73 0.51 3.75
CA CYS B 536 -19.13 -0.76 3.32
C CYS B 536 -17.60 -0.70 3.31
N SER B 537 -17.03 0.06 4.25
CA SER B 537 -15.59 0.27 4.39
C SER B 537 -14.94 0.86 3.14
N GLY B 538 -15.74 1.47 2.26
CA GLY B 538 -15.25 1.97 0.99
C GLY B 538 -14.93 0.91 -0.04
N HIS B 539 -14.92 -0.37 0.34
CA HIS B 539 -14.58 -1.46 -0.55
C HIS B 539 -15.81 -2.24 -1.02
N GLY B 540 -16.98 -1.63 -1.01
CA GLY B 540 -18.18 -2.34 -1.41
C GLY B 540 -19.36 -1.44 -1.76
N GLN B 541 -20.05 -1.80 -2.85
CA GLN B 541 -21.25 -1.09 -3.27
C GLN B 541 -22.43 -1.43 -2.35
N CYS B 542 -23.39 -0.52 -2.29
CA CYS B 542 -24.56 -0.65 -1.41
C CYS B 542 -25.82 -0.73 -2.26
N SER B 543 -26.56 -1.84 -2.12
CA SER B 543 -27.82 -2.02 -2.82
C SER B 543 -28.83 -2.63 -1.86
N CYS B 544 -29.90 -1.88 -1.60
CA CYS B 544 -30.98 -2.30 -0.69
C CYS B 544 -30.42 -2.76 0.65
N GLY B 545 -29.61 -1.90 1.26
CA GLY B 545 -29.08 -2.12 2.60
C GLY B 545 -28.13 -3.28 2.76
N ASP B 546 -27.62 -3.83 1.67
CA ASP B 546 -26.71 -4.98 1.72
C ASP B 546 -25.42 -4.63 0.99
N CYS B 547 -24.31 -4.69 1.72
CA CYS B 547 -22.99 -4.42 1.13
C CYS B 547 -22.63 -5.52 0.14
N LEU B 548 -22.32 -5.12 -1.09
CA LEU B 548 -21.86 -6.02 -2.14
C LEU B 548 -20.38 -5.74 -2.37
N CYS B 549 -19.53 -6.48 -1.66
CA CYS B 549 -18.11 -6.22 -1.59
C CYS B 549 -17.44 -6.28 -2.96
N ASP B 550 -16.28 -5.63 -3.04
CA ASP B 550 -15.49 -5.54 -4.27
C ASP B 550 -14.69 -6.84 -4.47
N SER B 551 -13.75 -6.82 -5.41
CA SER B 551 -13.15 -8.07 -5.90
C SER B 551 -12.42 -8.83 -4.80
N ASP B 552 -11.61 -8.14 -4.01
CA ASP B 552 -10.76 -8.82 -3.04
C ASP B 552 -11.17 -8.55 -1.60
N TRP B 553 -12.43 -8.20 -1.36
CA TRP B 553 -12.90 -7.94 -0.02
C TRP B 553 -14.16 -8.78 0.27
N THR B 554 -14.29 -9.18 1.52
CA THR B 554 -15.40 -10.00 1.98
C THR B 554 -15.85 -9.52 3.35
N GLY B 555 -17.04 -9.96 3.76
CA GLY B 555 -17.56 -9.60 5.06
C GLY B 555 -18.85 -8.82 5.03
N TYR B 556 -19.58 -8.85 6.14
CA TYR B 556 -20.82 -8.07 6.23
C TYR B 556 -20.53 -6.58 6.01
N TYR B 557 -19.37 -6.11 6.48
CA TYR B 557 -18.96 -4.72 6.31
C TYR B 557 -18.03 -4.51 5.12
N CYS B 558 -17.55 -5.59 4.48
CA CYS B 558 -16.51 -5.51 3.45
C CYS B 558 -15.20 -4.96 4.01
N ASN B 559 -14.78 -5.50 5.16
CA ASN B 559 -13.52 -5.10 5.77
C ASN B 559 -12.57 -6.27 5.98
N CYS B 560 -12.89 -7.44 5.44
CA CYS B 560 -12.04 -8.62 5.53
C CYS B 560 -11.47 -8.93 4.15
N THR B 561 -10.14 -8.87 4.03
CA THR B 561 -9.47 -9.09 2.74
C THR B 561 -9.24 -10.58 2.49
N THR B 562 -9.16 -10.94 1.21
CA THR B 562 -8.82 -12.29 0.79
C THR B 562 -7.33 -12.53 0.69
N ARG B 563 -6.52 -11.54 1.04
CA ARG B 563 -5.08 -11.66 0.87
C ARG B 563 -4.50 -12.68 1.84
N THR B 564 -3.42 -13.33 1.42
CA THR B 564 -2.67 -14.25 2.25
C THR B 564 -1.18 -13.92 2.29
N ASP B 565 -0.74 -12.84 1.65
CA ASP B 565 0.68 -12.50 1.62
C ASP B 565 1.17 -12.06 2.99
N THR B 566 0.41 -11.19 3.66
CA THR B 566 0.79 -10.77 5.01
C THR B 566 0.81 -11.92 5.99
N CYS B 567 0.11 -13.01 5.68
CA CYS B 567 0.14 -14.21 6.51
C CYS B 567 1.34 -15.10 6.25
N MET B 568 2.17 -14.77 5.25
CA MET B 568 3.24 -15.67 4.80
C MET B 568 4.50 -15.42 5.62
N SER B 569 5.02 -16.49 6.22
CA SER B 569 6.25 -16.40 7.01
C SER B 569 7.46 -16.24 6.10
N SER B 570 8.62 -16.01 6.72
CA SER B 570 9.85 -15.90 5.98
C SER B 570 10.28 -17.22 5.34
N ASN B 571 9.68 -18.33 5.75
CA ASN B 571 10.05 -19.66 5.27
C ASN B 571 9.16 -20.16 4.14
N GLY B 572 8.12 -19.41 3.77
CA GLY B 572 7.21 -19.79 2.72
C GLY B 572 5.92 -20.44 3.18
N LEU B 573 5.83 -20.84 4.44
CA LEU B 573 4.61 -21.41 4.99
C LEU B 573 3.75 -20.31 5.61
N LEU B 574 2.44 -20.39 5.41
CA LEU B 574 1.54 -19.38 5.94
C LEU B 574 1.36 -19.60 7.43
N CYS B 575 1.50 -18.52 8.21
CA CYS B 575 1.41 -18.56 9.68
C CYS B 575 2.39 -19.55 10.29
N SER B 576 3.53 -19.74 9.64
CA SER B 576 4.59 -20.64 10.09
C SER B 576 4.09 -22.07 10.33
N GLY B 577 2.96 -22.44 9.71
CA GLY B 577 2.40 -23.76 9.87
C GLY B 577 1.59 -23.98 11.14
N ARG B 578 1.59 -23.03 12.06
CA ARG B 578 0.94 -23.17 13.36
C ARG B 578 -0.36 -22.39 13.48
N GLY B 579 -0.82 -21.76 12.39
CA GLY B 579 -1.99 -20.92 12.50
C GLY B 579 -2.79 -20.81 11.21
N LYS B 580 -3.93 -20.14 11.33
CA LYS B 580 -4.87 -19.91 10.23
C LYS B 580 -4.85 -18.46 9.82
N CYS B 581 -4.99 -18.22 8.51
CA CYS B 581 -5.01 -16.87 7.95
C CYS B 581 -6.46 -16.44 7.75
N GLU B 582 -6.89 -15.43 8.51
CA GLU B 582 -8.23 -14.87 8.41
C GLU B 582 -8.11 -13.37 8.29
N CYS B 583 -8.56 -12.82 7.16
CA CYS B 583 -8.52 -11.39 6.89
C CYS B 583 -7.10 -10.84 6.96
N GLY B 584 -6.19 -11.55 6.30
CA GLY B 584 -4.82 -11.08 6.16
C GLY B 584 -4.02 -11.01 7.44
N SER B 585 -4.48 -11.65 8.51
CA SER B 585 -3.74 -11.67 9.78
C SER B 585 -3.82 -13.07 10.37
N CYS B 586 -2.67 -13.62 10.74
CA CYS B 586 -2.62 -14.96 11.29
C CYS B 586 -3.33 -15.05 12.63
N VAL B 587 -4.25 -15.99 12.75
CA VAL B 587 -4.86 -16.36 14.02
C VAL B 587 -4.12 -17.60 14.49
N CYS B 588 -3.21 -17.44 15.45
CA CYS B 588 -2.41 -18.56 15.93
C CYS B 588 -3.27 -19.48 16.78
N ILE B 589 -3.36 -20.75 16.37
CA ILE B 589 -4.16 -21.74 17.07
C ILE B 589 -3.29 -22.63 17.95
N GLN B 590 -2.09 -22.98 17.50
CA GLN B 590 -1.22 -23.86 18.27
C GLN B 590 -0.77 -23.15 19.55
N PRO B 591 -0.86 -23.81 20.71
CA PRO B 591 -0.63 -23.09 21.97
C PRO B 591 0.82 -22.67 22.11
N GLY B 592 1.01 -21.55 22.80
CA GLY B 592 2.31 -20.96 23.00
C GLY B 592 2.86 -20.19 21.82
N SER B 593 2.15 -20.16 20.70
CA SER B 593 2.60 -19.44 19.51
C SER B 593 1.98 -18.07 19.46
N TYR B 594 2.73 -17.12 18.91
CA TYR B 594 2.26 -15.77 18.73
C TYR B 594 3.15 -15.08 17.70
N GLY B 595 2.97 -13.77 17.55
CA GLY B 595 3.65 -13.00 16.53
C GLY B 595 2.78 -12.80 15.30
N ASP B 596 3.26 -11.92 14.41
CA ASP B 596 2.53 -11.60 13.20
C ASP B 596 2.19 -12.85 12.40
N THR B 597 3.14 -13.77 12.27
CA THR B 597 2.97 -14.98 11.46
C THR B 597 3.13 -16.25 12.29
N CYS B 598 2.79 -16.19 13.59
CA CYS B 598 2.97 -17.31 14.54
C CYS B 598 4.40 -17.82 14.57
N GLU B 599 5.36 -16.96 14.28
CA GLU B 599 6.74 -17.40 14.23
C GLU B 599 7.32 -17.63 15.62
N LYS B 600 6.88 -16.86 16.60
CA LYS B 600 7.44 -16.93 17.95
C LYS B 600 6.74 -18.02 18.75
N CYS B 601 7.50 -19.03 19.19
CA CYS B 601 6.96 -20.04 20.09
C CYS B 601 8.11 -20.68 20.89
N PRO B 602 8.43 -20.14 22.06
CA PRO B 602 9.51 -20.71 22.88
C PRO B 602 9.06 -21.84 23.78
N THR B 603 7.75 -22.04 23.92
CA THR B 603 7.19 -23.19 24.61
C THR B 603 6.96 -24.37 23.66
N CYS B 604 7.17 -24.19 22.36
CA CYS B 604 7.01 -25.29 21.46
C CYS B 604 8.14 -26.29 21.67
N PRO B 605 7.87 -27.58 21.46
CA PRO B 605 8.91 -28.59 21.66
C PRO B 605 10.08 -28.41 20.69
N ASP B 606 11.25 -28.85 21.14
CA ASP B 606 12.45 -28.75 20.32
C ASP B 606 12.26 -29.51 19.01
N ALA B 607 13.01 -29.09 17.98
CA ALA B 607 12.86 -29.68 16.66
C ALA B 607 13.07 -31.19 16.67
N CYS B 608 13.71 -31.73 17.70
CA CYS B 608 13.92 -33.18 17.80
C CYS B 608 12.60 -33.95 17.76
N THR B 609 11.49 -33.32 18.12
CA THR B 609 10.20 -34.00 18.10
C THR B 609 9.61 -34.06 16.71
N PHE B 610 9.83 -33.02 15.89
CA PHE B 610 9.25 -32.98 14.55
C PHE B 610 10.07 -33.77 13.55
N LYS B 611 11.38 -33.92 13.79
CA LYS B 611 12.26 -34.64 12.90
C LYS B 611 12.36 -36.11 13.21
N LYS B 612 12.13 -36.50 14.47
CA LYS B 612 12.00 -37.92 14.78
C LYS B 612 10.94 -38.57 13.91
N GLU B 613 9.86 -37.85 13.60
CA GLU B 613 8.83 -38.43 12.76
C GLU B 613 9.32 -38.65 11.33
N CYS B 614 10.28 -37.85 10.87
CA CYS B 614 10.83 -38.09 9.53
C CYS B 614 11.71 -39.33 9.50
N VAL B 615 12.52 -39.56 10.53
CA VAL B 615 13.37 -40.75 10.53
C VAL B 615 12.55 -42.02 10.71
N GLU B 616 11.35 -41.94 11.30
CA GLU B 616 10.55 -43.15 11.45
C GLU B 616 9.90 -43.57 10.14
N CYS B 617 9.46 -42.62 9.31
CA CYS B 617 8.83 -42.97 8.05
C CYS B 617 9.84 -43.14 6.92
N LYS B 618 10.96 -42.44 6.97
CA LYS B 618 11.95 -42.56 5.92
C LYS B 618 12.88 -43.74 6.15
N LYS B 619 13.29 -43.97 7.40
CA LYS B 619 14.27 -45.00 7.71
C LYS B 619 13.67 -46.25 8.32
N PHE B 620 12.53 -46.15 9.00
CA PHE B 620 11.87 -47.30 9.60
C PHE B 620 10.49 -47.56 9.02
N ASP B 621 10.02 -46.71 8.11
CA ASP B 621 8.76 -46.95 7.39
C ASP B 621 7.58 -47.09 8.33
N ARG B 622 7.55 -46.27 9.38
CA ARG B 622 6.42 -46.27 10.30
C ARG B 622 6.25 -44.84 10.86
N GLY B 623 5.23 -44.66 11.67
CA GLY B 623 4.99 -43.40 12.33
C GLY B 623 3.75 -42.69 11.81
N ALA B 624 3.62 -41.43 12.24
CA ALA B 624 2.45 -40.65 11.87
C ALA B 624 2.44 -40.31 10.39
N LEU B 625 3.53 -39.69 9.91
CA LEU B 625 3.60 -39.25 8.52
C LEU B 625 3.50 -40.41 7.55
N HIS B 626 3.85 -41.63 7.99
CA HIS B 626 3.70 -42.81 7.15
C HIS B 626 2.23 -43.15 6.95
N ASP B 627 1.43 -43.08 8.01
CA ASP B 627 0.01 -43.44 7.93
C ASP B 627 -0.78 -42.44 7.11
N GLU B 628 -0.45 -41.14 7.22
CA GLU B 628 -1.13 -40.10 6.46
C GLU B 628 -0.51 -39.88 5.09
N ASN B 629 0.54 -40.63 4.72
CA ASN B 629 1.20 -40.52 3.42
C ASN B 629 1.79 -39.12 3.21
N THR B 630 2.18 -38.47 4.29
CA THR B 630 2.73 -37.12 4.22
C THR B 630 4.25 -37.10 4.36
N CYS B 631 4.89 -38.29 4.40
CA CYS B 631 6.32 -38.35 4.66
C CYS B 631 7.14 -37.76 3.52
N ASN B 632 6.78 -38.09 2.28
CA ASN B 632 7.59 -37.65 1.14
C ASN B 632 7.41 -36.16 0.88
N ARG B 633 6.28 -35.59 1.28
CA ARG B 633 6.04 -34.17 1.09
C ARG B 633 6.65 -33.34 2.22
N TYR B 634 6.45 -33.77 3.47
CA TYR B 634 6.90 -32.97 4.60
C TYR B 634 8.38 -33.18 4.93
N CYS B 635 8.94 -34.35 4.62
CA CYS B 635 10.33 -34.63 4.95
C CYS B 635 11.19 -34.51 3.69
N ARG B 636 11.52 -33.27 3.35
CA ARG B 636 12.37 -33.00 2.20
C ARG B 636 13.84 -32.95 2.57
N ASP B 637 14.16 -32.95 3.84
CA ASP B 637 15.54 -33.06 4.32
C ASP B 637 16.12 -34.42 3.94
N GLU B 638 17.37 -34.40 3.45
CA GLU B 638 18.08 -35.63 3.18
C GLU B 638 18.46 -36.31 4.49
N ILE B 639 18.34 -37.64 4.53
CA ILE B 639 18.63 -38.42 5.73
C ILE B 639 19.64 -39.50 5.37
N GLU B 640 20.81 -39.46 6.01
CA GLU B 640 21.91 -40.36 5.69
C GLU B 640 22.35 -41.06 6.96
N SER B 641 22.28 -42.39 6.96
CA SER B 641 22.78 -43.16 8.09
C SER B 641 24.29 -43.05 8.18
N VAL B 642 24.81 -42.91 9.40
CA VAL B 642 26.22 -42.66 9.63
C VAL B 642 26.83 -43.89 10.28
N LYS B 643 28.16 -43.85 10.44
CA LYS B 643 28.95 -45.00 10.88
C LYS B 643 29.04 -45.11 12.39
N GLU B 644 27.98 -44.70 13.10
CA GLU B 644 28.01 -44.38 14.52
C GLU B 644 28.92 -43.17 14.78
N LEU B 645 29.10 -42.33 13.77
CA LEU B 645 29.95 -41.15 13.86
C LEU B 645 29.10 -39.95 14.27
N LYS B 646 29.45 -39.34 15.40
CA LYS B 646 28.93 -38.03 15.80
C LYS B 646 30.17 -37.19 16.10
N ASP B 647 30.65 -36.44 15.11
CA ASP B 647 32.02 -35.95 15.12
C ASP B 647 32.17 -34.54 15.69
N THR B 648 31.54 -33.54 15.07
CA THR B 648 31.82 -32.15 15.37
C THR B 648 30.85 -31.59 16.41
N GLY B 649 31.24 -30.46 16.99
CA GLY B 649 30.40 -29.68 17.87
C GLY B 649 29.83 -28.43 17.25
N LYS B 650 29.98 -28.25 15.93
CA LYS B 650 29.56 -27.03 15.25
C LYS B 650 28.04 -26.96 15.14
N ASP B 651 27.44 -26.41 16.19
CA ASP B 651 26.01 -26.27 16.45
C ASP B 651 25.38 -27.61 16.80
N ALA B 652 26.08 -28.72 16.52
CA ALA B 652 25.95 -30.01 17.19
C ALA B 652 24.55 -30.35 17.70
N VAL B 653 23.50 -30.20 16.88
CA VAL B 653 22.14 -30.36 17.40
C VAL B 653 21.84 -31.86 17.42
N ASN B 654 21.91 -32.48 18.60
CA ASN B 654 21.78 -33.92 18.79
C ASN B 654 20.40 -34.26 19.36
N CYS B 655 19.82 -35.34 18.85
CA CYS B 655 18.51 -35.81 19.28
C CYS B 655 18.61 -37.28 19.68
N THR B 656 17.62 -37.73 20.45
CA THR B 656 17.64 -39.10 20.98
C THR B 656 16.23 -39.46 21.42
N TYR B 657 15.69 -40.55 20.87
CA TYR B 657 14.34 -41.00 21.18
C TYR B 657 14.33 -42.52 21.28
N LYS B 658 13.15 -43.08 21.47
CA LYS B 658 13.00 -44.51 21.73
C LYS B 658 11.81 -45.04 20.96
N ASN B 659 12.05 -45.95 20.03
CA ASN B 659 11.02 -46.38 19.07
C ASN B 659 10.11 -47.43 19.72
N GLU B 660 9.19 -47.98 18.92
CA GLU B 660 8.28 -49.02 19.41
C GLU B 660 9.03 -50.27 19.84
N ASP B 661 10.16 -50.56 19.20
CA ASP B 661 10.95 -51.75 19.49
C ASP B 661 11.82 -51.58 20.73
N ASP B 662 11.59 -50.51 21.50
CA ASP B 662 12.32 -50.22 22.74
C ASP B 662 13.81 -50.05 22.49
N CYS B 663 14.16 -49.61 21.28
CA CYS B 663 15.53 -49.36 20.91
C CYS B 663 15.78 -47.86 20.87
N VAL B 664 16.94 -47.44 21.39
CA VAL B 664 17.25 -46.02 21.55
C VAL B 664 17.97 -45.55 20.30
N VAL B 665 17.25 -44.83 19.43
CA VAL B 665 17.78 -44.21 18.23
C VAL B 665 18.28 -42.82 18.57
N ARG B 666 19.42 -42.44 17.99
CA ARG B 666 19.97 -41.10 18.19
C ARG B 666 20.53 -40.58 16.88
N PHE B 667 20.23 -39.33 16.59
CA PHE B 667 20.65 -38.67 15.36
C PHE B 667 20.96 -37.22 15.66
N GLN B 668 21.66 -36.57 14.73
CA GLN B 668 21.92 -35.13 14.79
C GLN B 668 21.60 -34.50 13.44
N TYR B 669 21.28 -33.21 13.44
CA TYR B 669 21.03 -32.49 12.20
C TYR B 669 21.89 -31.23 12.14
N TYR B 670 22.88 -31.26 11.24
CA TYR B 670 23.54 -30.05 10.76
C TYR B 670 22.45 -29.13 10.22
N GLU B 671 22.24 -27.98 10.84
CA GLU B 671 21.22 -27.07 10.36
C GLU B 671 21.70 -26.44 9.05
N ASP B 672 20.94 -25.48 8.54
CA ASP B 672 21.25 -24.91 7.24
C ASP B 672 22.51 -24.06 7.31
N SER B 673 23.65 -24.74 7.47
CA SER B 673 24.94 -24.06 7.55
C SER B 673 25.48 -23.73 6.16
N SER B 674 25.73 -24.78 5.35
CA SER B 674 26.18 -24.62 3.97
C SER B 674 25.12 -25.13 2.99
N GLY B 675 23.86 -25.14 3.40
CA GLY B 675 22.83 -25.82 2.63
C GLY B 675 21.44 -25.79 3.25
N LYS B 676 20.81 -26.95 3.33
CA LYS B 676 19.37 -27.06 3.61
C LYS B 676 19.08 -28.07 4.72
N SER B 677 19.91 -28.09 5.76
CA SER B 677 19.62 -28.81 7.02
C SER B 677 19.50 -30.32 6.80
N ILE B 678 20.62 -30.93 6.38
CA ILE B 678 20.72 -32.40 6.37
C ILE B 678 20.75 -32.93 7.81
N LEU B 679 20.42 -34.21 7.96
CA LEU B 679 20.45 -34.83 9.28
C LEU B 679 21.01 -36.25 9.19
N TYR B 680 22.00 -36.54 10.03
CA TYR B 680 22.67 -37.83 10.05
C TYR B 680 22.08 -38.70 11.16
N VAL B 681 21.87 -39.99 10.84
CA VAL B 681 21.33 -40.95 11.78
C VAL B 681 22.40 -41.98 12.10
N VAL B 682 22.56 -42.29 13.38
CA VAL B 682 23.47 -43.35 13.81
C VAL B 682 22.76 -44.68 13.59
N GLU B 683 23.25 -45.47 12.62
CA GLU B 683 22.76 -46.84 12.50
C GLU B 683 23.16 -47.64 13.74
N GLU B 684 22.62 -48.84 13.82
CA GLU B 684 22.83 -49.68 15.00
C GLU B 684 22.36 -48.98 16.27
N PRO B 685 21.05 -48.77 16.44
CA PRO B 685 20.54 -48.23 17.70
C PRO B 685 20.85 -49.13 18.87
N GLU B 686 20.69 -48.57 20.08
CA GLU B 686 20.94 -49.31 21.30
C GLU B 686 19.70 -50.16 21.60
N CYS B 687 19.80 -51.45 21.39
CA CYS B 687 18.76 -52.39 21.76
C CYS B 687 19.20 -53.24 22.95
N PRO B 688 18.24 -53.83 23.69
CA PRO B 688 18.60 -54.60 24.89
C PRO B 688 19.46 -55.82 24.60
N LYS B 689 19.86 -56.52 25.65
CA LYS B 689 20.77 -57.66 25.55
C LYS B 689 20.01 -58.95 25.26
N GLY B 690 20.69 -59.86 24.56
CA GLY B 690 20.15 -61.18 24.27
C GLY B 690 20.33 -62.15 25.43
N CYS C 1 41.28 -5.96 6.44
CA CYS C 1 41.56 -5.70 5.03
C CYS C 1 40.52 -4.76 4.39
N PRO C 2 41.01 -3.73 3.71
CA PRO C 2 40.08 -2.80 3.04
C PRO C 2 39.60 -3.36 1.71
N ARG C 3 38.33 -3.07 1.41
CA ARG C 3 37.70 -3.51 0.17
C ARG C 3 38.05 -2.52 -0.96
N PRO C 4 38.34 -3.02 -2.17
CA PRO C 4 38.63 -2.11 -3.29
C PRO C 4 37.46 -1.20 -3.62
N ARG C 5 37.79 -0.01 -4.12
CA ARG C 5 36.78 0.99 -4.47
C ARG C 5 36.61 1.07 -5.98
N GLY C 6 35.38 1.40 -6.40
CA GLY C 6 35.07 1.49 -7.81
C GLY C 6 35.06 0.13 -8.49
N ASP C 7 35.29 0.17 -9.80
CA ASP C 7 35.31 -1.05 -10.63
C ASP C 7 36.71 -1.64 -10.67
N ASN C 8 37.22 -2.00 -9.49
CA ASN C 8 38.57 -2.51 -9.36
C ASN C 8 38.56 -3.80 -8.54
N PRO C 9 39.38 -4.78 -8.93
CA PRO C 9 39.53 -5.99 -8.13
C PRO C 9 40.61 -5.80 -7.08
N PRO C 10 40.82 -6.78 -6.19
CA PRO C 10 42.06 -6.81 -5.42
C PRO C 10 43.25 -6.83 -6.37
N LEU C 11 44.39 -6.32 -5.90
CA LEU C 11 45.46 -5.96 -6.81
C LEU C 11 46.03 -7.13 -7.59
N THR C 12 46.78 -8.00 -6.90
CA THR C 12 47.38 -9.24 -7.38
C THR C 12 48.15 -9.79 -6.18
N CYS C 13 48.79 -10.95 -6.32
CA CYS C 13 49.59 -11.45 -5.20
C CYS C 13 50.59 -12.49 -5.70
N LYS C 14 51.86 -12.29 -5.36
CA LYS C 14 52.88 -13.34 -5.38
C LYS C 14 53.33 -13.70 -3.98
N GLN C 15 53.70 -12.69 -3.18
CA GLN C 15 53.87 -12.78 -1.74
C GLN C 15 53.02 -11.68 -1.11
N ASP C 16 53.03 -11.60 0.22
CA ASP C 16 52.30 -10.55 0.93
C ASP C 16 53.00 -9.19 0.88
N SER C 17 54.02 -9.03 0.03
CA SER C 17 54.58 -7.71 -0.24
C SER C 17 53.74 -6.98 -1.30
N ASP C 18 53.26 -7.72 -2.30
CA ASP C 18 52.37 -7.15 -3.31
C ASP C 18 51.09 -6.62 -2.70
N CYS C 19 50.61 -7.24 -1.62
CA CYS C 19 49.43 -6.80 -0.91
C CYS C 19 49.84 -6.05 0.36
N LEU C 20 48.92 -5.23 0.86
CA LEU C 20 49.22 -4.36 2.01
C LEU C 20 47.98 -4.24 2.90
N ALA C 21 48.14 -3.49 4.00
CA ALA C 21 47.06 -3.12 4.92
C ALA C 21 46.45 -4.32 5.64
N GLY C 22 47.24 -5.38 5.83
CA GLY C 22 46.77 -6.51 6.61
C GLY C 22 45.82 -7.44 5.87
N CYS C 23 45.99 -7.58 4.55
CA CYS C 23 45.28 -8.58 3.78
C CYS C 23 46.18 -9.81 3.64
N VAL C 24 45.78 -10.75 2.78
CA VAL C 24 46.47 -12.04 2.67
C VAL C 24 46.93 -12.23 1.22
N CYS C 25 47.50 -13.40 0.93
CA CYS C 25 47.80 -13.84 -0.44
C CYS C 25 46.85 -14.97 -0.82
N GLY C 26 45.86 -14.66 -1.66
CA GLY C 26 44.94 -15.66 -2.12
C GLY C 26 45.61 -16.68 -3.02
N PRO C 27 45.21 -17.96 -2.89
CA PRO C 27 45.71 -18.97 -3.84
C PRO C 27 45.42 -18.63 -5.29
N ASN C 28 44.30 -17.95 -5.56
CA ASN C 28 43.97 -17.52 -6.92
C ASN C 28 44.93 -16.47 -7.45
N GLY C 29 45.64 -15.77 -6.57
CA GLY C 29 46.58 -14.74 -6.97
C GLY C 29 46.10 -13.32 -6.73
N PHE C 30 45.39 -13.11 -5.61
CA PHE C 30 44.81 -11.81 -5.27
C PHE C 30 44.89 -11.60 -3.77
N CYS C 31 44.45 -10.42 -3.34
CA CYS C 31 44.60 -10.03 -1.93
C CYS C 31 43.60 -10.75 -1.03
N GLY C 32 42.31 -10.49 -1.22
CA GLY C 32 41.28 -11.10 -0.39
C GLY C 32 41.31 -10.67 1.07
#